data_8PF5
#
_entry.id   8PF5
#
_cell.length_a   100.960
_cell.length_b   63.311
_cell.length_c   169.112
_cell.angle_alpha   90.00
_cell.angle_beta   98.40
_cell.angle_gamma   90.00
#
_symmetry.space_group_name_H-M   'P 1 21 1'
#
loop_
_entity.id
_entity.type
_entity.pdbx_description
1 polymer 'Trypanothione reductase'
2 polymer 'Trypanothione reductase'
3 polymer 'Trypanothione reductase'
4 non-polymer 'FLAVIN-ADENINE DINUCLEOTIDE'
5 non-polymer 4-[(3,4-dichlorophenyl)methyl]-~{N}-[[5-[2-(4-fluorophenyl)ethylcarbamoyl]furan-2-yl]methyl]-4-(3-phenylpropyl)-1,4$l^{4}-diazinane-1-carboxamide
6 non-polymer DI(HYDROXYETHYL)ETHER
7 non-polymer 'DIMETHYL SULFOXIDE'
8 water water
#
loop_
_entity_poly.entity_id
_entity_poly.type
_entity_poly.pdbx_seq_one_letter_code
_entity_poly.pdbx_strand_id
1 'polypeptide(L)'
;SHMSKAFDLVVIGAGSGGLEAGWNAATLYGKRVAVVDVQTSHGPPFYAALGGTCVNVGCVPKKLMVTGAQYMDHLRESAG
FGWEFDGSSVKANWKKLIAAKNEAVLDINKSYEGMFNDTEGLDFFLGWGSLESKNVVVVRETADPKSAVKERLQADHILL
ATGSWPQMPAIPGIEHCISSNEAFYLPEPPRRVLTVGGGFISVEFAGIFNAYKPPGGKVTLCYRNNLILRGFDETIREEV
TKQLTANGIEIMTNENPAKVSLNTDGSKHVTFESGKTLDVDVVMMAIGRIPRTNDLQLGNVGVKLTPKGGVQVDEFSRTN
VPNIYAIGDITDRLMLTPVAINEGAALVDTVFGNKPRKTDHTRVASAVFSIPPIGTCGLIEEVAAKEFEKVAVYMSSFTP
LMHNISGSKYKKFVAKIVTNHSDGTVLGVHLLGDGAPEIIQAVGVCLRLNAKISDFYNTIGVHPTSAEELCSMRTPSYYY
VKGEKMEKLPDSNLD
;
A
2 'polypeptide(L)'
;SHMSKAFDLVVIGAGSGGLEAGWNAATLYGKRVAVVDVQTSHGPPFYAALGGTCVNVGCVPKKLMVTGAQYMDHLRESAG
FGWEFDGSSVKANWKKLIAAKNEAVLDINKSYEGMFNDTEGLDFFLGWGSLESKNVVVVRETADPKSAVKERLQADHILL
ATGSWPQMPAIPGIEHCISSNEAFYLPEPPRRVLTVGGGFISVEFAGIFNAYKPPGGKVTLCYRNNLILRGFDETIREEV
TKQLTANGIEIMTNENPAKVSLNTDGSKHVTFESGKTLDVDVVMMAIGRIPRTNDLQLGNVGVKLTPKGGVQVDEFSRTN
VPNIYAIGDITDRLMLTPVAINEGAALVDTVFGNKPRKTDHTRVASAVFSIPPIGTCGLIEEVAAKEFEKVAVYMSSFTP
LMHNISGSKYKKFVAKIVTNHSDGTVLGVHLLGDGAPEIIQAVGVCLRLNAKISDFYNTIGVHPTSAEELCSMRTPSYYY
VKGEKMEKLPDSNL
;
B,C
3 'polypeptide(L)'
;GSHMSKAFDLVVIGAGSGGLEAGWNAATLYGKRVAVVDVQTSHGPPFYAALGGTCVNVGCVPKKLMVTGAQYMDHLRESA
GFGWEFDGSSVKANWKKLIAAKNEAVLDINKSYEGMFNDTEGLDFFLGWGSLESKNVVVVRETADPKSAVKERLQADHIL
LATGSWPQMPAIPGIEHCISSNEAFYLPEPPRRVLTVGGGFISVEFAGIFNAYKPPGGKVTLCYRNNLILRGFDETIREE
VTKQLTANGIEIMTNENPAKVSLNTDGSKHVTFESGKTLDVDVVMMAIGRIPRTNDLQLGNVGVKLTPKGGVQVDEFSRT
NVPNIYAIGDITDRLMLTPVAINEGAALVDTVFGNKPRKTDHTRVASAVFSIPPIGTCGLIEEVAAKEFEKVAVYMSSFT
PLMHNISGSKYKKFVAKIVTNHSDGTVLGVHLLGDGAPEIIQAVGVCLRLNAKISDFYNTIGVHPTSAEELCSMRTPSYY
YVKGEKMEKLPDSNL
;
D
#
# COMPACT_ATOMS: atom_id res chain seq x y z
N SER A 4 42.83 55.86 13.10
CA SER A 4 41.86 55.29 12.11
C SER A 4 41.93 53.74 12.07
N LYS A 5 40.97 53.11 11.39
CA LYS A 5 40.70 51.64 11.37
C LYS A 5 40.46 51.20 9.91
N ALA A 6 40.53 49.89 9.61
CA ALA A 6 40.47 49.34 8.22
C ALA A 6 39.28 48.39 8.04
N PHE A 7 38.47 48.61 6.98
CA PHE A 7 37.22 47.88 6.65
C PHE A 7 37.17 47.54 5.17
N ASP A 8 36.55 46.42 4.82
CA ASP A 8 36.21 46.05 3.42
C ASP A 8 35.01 46.86 2.94
N LEU A 9 34.03 47.12 3.81
CA LEU A 9 32.75 47.81 3.47
C LEU A 9 32.43 48.82 4.56
N VAL A 10 32.31 50.09 4.21
CA VAL A 10 31.68 51.10 5.09
C VAL A 10 30.30 51.43 4.48
N VAL A 11 29.31 51.32 5.35
CA VAL A 11 27.87 51.56 5.07
C VAL A 11 27.53 52.85 5.82
N ILE A 12 27.27 53.92 5.09
CA ILE A 12 26.70 55.12 5.74
C ILE A 12 25.18 54.97 5.74
N GLY A 13 24.63 54.74 6.93
CA GLY A 13 23.19 54.59 7.21
C GLY A 13 22.89 53.18 7.70
N ALA A 14 22.46 53.04 8.95
CA ALA A 14 22.09 51.73 9.57
C ALA A 14 20.57 51.53 9.48
N GLY A 15 20.00 51.50 8.27
CA GLY A 15 18.56 51.32 8.03
C GLY A 15 18.30 50.07 7.22
N SER A 16 17.05 49.86 6.85
CA SER A 16 16.58 48.71 6.05
C SER A 16 17.70 48.16 5.14
N GLY A 17 18.16 48.94 4.14
CA GLY A 17 19.06 48.45 3.08
C GLY A 17 20.51 48.32 3.54
N GLY A 18 20.97 49.28 4.36
CA GLY A 18 22.33 49.36 4.91
C GLY A 18 22.62 48.23 5.87
N LEU A 19 21.69 47.94 6.80
CA LEU A 19 21.85 46.81 7.77
C LEU A 19 21.78 45.48 7.03
N GLU A 20 20.92 45.35 6.00
CA GLU A 20 20.85 44.12 5.17
C GLU A 20 22.24 43.89 4.57
N ALA A 21 22.74 44.90 3.85
CA ALA A 21 24.03 44.86 3.13
C ALA A 21 25.15 44.55 4.13
N GLY A 22 25.13 45.25 5.27
CA GLY A 22 26.16 45.12 6.32
C GLY A 22 26.18 43.71 6.89
N TRP A 23 25.00 43.16 7.19
CA TRP A 23 24.83 41.84 7.82
C TRP A 23 25.27 40.74 6.85
N ASN A 24 24.91 40.81 5.55
CA ASN A 24 25.29 39.75 4.57
C ASN A 24 26.80 39.79 4.32
N ALA A 25 27.40 40.98 4.27
CA ALA A 25 28.84 41.17 4.01
C ALA A 25 29.66 40.48 5.11
N ALA A 26 29.30 40.66 6.38
CA ALA A 26 30.00 40.09 7.54
C ALA A 26 29.72 38.58 7.70
N THR A 27 28.46 38.16 7.79
CA THR A 27 28.05 36.79 8.25
C THR A 27 28.08 35.79 7.09
N LEU A 28 27.99 36.24 5.84
CA LEU A 28 27.92 35.35 4.65
C LEU A 28 29.26 35.30 3.90
N TYR A 29 30.00 36.41 3.83
CA TYR A 29 31.23 36.52 3.00
C TYR A 29 32.46 36.75 3.89
N GLY A 30 32.27 36.81 5.21
CA GLY A 30 33.35 37.01 6.21
C GLY A 30 34.06 38.33 6.00
N LYS A 31 33.35 39.34 5.51
CA LYS A 31 33.94 40.68 5.28
C LYS A 31 33.96 41.45 6.60
N ARG A 32 34.84 42.45 6.66
CA ARG A 32 35.02 43.42 7.75
C ARG A 32 34.16 44.64 7.39
N VAL A 33 33.23 45.03 8.25
CA VAL A 33 32.14 45.98 7.90
C VAL A 33 32.02 47.01 9.04
N ALA A 34 32.01 48.29 8.65
CA ALA A 34 31.68 49.43 9.53
C ALA A 34 30.34 50.03 9.02
N VAL A 35 29.41 50.26 9.93
CA VAL A 35 28.08 50.89 9.65
C VAL A 35 27.96 52.15 10.50
N VAL A 36 27.58 53.26 9.87
CA VAL A 36 27.48 54.60 10.51
C VAL A 36 26.00 54.99 10.62
N ASP A 37 25.54 55.31 11.82
CA ASP A 37 24.26 56.03 12.01
C ASP A 37 24.46 57.10 13.09
N VAL A 38 23.55 58.07 13.10
CA VAL A 38 23.62 59.37 13.82
C VAL A 38 22.96 59.27 15.20
N GLN A 39 22.27 58.17 15.50
CA GLN A 39 21.50 58.03 16.78
C GLN A 39 21.36 56.53 17.05
N THR A 40 21.37 56.08 18.32
CA THR A 40 21.34 54.64 18.68
C THR A 40 19.90 54.17 18.87
N SER A 41 18.97 55.10 19.13
CA SER A 41 17.53 54.79 19.30
C SER A 41 16.67 55.93 18.73
N HIS A 42 15.35 55.73 18.71
CA HIS A 42 14.35 56.55 17.96
C HIS A 42 14.12 57.92 18.60
N GLY A 43 13.58 58.88 17.83
CA GLY A 43 12.95 60.11 18.37
C GLY A 43 13.85 61.34 18.25
N PRO A 44 13.39 62.53 18.69
CA PRO A 44 14.18 63.76 18.56
C PRO A 44 15.54 63.58 19.21
N PRO A 45 16.62 64.19 18.68
CA PRO A 45 16.52 65.15 17.57
C PRO A 45 16.48 64.67 16.11
N PHE A 46 16.92 63.46 15.78
CA PHE A 46 17.21 63.07 14.37
C PHE A 46 16.14 62.11 13.86
N TYR A 47 15.30 61.61 14.78
CA TYR A 47 14.11 60.78 14.49
C TYR A 47 14.55 59.39 13.99
N ALA A 48 15.08 59.26 12.76
CA ALA A 48 15.69 58.00 12.31
C ALA A 48 16.87 57.67 13.23
N ALA A 49 17.28 56.41 13.23
CA ALA A 49 18.45 55.88 13.97
C ALA A 49 18.70 54.45 13.50
N LEU A 50 19.66 53.78 14.13
CA LEU A 50 19.75 52.30 14.15
C LEU A 50 18.35 51.71 13.86
N GLY A 51 18.25 51.00 12.75
CA GLY A 51 17.01 50.40 12.22
C GLY A 51 16.60 51.02 10.90
N GLY A 52 16.84 52.32 10.73
CA GLY A 52 16.30 53.08 9.59
C GLY A 52 14.95 53.72 9.91
N THR A 53 14.36 54.38 8.92
CA THR A 53 13.15 55.22 9.07
C THR A 53 11.95 54.32 9.35
N CYS A 54 11.91 53.21 8.65
CA CYS A 54 10.91 52.13 8.81
C CYS A 54 10.75 51.75 10.27
N VAL A 55 11.85 51.38 10.93
CA VAL A 55 11.85 50.80 12.31
C VAL A 55 11.51 51.88 13.34
N ASN A 56 11.93 53.14 13.13
CA ASN A 56 11.91 54.24 14.14
C ASN A 56 10.76 55.22 13.87
N VAL A 57 10.52 55.64 12.63
CA VAL A 57 9.48 56.66 12.35
C VAL A 57 8.83 56.40 10.99
N GLY A 58 8.48 55.15 10.73
CA GLY A 58 7.91 54.68 9.44
C GLY A 58 7.10 53.40 9.62
N CYS A 59 7.30 52.40 8.75
CA CYS A 59 6.37 51.25 8.62
C CYS A 59 5.90 50.82 10.03
N VAL A 60 6.81 50.57 10.94
CA VAL A 60 6.56 49.82 12.21
C VAL A 60 5.67 50.62 13.15
N PRO A 61 6.09 51.82 13.62
CA PRO A 61 5.25 52.59 14.52
C PRO A 61 3.91 52.93 13.86
N LYS A 62 3.92 53.22 12.55
CA LYS A 62 2.68 53.69 11.86
C LYS A 62 1.70 52.51 11.82
N LYS A 63 2.19 51.29 11.53
CA LYS A 63 1.34 50.08 11.58
C LYS A 63 0.75 49.96 12.98
N LEU A 64 1.54 50.14 14.02
CA LEU A 64 1.05 49.93 15.41
C LEU A 64 -0.08 50.93 15.68
N MET A 65 0.12 52.16 15.23
CA MET A 65 -0.80 53.28 15.50
C MET A 65 -2.06 53.12 14.64
N VAL A 66 -1.94 52.63 13.41
CA VAL A 66 -3.14 52.28 12.58
C VAL A 66 -3.91 51.16 13.27
N THR A 67 -3.19 50.19 13.83
CA THR A 67 -3.80 49.07 14.56
C THR A 67 -4.66 49.68 15.66
N GLY A 68 -4.14 50.69 16.39
CA GLY A 68 -4.88 51.38 17.46
C GLY A 68 -6.09 52.11 16.91
N ALA A 69 -5.98 52.75 15.75
CA ALA A 69 -7.06 53.59 15.16
C ALA A 69 -8.21 52.66 14.75
N GLN A 70 -7.87 51.45 14.30
CA GLN A 70 -8.87 50.44 13.83
C GLN A 70 -9.93 50.21 14.92
N TYR A 71 -9.56 50.28 16.20
CA TYR A 71 -10.44 50.00 17.37
C TYR A 71 -11.59 51.02 17.46
N MET A 72 -11.53 52.15 16.76
CA MET A 72 -12.68 53.09 16.63
C MET A 72 -13.77 52.41 15.77
N ASP A 73 -13.40 51.68 14.72
CA ASP A 73 -14.37 50.91 13.90
C ASP A 73 -14.84 49.68 14.68
N HIS A 74 -13.94 48.90 15.23
CA HIS A 74 -14.28 47.64 15.95
C HIS A 74 -15.33 47.94 17.02
N LEU A 75 -15.18 49.02 17.79
CA LEU A 75 -16.05 49.29 18.96
C LEU A 75 -17.46 49.63 18.44
N ARG A 76 -17.59 50.43 17.39
CA ARG A 76 -18.90 50.85 16.82
C ARG A 76 -19.58 49.66 16.14
N GLU A 77 -18.84 48.92 15.32
CA GLU A 77 -19.29 47.76 14.48
C GLU A 77 -19.72 46.56 15.34
N SER A 78 -19.22 46.43 16.58
CA SER A 78 -19.60 45.33 17.51
C SER A 78 -21.09 45.42 17.84
N ALA A 79 -21.68 46.60 17.94
CA ALA A 79 -23.13 46.73 18.26
C ALA A 79 -23.94 45.76 17.39
N GLY A 80 -23.65 45.71 16.08
CA GLY A 80 -24.35 44.90 15.06
C GLY A 80 -24.45 43.43 15.45
N PHE A 81 -23.39 42.87 16.04
CA PHE A 81 -23.27 41.46 16.47
C PHE A 81 -23.67 41.34 17.95
N GLY A 82 -24.30 42.38 18.48
CA GLY A 82 -25.04 42.32 19.76
C GLY A 82 -24.18 42.64 20.96
N TRP A 83 -22.97 43.16 20.75
CA TRP A 83 -22.12 43.67 21.86
C TRP A 83 -22.70 44.99 22.37
N GLU A 84 -22.79 45.12 23.69
CA GLU A 84 -23.46 46.24 24.39
C GLU A 84 -22.53 46.75 25.48
N PHE A 85 -22.32 48.06 25.53
CA PHE A 85 -21.50 48.75 26.54
C PHE A 85 -21.82 50.23 26.44
N ASP A 86 -21.49 51.00 27.47
CA ASP A 86 -21.72 52.48 27.53
C ASP A 86 -20.80 53.13 26.50
N GLY A 87 -21.37 53.49 25.35
CA GLY A 87 -20.66 54.21 24.28
C GLY A 87 -20.05 55.50 24.80
N SER A 88 -20.80 56.22 25.63
CA SER A 88 -20.43 57.56 26.16
C SER A 88 -19.19 57.45 27.07
N SER A 89 -18.82 56.25 27.54
CA SER A 89 -17.60 56.04 28.36
C SER A 89 -16.38 55.77 27.45
N VAL A 90 -16.60 55.57 26.14
CA VAL A 90 -15.52 55.31 25.13
C VAL A 90 -14.64 56.56 25.08
N LYS A 91 -13.35 56.43 25.36
CA LYS A 91 -12.33 57.49 25.26
C LYS A 91 -11.06 56.87 24.63
N ALA A 92 -10.33 57.64 23.81
CA ALA A 92 -9.07 57.21 23.14
C ALA A 92 -7.87 57.91 23.78
N ASN A 93 -7.03 57.17 24.48
CA ASN A 93 -5.83 57.70 25.16
C ASN A 93 -4.61 57.62 24.24
N TRP A 94 -4.30 58.72 23.55
CA TRP A 94 -3.15 58.87 22.63
C TRP A 94 -1.81 58.66 23.38
N LYS A 95 -1.60 59.30 24.53
CA LYS A 95 -0.37 59.15 25.37
C LYS A 95 -0.01 57.67 25.54
N LYS A 96 -0.99 56.84 25.96
CA LYS A 96 -0.83 55.37 26.06
C LYS A 96 -0.37 54.79 24.73
N LEU A 97 -1.05 55.09 23.61
CA LEU A 97 -0.65 54.56 22.26
C LEU A 97 0.85 54.82 22.03
N ILE A 98 1.28 56.07 22.25
CA ILE A 98 2.64 56.59 21.94
C ILE A 98 3.65 55.89 22.82
N ALA A 99 3.37 55.84 24.12
CA ALA A 99 4.23 55.18 25.14
C ALA A 99 4.44 53.71 24.74
N ALA A 100 3.40 53.05 24.22
CA ALA A 100 3.44 51.62 23.85
C ALA A 100 4.19 51.45 22.52
N LYS A 101 3.94 52.35 21.57
CA LYS A 101 4.71 52.41 20.30
C LYS A 101 6.21 52.58 20.63
N ASN A 102 6.53 53.56 21.50
CA ASN A 102 7.91 53.94 21.91
C ASN A 102 8.64 52.75 22.51
N GLU A 103 7.95 51.97 23.34
CA GLU A 103 8.52 50.76 23.98
C GLU A 103 8.77 49.76 22.87
N ALA A 104 7.79 49.48 22.03
CA ALA A 104 7.99 48.56 20.89
C ALA A 104 9.24 49.00 20.08
N VAL A 105 9.40 50.29 19.79
CA VAL A 105 10.51 50.74 18.90
C VAL A 105 11.85 50.62 19.64
N LEU A 106 11.89 50.99 20.93
CA LEU A 106 13.12 50.92 21.76
C LEU A 106 13.62 49.49 21.87
N ASP A 107 12.73 48.52 22.08
CA ASP A 107 13.10 47.09 22.19
C ASP A 107 13.72 46.65 20.85
N ILE A 108 13.26 47.19 19.71
CA ILE A 108 13.89 46.88 18.39
C ILE A 108 15.28 47.51 18.34
N ASN A 109 15.41 48.78 18.74
CA ASN A 109 16.71 49.51 18.71
C ASN A 109 17.76 48.74 19.54
N LYS A 110 17.33 48.26 20.73
CA LYS A 110 18.16 47.47 21.68
C LYS A 110 18.56 46.13 21.07
N SER A 111 17.66 45.48 20.33
CA SER A 111 17.97 44.18 19.69
C SER A 111 18.98 44.39 18.55
N TYR A 112 19.05 45.57 17.92
CA TYR A 112 20.05 45.92 16.88
C TYR A 112 21.40 46.25 17.52
N GLU A 113 21.41 46.94 18.66
CA GLU A 113 22.62 47.04 19.53
C GLU A 113 23.12 45.61 19.74
N GLY A 114 22.27 44.76 20.34
CA GLY A 114 22.56 43.33 20.60
C GLY A 114 23.28 42.70 19.42
N MET A 115 22.72 42.83 18.21
CA MET A 115 23.18 42.17 16.97
C MET A 115 24.62 42.57 16.63
N PHE A 116 24.99 43.85 16.82
CA PHE A 116 26.34 44.42 16.57
C PHE A 116 27.35 43.83 17.58
N ASN A 117 27.02 43.90 18.87
CA ASN A 117 27.86 43.35 19.97
C ASN A 117 28.18 41.86 19.69
N ASP A 118 27.22 41.07 19.19
CA ASP A 118 27.29 39.60 19.06
C ASP A 118 27.75 39.15 17.66
N THR A 119 27.88 40.03 16.69
CA THR A 119 28.17 39.62 15.29
C THR A 119 29.62 39.97 14.97
N GLU A 120 30.40 38.93 14.72
CA GLU A 120 31.83 39.04 14.35
C GLU A 120 31.90 39.82 13.03
N GLY A 121 32.83 40.78 12.91
CA GLY A 121 33.17 41.52 11.66
C GLY A 121 32.17 42.62 11.30
N LEU A 122 31.35 43.05 12.27
CA LEU A 122 30.26 44.05 12.10
C LEU A 122 30.31 45.08 13.23
N ASP A 123 30.66 46.33 12.90
CA ASP A 123 30.98 47.42 13.87
C ASP A 123 30.06 48.61 13.65
N PHE A 124 29.49 49.11 14.75
CA PHE A 124 28.58 50.29 14.75
C PHE A 124 29.38 51.53 15.18
N PHE A 125 29.37 52.57 14.35
CA PHE A 125 29.95 53.91 14.61
C PHE A 125 28.84 54.94 14.64
N LEU A 126 28.81 55.71 15.74
CA LEU A 126 27.83 56.79 16.06
C LEU A 126 28.37 58.13 15.56
N GLY A 127 27.68 58.76 14.60
CA GLY A 127 28.02 60.09 14.08
C GLY A 127 27.58 60.25 12.63
N TRP A 128 28.04 61.32 11.99
CA TRP A 128 27.64 61.68 10.62
C TRP A 128 28.76 61.27 9.66
N GLY A 129 28.46 60.32 8.77
CA GLY A 129 29.31 59.91 7.65
C GLY A 129 29.29 60.91 6.50
N SER A 130 30.42 61.04 5.81
CA SER A 130 30.62 61.85 4.58
C SER A 130 31.87 61.29 3.88
N LEU A 131 31.92 61.42 2.55
CA LEU A 131 33.09 61.02 1.72
C LEU A 131 34.17 62.10 1.85
N GLU A 132 35.41 61.69 2.08
CA GLU A 132 36.62 62.56 2.14
C GLU A 132 37.42 62.39 0.85
N SER A 133 37.69 61.15 0.46
CA SER A 133 38.19 60.77 -0.88
C SER A 133 37.56 59.43 -1.24
N LYS A 134 37.96 58.82 -2.33
CA LYS A 134 37.32 57.61 -2.92
C LYS A 134 37.32 56.44 -1.90
N ASN A 135 38.22 56.42 -0.92
CA ASN A 135 38.46 55.22 -0.05
C ASN A 135 38.40 55.62 1.43
N VAL A 136 37.80 56.75 1.77
CA VAL A 136 37.76 57.22 3.19
C VAL A 136 36.38 57.80 3.51
N VAL A 137 35.74 57.23 4.53
CA VAL A 137 34.50 57.79 5.15
C VAL A 137 34.90 58.47 6.46
N VAL A 138 34.58 59.75 6.58
CA VAL A 138 34.76 60.55 7.82
C VAL A 138 33.43 60.49 8.56
N VAL A 139 33.51 60.25 9.86
CA VAL A 139 32.39 60.35 10.83
C VAL A 139 32.68 61.53 11.75
N ARG A 140 31.78 62.51 11.78
CA ARG A 140 31.91 63.80 12.53
C ARG A 140 30.87 63.87 13.66
N GLU A 141 30.89 64.96 14.44
CA GLU A 141 30.05 65.12 15.65
C GLU A 141 28.61 65.47 15.23
N THR A 142 28.44 66.21 14.13
CA THR A 142 27.15 66.74 13.62
C THR A 142 27.18 66.80 12.09
N ALA A 143 26.09 67.25 11.47
CA ALA A 143 25.90 67.32 10.00
C ALA A 143 26.86 68.32 9.35
N ASP A 144 27.30 69.33 10.12
CA ASP A 144 28.26 70.39 9.71
C ASP A 144 29.59 69.76 9.33
N PRO A 145 30.05 69.88 8.05
CA PRO A 145 31.27 69.21 7.61
C PRO A 145 32.58 69.80 8.19
N LYS A 146 32.49 70.66 9.21
CA LYS A 146 33.63 71.26 9.95
C LYS A 146 33.43 71.06 11.45
N SER A 147 32.76 69.99 11.84
CA SER A 147 32.63 69.57 13.26
C SER A 147 33.73 68.54 13.54
N ALA A 148 33.95 68.19 14.81
CA ALA A 148 35.04 67.32 15.28
C ALA A 148 34.95 65.96 14.57
N VAL A 149 35.98 65.61 13.80
CA VAL A 149 36.26 64.21 13.34
C VAL A 149 36.24 63.29 14.56
N LYS A 150 35.45 62.23 14.52
CA LYS A 150 35.42 61.17 15.56
C LYS A 150 36.23 59.98 15.04
N GLU A 151 36.02 59.62 13.77
CA GLU A 151 36.62 58.43 13.12
C GLU A 151 36.95 58.75 11.66
N ARG A 152 38.08 58.21 11.19
CA ARG A 152 38.44 58.07 9.75
C ARG A 152 38.46 56.58 9.40
N LEU A 153 37.65 56.17 8.42
CA LEU A 153 37.43 54.75 8.05
C LEU A 153 38.00 54.53 6.64
N GLN A 154 39.11 53.80 6.52
CA GLN A 154 39.61 53.36 5.19
C GLN A 154 38.72 52.20 4.72
N ALA A 155 38.24 52.29 3.48
CA ALA A 155 37.20 51.40 2.95
C ALA A 155 37.54 51.03 1.51
N ASP A 156 37.53 49.73 1.19
CA ASP A 156 37.77 49.26 -0.20
C ASP A 156 36.50 49.53 -1.00
N HIS A 157 35.35 49.41 -0.34
CA HIS A 157 34.00 49.69 -0.89
C HIS A 157 33.23 50.58 0.08
N ILE A 158 32.44 51.51 -0.45
CA ILE A 158 31.56 52.41 0.34
C ILE A 158 30.13 52.29 -0.17
N LEU A 159 29.18 52.14 0.76
CA LEU A 159 27.74 52.02 0.46
C LEU A 159 27.02 53.23 1.06
N LEU A 160 26.33 54.00 0.21
CA LEU A 160 25.49 55.14 0.59
C LEU A 160 24.07 54.61 0.82
N ALA A 161 23.55 54.76 2.03
CA ALA A 161 22.22 54.21 2.40
C ALA A 161 21.58 55.11 3.44
N THR A 162 21.58 56.43 3.19
CA THR A 162 21.19 57.50 4.14
C THR A 162 19.67 57.74 4.07
N GLY A 163 19.01 57.08 3.12
CA GLY A 163 17.54 57.10 3.02
C GLY A 163 16.99 58.41 2.48
N SER A 164 15.81 58.81 2.95
CA SER A 164 15.06 60.00 2.47
C SER A 164 14.67 60.86 3.67
N TRP A 165 14.17 62.06 3.37
CA TRP A 165 13.71 63.06 4.36
C TRP A 165 12.40 63.67 3.86
N PRO A 166 11.53 64.17 4.77
CA PRO A 166 10.30 64.84 4.36
C PRO A 166 10.65 66.11 3.55
N GLN A 167 10.02 66.23 2.38
CA GLN A 167 10.02 67.46 1.55
C GLN A 167 9.08 68.46 2.21
N MET A 168 9.60 69.67 2.44
CA MET A 168 8.86 70.79 3.03
C MET A 168 8.87 71.90 1.99
N PRO A 169 7.70 72.37 1.49
CA PRO A 169 7.65 73.36 0.42
C PRO A 169 8.08 74.72 0.97
N ALA A 170 8.59 75.59 0.08
CA ALA A 170 9.16 76.91 0.41
C ALA A 170 8.03 77.94 0.42
N ILE A 171 7.28 77.97 1.51
CA ILE A 171 6.12 78.89 1.66
C ILE A 171 6.27 79.63 2.98
N PRO A 172 5.74 80.86 3.07
CA PRO A 172 5.75 81.59 4.33
C PRO A 172 5.09 80.77 5.45
N GLY A 173 5.77 80.68 6.59
CA GLY A 173 5.33 80.00 7.82
C GLY A 173 5.46 78.48 7.74
N ILE A 174 6.31 77.95 6.85
CA ILE A 174 6.60 76.50 6.75
C ILE A 174 7.20 76.03 8.07
N GLU A 175 7.85 76.91 8.83
CA GLU A 175 8.41 76.54 10.16
C GLU A 175 7.27 76.12 11.11
N HIS A 176 6.03 76.62 10.95
CA HIS A 176 4.91 76.33 11.89
C HIS A 176 4.23 74.99 11.58
N CYS A 177 4.73 74.29 10.55
CA CYS A 177 4.30 72.96 10.08
C CYS A 177 5.23 71.85 10.61
N ILE A 178 4.68 70.64 10.82
CA ILE A 178 5.43 69.40 11.15
C ILE A 178 5.42 68.47 9.94
N SER A 179 6.26 67.44 10.01
CA SER A 179 6.27 66.24 9.13
C SER A 179 5.77 65.03 9.93
N SER A 180 5.77 63.85 9.32
CA SER A 180 5.49 62.54 9.96
C SER A 180 6.48 62.28 11.11
N ASN A 181 7.69 62.83 11.08
CA ASN A 181 8.67 62.58 12.19
C ASN A 181 8.09 63.10 13.49
N GLU A 182 7.54 64.30 13.49
CA GLU A 182 7.09 64.94 14.74
C GLU A 182 5.72 64.39 15.15
N ALA A 183 4.93 63.89 14.19
CA ALA A 183 3.58 63.32 14.40
C ALA A 183 3.67 62.15 15.39
N PHE A 184 4.72 61.38 15.26
CA PHE A 184 5.03 60.19 16.09
C PHE A 184 5.25 60.60 17.54
N TYR A 185 5.49 61.88 17.84
CA TYR A 185 5.90 62.31 19.21
C TYR A 185 5.00 63.41 19.73
N LEU A 186 3.90 63.72 19.05
CA LEU A 186 2.94 64.73 19.55
C LEU A 186 2.61 64.35 20.97
N PRO A 187 2.67 65.29 21.93
CA PRO A 187 2.29 64.97 23.31
C PRO A 187 0.78 64.75 23.41
N GLU A 188 -0.01 65.44 22.59
CA GLU A 188 -1.50 65.39 22.68
C GLU A 188 -2.07 65.13 21.29
N PRO A 189 -3.19 64.37 21.19
CA PRO A 189 -3.84 64.13 19.90
C PRO A 189 -4.43 65.43 19.40
N PRO A 190 -4.03 65.92 18.20
CA PRO A 190 -4.52 67.20 17.71
C PRO A 190 -6.04 67.18 17.55
N ARG A 191 -6.72 68.25 17.94
CA ARG A 191 -8.20 68.36 17.89
C ARG A 191 -8.62 68.63 16.43
N ARG A 192 -8.03 69.64 15.80
CA ARG A 192 -8.15 69.86 14.33
C ARG A 192 -6.75 69.66 13.75
N VAL A 193 -6.62 68.89 12.66
CA VAL A 193 -5.32 68.67 11.97
C VAL A 193 -5.52 68.71 10.46
N LEU A 194 -4.52 69.24 9.74
CA LEU A 194 -4.46 69.28 8.26
C LEU A 194 -3.24 68.45 7.86
N THR A 195 -3.50 67.28 7.29
CA THR A 195 -2.47 66.47 6.59
C THR A 195 -2.51 66.96 5.15
N VAL A 196 -1.35 67.33 4.62
CA VAL A 196 -1.21 67.95 3.27
C VAL A 196 -0.46 66.94 2.41
N GLY A 197 -1.09 66.50 1.31
CA GLY A 197 -0.57 65.44 0.44
C GLY A 197 -1.60 64.34 0.22
N GLY A 198 -1.59 63.75 -0.99
CA GLY A 198 -2.48 62.67 -1.42
C GLY A 198 -1.87 61.30 -1.28
N GLY A 199 -0.55 61.21 -1.01
CA GLY A 199 0.19 59.95 -0.87
C GLY A 199 -0.15 59.19 0.41
N PHE A 200 0.50 58.04 0.61
CA PHE A 200 0.07 57.01 1.59
C PHE A 200 0.31 57.52 3.01
N ILE A 201 1.32 58.35 3.21
CA ILE A 201 1.61 58.89 4.56
C ILE A 201 0.51 59.87 4.99
N SER A 202 0.01 60.72 4.10
CA SER A 202 -1.05 61.69 4.46
C SER A 202 -2.31 60.92 4.84
N VAL A 203 -2.70 59.97 3.98
CA VAL A 203 -3.90 59.13 4.15
C VAL A 203 -3.75 58.33 5.44
N GLU A 204 -2.61 57.71 5.67
CA GLU A 204 -2.45 56.83 6.86
C GLU A 204 -2.71 57.69 8.09
N PHE A 205 -1.94 58.76 8.26
CA PHE A 205 -2.03 59.66 9.43
C PHE A 205 -3.45 60.23 9.57
N ALA A 206 -4.10 60.58 8.45
CA ALA A 206 -5.47 61.10 8.48
C ALA A 206 -6.31 60.10 9.26
N GLY A 207 -6.20 58.82 8.91
CA GLY A 207 -6.89 57.70 9.59
C GLY A 207 -6.52 57.67 11.06
N ILE A 208 -5.21 57.72 11.37
CA ILE A 208 -4.73 57.66 12.78
C ILE A 208 -5.40 58.77 13.60
N PHE A 209 -5.26 60.05 13.22
CA PHE A 209 -5.73 61.23 13.99
C PHE A 209 -7.24 61.20 14.15
N ASN A 210 -7.94 60.73 13.11
CA ASN A 210 -9.43 60.68 13.06
C ASN A 210 -9.93 59.85 14.25
N ALA A 211 -9.16 58.83 14.63
CA ALA A 211 -9.60 57.86 15.65
C ALA A 211 -9.31 58.42 17.05
N TYR A 212 -8.16 59.08 17.19
CA TYR A 212 -7.58 59.50 18.49
C TYR A 212 -7.94 60.98 18.74
N LYS A 213 -8.63 61.65 17.82
CA LYS A 213 -8.98 63.07 17.96
C LYS A 213 -9.86 63.25 19.19
N PRO A 214 -9.63 64.29 20.02
CA PRO A 214 -10.48 64.55 21.18
C PRO A 214 -11.90 64.88 20.74
N PRO A 215 -12.84 65.00 21.69
CA PRO A 215 -14.28 65.07 21.41
C PRO A 215 -14.72 65.76 20.11
N GLY A 216 -14.75 67.08 20.02
CA GLY A 216 -15.38 67.73 18.86
C GLY A 216 -14.42 68.00 17.71
N GLY A 217 -13.36 67.20 17.55
CA GLY A 217 -12.24 67.47 16.62
C GLY A 217 -12.60 67.21 15.17
N LYS A 218 -11.64 67.36 14.26
CA LYS A 218 -11.90 67.25 12.80
C LYS A 218 -10.58 67.10 12.06
N VAL A 219 -10.44 66.04 11.28
CA VAL A 219 -9.25 65.80 10.41
C VAL A 219 -9.58 66.23 8.99
N THR A 220 -8.82 67.20 8.44
CA THR A 220 -8.85 67.61 7.01
C THR A 220 -7.56 67.10 6.34
N LEU A 221 -7.69 66.56 5.14
CA LEU A 221 -6.59 66.21 4.23
C LEU A 221 -6.79 66.98 2.92
N CYS A 222 -5.74 67.65 2.47
CA CYS A 222 -5.77 68.45 1.23
C CYS A 222 -4.73 67.91 0.26
N TYR A 223 -5.05 67.94 -1.02
CA TYR A 223 -4.20 67.46 -2.13
C TYR A 223 -4.30 68.50 -3.23
N ARG A 224 -3.20 68.85 -3.89
CA ARG A 224 -3.18 69.95 -4.88
C ARG A 224 -3.97 69.55 -6.13
N ASN A 225 -4.01 68.27 -6.53
CA ASN A 225 -4.70 67.82 -7.79
C ASN A 225 -6.09 67.26 -7.41
N ASN A 226 -6.84 66.64 -8.35
CA ASN A 226 -8.32 66.42 -8.19
C ASN A 226 -8.64 65.09 -7.46
N LEU A 227 -7.65 64.18 -7.32
CA LEU A 227 -7.87 62.81 -6.78
C LEU A 227 -6.63 62.32 -6.01
N ILE A 228 -6.82 61.81 -4.80
CA ILE A 228 -5.68 61.40 -3.94
C ILE A 228 -5.03 60.13 -4.50
N LEU A 229 -3.82 59.84 -4.05
CA LEU A 229 -3.11 58.55 -4.26
C LEU A 229 -2.85 58.30 -5.76
N ARG A 230 -2.22 59.27 -6.46
CA ARG A 230 -1.66 59.04 -7.82
C ARG A 230 -0.84 57.75 -7.80
N GLY A 231 -1.03 56.88 -8.79
CA GLY A 231 -0.20 55.68 -9.02
C GLY A 231 -0.93 54.41 -8.63
N PHE A 232 -2.00 54.55 -7.84
CA PHE A 232 -2.87 53.42 -7.40
C PHE A 232 -4.04 53.35 -8.37
N ASP A 233 -4.68 52.18 -8.45
CA ASP A 233 -5.86 51.95 -9.31
C ASP A 233 -6.85 53.12 -9.12
N GLU A 234 -7.48 53.58 -10.20
CA GLU A 234 -8.35 54.78 -10.15
C GLU A 234 -9.63 54.47 -9.38
N THR A 235 -10.17 53.27 -9.47
CA THR A 235 -11.42 52.87 -8.76
C THR A 235 -11.16 52.94 -7.25
N ILE A 236 -10.07 52.31 -6.84
CA ILE A 236 -9.59 52.25 -5.44
C ILE A 236 -9.42 53.68 -4.95
N ARG A 237 -8.78 54.54 -5.76
CA ARG A 237 -8.55 55.96 -5.38
C ARG A 237 -9.89 56.66 -5.13
N GLU A 238 -10.87 56.46 -6.02
CA GLU A 238 -12.23 57.05 -5.88
C GLU A 238 -12.88 56.48 -4.61
N GLU A 239 -12.76 55.17 -4.38
CA GLU A 239 -13.52 54.46 -3.31
C GLU A 239 -12.95 54.83 -1.93
N VAL A 240 -11.63 54.81 -1.74
CA VAL A 240 -11.02 55.13 -0.41
C VAL A 240 -11.34 56.60 -0.08
N THR A 241 -11.38 57.50 -1.08
CA THR A 241 -11.88 58.89 -0.92
C THR A 241 -13.27 58.83 -0.28
N LYS A 242 -14.22 58.12 -0.91
CA LYS A 242 -15.61 57.98 -0.44
C LYS A 242 -15.57 57.52 1.03
N GLN A 243 -14.66 56.61 1.35
CA GLN A 243 -14.74 55.83 2.62
C GLN A 243 -14.05 56.61 3.74
N LEU A 244 -13.10 57.49 3.40
CA LEU A 244 -12.49 58.44 4.38
C LEU A 244 -13.58 59.48 4.73
N THR A 245 -14.27 60.03 3.73
CA THR A 245 -15.39 61.00 3.95
C THR A 245 -16.41 60.36 4.90
N ALA A 246 -16.77 59.10 4.62
CA ALA A 246 -17.81 58.35 5.35
C ALA A 246 -17.46 58.25 6.84
N ASN A 247 -16.17 58.18 7.15
CA ASN A 247 -15.64 58.04 8.53
C ASN A 247 -15.32 59.42 9.12
N GLY A 248 -15.62 60.51 8.41
CA GLY A 248 -15.66 61.86 8.99
C GLY A 248 -14.43 62.71 8.68
N ILE A 249 -13.60 62.28 7.72
CA ILE A 249 -12.39 63.00 7.24
C ILE A 249 -12.83 63.84 6.04
N GLU A 250 -12.66 65.14 6.10
CA GLU A 250 -12.84 66.14 5.02
C GLU A 250 -11.64 66.07 4.06
N ILE A 251 -11.88 65.73 2.79
CA ILE A 251 -10.85 65.74 1.73
C ILE A 251 -11.05 67.00 0.90
N MET A 252 -10.10 67.93 0.98
CA MET A 252 -10.00 69.09 0.07
C MET A 252 -9.10 68.73 -1.13
N THR A 253 -9.70 68.45 -2.27
CA THR A 253 -9.00 68.32 -3.56
C THR A 253 -8.87 69.69 -4.24
N ASN A 254 -7.81 69.86 -5.03
CA ASN A 254 -7.44 71.08 -5.79
C ASN A 254 -7.18 72.23 -4.81
N GLU A 255 -6.76 71.92 -3.57
CA GLU A 255 -6.35 72.93 -2.56
C GLU A 255 -4.89 72.68 -2.16
N ASN A 256 -4.12 73.76 -2.05
CA ASN A 256 -2.69 73.71 -1.65
C ASN A 256 -2.41 74.90 -0.76
N PRO A 257 -1.83 74.67 0.44
CA PRO A 257 -1.40 75.74 1.33
C PRO A 257 -0.48 76.75 0.62
N ALA A 258 -0.79 78.05 0.78
CA ALA A 258 0.04 79.16 0.29
C ALA A 258 0.88 79.73 1.44
N LYS A 259 0.32 79.76 2.64
CA LYS A 259 1.09 80.14 3.84
C LYS A 259 0.40 79.64 5.10
N VAL A 260 1.16 79.69 6.19
CA VAL A 260 0.74 79.31 7.57
C VAL A 260 1.31 80.38 8.50
N SER A 261 0.48 80.87 9.43
CA SER A 261 0.88 81.80 10.51
C SER A 261 0.40 81.28 11.87
N LEU A 262 0.99 81.78 12.95
CA LEU A 262 0.66 81.50 14.37
C LEU A 262 -0.63 82.25 14.75
N ASN A 263 -1.58 81.59 15.41
CA ASN A 263 -2.73 82.24 16.09
C ASN A 263 -2.34 82.47 17.57
N THR A 264 -3.01 83.40 18.24
CA THR A 264 -2.72 83.82 19.64
C THR A 264 -2.80 82.61 20.59
N ASP A 265 -3.70 81.67 20.31
CA ASP A 265 -3.94 80.43 21.10
C ASP A 265 -2.94 79.31 20.73
N GLY A 266 -1.97 79.55 19.85
CA GLY A 266 -0.98 78.53 19.45
C GLY A 266 -1.44 77.63 18.32
N SER A 267 -2.67 77.79 17.85
CA SER A 267 -3.18 77.10 16.64
C SER A 267 -2.53 77.71 15.38
N LYS A 268 -2.73 77.12 14.21
CA LYS A 268 -2.14 77.61 12.94
C LYS A 268 -3.26 78.07 12.00
N HIS A 269 -3.12 79.23 11.37
CA HIS A 269 -4.06 79.76 10.35
C HIS A 269 -3.46 79.46 8.98
N VAL A 270 -4.07 78.54 8.24
CA VAL A 270 -3.62 78.13 6.87
C VAL A 270 -4.43 78.91 5.84
N THR A 271 -3.73 79.56 4.90
CA THR A 271 -4.32 80.18 3.70
C THR A 271 -3.91 79.34 2.49
N PHE A 272 -4.89 78.92 1.69
CA PHE A 272 -4.67 78.11 0.46
C PHE A 272 -4.51 79.09 -0.70
N GLU A 273 -3.99 78.61 -1.83
CA GLU A 273 -3.79 79.35 -3.09
C GLU A 273 -5.12 79.94 -3.55
N SER A 274 -6.22 79.24 -3.28
CA SER A 274 -7.61 79.65 -3.64
C SER A 274 -8.04 80.81 -2.75
N GLY A 275 -7.40 81.04 -1.61
CA GLY A 275 -7.84 82.05 -0.62
C GLY A 275 -8.79 81.48 0.42
N LYS A 276 -9.21 80.21 0.30
CA LYS A 276 -9.80 79.49 1.45
C LYS A 276 -8.83 79.60 2.63
N THR A 277 -9.38 79.58 3.85
CA THR A 277 -8.60 79.58 5.11
C THR A 277 -9.13 78.48 6.05
N LEU A 278 -8.27 77.96 6.92
CA LEU A 278 -8.64 76.90 7.89
C LEU A 278 -7.75 77.04 9.13
N ASP A 279 -8.36 77.09 10.31
CA ASP A 279 -7.67 77.10 11.62
C ASP A 279 -7.59 75.66 12.16
N VAL A 280 -6.37 75.20 12.44
CA VAL A 280 -6.06 73.80 12.86
C VAL A 280 -5.03 73.83 13.98
N ASP A 281 -4.97 72.79 14.81
CA ASP A 281 -3.96 72.70 15.90
C ASP A 281 -2.61 72.30 15.28
N VAL A 282 -2.65 71.50 14.21
CA VAL A 282 -1.44 70.94 13.54
C VAL A 282 -1.71 70.90 12.04
N VAL A 283 -0.65 71.20 11.30
CA VAL A 283 -0.49 71.10 9.83
C VAL A 283 0.67 70.13 9.61
N MET A 284 0.37 68.88 9.24
CA MET A 284 1.39 67.85 8.92
C MET A 284 1.60 67.81 7.41
N MET A 285 2.79 68.19 6.99
CA MET A 285 3.24 68.17 5.58
C MET A 285 3.68 66.76 5.22
N ALA A 286 3.13 66.22 4.14
CA ALA A 286 3.41 64.87 3.62
C ALA A 286 3.20 64.88 2.13
N ILE A 287 3.85 65.83 1.47
CA ILE A 287 3.74 66.11 0.01
C ILE A 287 4.79 65.31 -0.76
N GLY A 288 5.73 64.63 -0.08
CA GLY A 288 6.81 63.88 -0.75
C GLY A 288 7.95 63.54 0.20
N ARG A 289 8.90 62.69 -0.23
CA ARG A 289 10.16 62.44 0.52
C ARG A 289 11.32 62.55 -0.45
N ILE A 290 12.46 63.11 -0.03
CA ILE A 290 13.58 63.37 -0.96
C ILE A 290 14.86 62.69 -0.46
N PRO A 291 15.71 62.24 -1.39
CA PRO A 291 16.96 61.57 -1.02
C PRO A 291 17.75 62.41 -0.02
N ARG A 292 18.24 61.79 1.04
CA ARG A 292 19.10 62.47 2.04
C ARG A 292 20.55 62.47 1.55
N THR A 293 20.98 63.48 0.76
CA THR A 293 22.27 63.48 -0.02
C THR A 293 23.20 64.64 0.38
N ASN A 294 22.74 65.62 1.18
CA ASN A 294 23.48 66.89 1.47
C ASN A 294 24.74 66.63 2.29
N ASP A 295 24.61 65.85 3.36
CA ASP A 295 25.63 65.75 4.44
C ASP A 295 26.76 64.82 4.00
N LEU A 296 26.60 64.09 2.90
CA LEU A 296 27.57 63.05 2.44
C LEU A 296 28.83 63.71 1.86
N GLN A 297 28.73 64.95 1.37
CA GLN A 297 29.83 65.70 0.70
C GLN A 297 30.18 65.00 -0.61
N LEU A 298 29.17 64.66 -1.41
CA LEU A 298 29.33 63.82 -2.65
C LEU A 298 30.24 64.52 -3.65
N GLY A 299 30.33 65.86 -3.57
CA GLY A 299 31.25 66.70 -4.36
C GLY A 299 32.71 66.36 -4.15
N ASN A 300 33.13 65.98 -2.93
CA ASN A 300 34.53 65.59 -2.59
C ASN A 300 35.02 64.47 -3.51
N VAL A 301 34.11 63.78 -4.21
CA VAL A 301 34.45 62.63 -5.11
C VAL A 301 33.74 62.77 -6.48
N GLY A 302 32.60 63.46 -6.55
CA GLY A 302 31.83 63.66 -7.79
C GLY A 302 30.95 62.45 -8.11
N VAL A 303 30.22 61.95 -7.12
CA VAL A 303 29.07 61.03 -7.33
C VAL A 303 27.97 61.81 -8.06
N LYS A 304 27.63 61.43 -9.30
CA LYS A 304 26.57 62.07 -10.13
C LYS A 304 25.21 61.88 -9.47
N LEU A 305 24.46 62.97 -9.30
CA LEU A 305 23.04 62.99 -8.85
C LEU A 305 22.11 63.03 -10.08
N THR A 306 20.87 62.54 -9.95
CA THR A 306 19.80 62.73 -10.96
C THR A 306 19.24 64.14 -10.81
N PRO A 307 18.58 64.72 -11.83
CA PRO A 307 17.85 65.99 -11.66
C PRO A 307 16.93 65.98 -10.42
N LYS A 308 16.27 64.85 -10.20
CA LYS A 308 15.32 64.59 -9.07
C LYS A 308 16.03 64.70 -7.70
N GLY A 309 17.37 64.59 -7.64
CA GLY A 309 18.16 64.79 -6.40
C GLY A 309 18.80 63.50 -5.92
N GLY A 310 18.37 62.36 -6.46
CA GLY A 310 18.78 61.02 -6.04
C GLY A 310 20.10 60.64 -6.69
N VAL A 311 20.90 59.82 -5.98
CA VAL A 311 22.22 59.34 -6.46
C VAL A 311 22.00 58.40 -7.65
N GLN A 312 22.63 58.73 -8.77
CA GLN A 312 22.54 57.92 -10.00
C GLN A 312 23.19 56.58 -9.73
N VAL A 313 22.56 55.50 -10.18
CA VAL A 313 23.11 54.12 -10.14
C VAL A 313 22.72 53.40 -11.44
N ASP A 314 23.55 52.45 -11.87
CA ASP A 314 23.16 51.40 -12.84
C ASP A 314 22.23 50.40 -12.11
N GLU A 315 21.78 49.35 -12.81
CA GLU A 315 20.86 48.29 -12.32
C GLU A 315 21.49 47.49 -11.16
N PHE A 316 22.81 47.62 -10.93
CA PHE A 316 23.58 46.89 -9.90
C PHE A 316 23.92 47.81 -8.72
N SER A 317 23.21 48.95 -8.61
CA SER A 317 23.39 49.96 -7.55
C SER A 317 24.82 50.54 -7.53
N ARG A 318 25.56 50.45 -8.63
CA ARG A 318 26.90 51.09 -8.78
C ARG A 318 26.72 52.55 -9.19
N THR A 319 27.43 53.47 -8.54
CA THR A 319 27.57 54.89 -8.99
C THR A 319 28.69 54.98 -10.03
N ASN A 320 28.87 56.20 -10.57
CA ASN A 320 29.90 56.59 -11.57
C ASN A 320 31.32 56.43 -10.98
N VAL A 321 31.49 56.59 -9.67
CA VAL A 321 32.80 56.36 -8.99
C VAL A 321 32.93 54.86 -8.72
N PRO A 322 34.04 54.21 -9.16
CA PRO A 322 34.15 52.75 -9.18
C PRO A 322 33.72 51.92 -7.94
N ASN A 323 34.16 52.26 -6.73
CA ASN A 323 33.90 51.39 -5.54
C ASN A 323 32.79 52.01 -4.64
N ILE A 324 31.98 52.93 -5.17
CA ILE A 324 30.91 53.62 -4.40
C ILE A 324 29.54 53.22 -4.96
N TYR A 325 28.69 52.71 -4.07
CA TYR A 325 27.35 52.17 -4.39
C TYR A 325 26.27 52.93 -3.59
N ALA A 326 25.04 52.86 -4.06
CA ALA A 326 23.86 53.51 -3.43
C ALA A 326 22.65 52.58 -3.54
N ILE A 327 21.99 52.31 -2.43
CA ILE A 327 20.71 51.53 -2.39
C ILE A 327 19.64 52.33 -1.65
N GLY A 328 18.38 51.89 -1.74
CA GLY A 328 17.25 52.41 -0.96
C GLY A 328 16.92 53.83 -1.35
N ASP A 329 16.18 54.55 -0.49
CA ASP A 329 15.47 55.82 -0.79
C ASP A 329 16.41 56.80 -1.50
N ILE A 330 17.71 56.78 -1.18
CA ILE A 330 18.70 57.78 -1.69
C ILE A 330 18.78 57.71 -3.21
N THR A 331 18.32 56.62 -3.83
CA THR A 331 18.36 56.41 -5.31
C THR A 331 17.04 56.83 -5.95
N ASP A 332 16.03 57.15 -5.13
CA ASP A 332 14.71 57.66 -5.56
C ASP A 332 14.07 56.70 -6.56
N ARG A 333 14.16 55.37 -6.35
CA ARG A 333 13.44 54.34 -7.15
C ARG A 333 12.08 54.05 -6.48
N LEU A 334 11.89 52.87 -5.87
CA LEU A 334 10.71 52.60 -5.01
C LEU A 334 11.12 52.77 -3.53
N MET A 335 10.40 53.63 -2.81
CA MET A 335 10.69 53.95 -1.40
C MET A 335 9.84 53.04 -0.52
N LEU A 336 10.26 51.78 -0.50
CA LEU A 336 9.73 50.68 0.34
C LEU A 336 10.94 50.00 0.99
N THR A 337 10.74 49.53 2.22
CA THR A 337 11.77 48.82 3.02
C THR A 337 12.27 47.57 2.28
N PRO A 338 11.38 46.67 1.80
CA PRO A 338 11.82 45.39 1.24
C PRO A 338 12.57 45.53 -0.10
N VAL A 339 12.26 46.60 -0.82
CA VAL A 339 13.04 46.99 -2.04
C VAL A 339 14.46 47.34 -1.60
N ALA A 340 14.62 48.15 -0.56
CA ALA A 340 15.97 48.53 -0.04
C ALA A 340 16.69 47.29 0.50
N ILE A 341 16.00 46.43 1.24
CA ILE A 341 16.63 45.20 1.81
C ILE A 341 17.15 44.40 0.60
N ASN A 342 16.32 44.26 -0.43
CA ASN A 342 16.58 43.40 -1.62
C ASN A 342 17.76 43.95 -2.43
N GLU A 343 17.97 45.29 -2.46
CA GLU A 343 19.13 45.96 -3.13
C GLU A 343 20.42 45.70 -2.33
N GLY A 344 20.40 45.95 -1.02
CA GLY A 344 21.52 45.62 -0.13
C GLY A 344 21.99 44.20 -0.35
N ALA A 345 21.08 43.22 -0.24
CA ALA A 345 21.44 41.79 -0.41
C ALA A 345 22.10 41.63 -1.79
N ALA A 346 21.47 42.21 -2.82
CA ALA A 346 21.82 42.03 -4.24
C ALA A 346 23.19 42.64 -4.51
N LEU A 347 23.45 43.84 -4.00
CA LEU A 347 24.75 44.55 -4.12
C LEU A 347 25.87 43.69 -3.55
N VAL A 348 25.65 43.14 -2.35
CA VAL A 348 26.69 42.44 -1.54
C VAL A 348 27.04 41.11 -2.22
N ASP A 349 26.07 40.41 -2.82
CA ASP A 349 26.30 39.18 -3.63
C ASP A 349 27.15 39.55 -4.86
N THR A 350 26.83 40.69 -5.50
CA THR A 350 27.53 41.15 -6.73
C THR A 350 29.00 41.43 -6.43
N VAL A 351 29.28 42.15 -5.35
CA VAL A 351 30.62 42.68 -5.02
C VAL A 351 31.50 41.63 -4.30
N PHE A 352 30.92 40.75 -3.48
CA PHE A 352 31.71 39.85 -2.61
C PHE A 352 31.28 38.39 -2.77
N GLY A 353 30.56 38.05 -3.85
CA GLY A 353 29.98 36.70 -4.04
C GLY A 353 30.07 36.18 -5.46
N ASN A 354 30.63 36.97 -6.38
CA ASN A 354 30.71 36.66 -7.84
C ASN A 354 29.47 35.87 -8.31
N LYS A 355 28.28 36.30 -7.87
CA LYS A 355 26.98 35.95 -8.50
C LYS A 355 26.22 37.26 -8.70
N PRO A 356 26.52 38.03 -9.78
CA PRO A 356 25.94 39.36 -9.95
C PRO A 356 24.40 39.29 -10.00
N ARG A 357 23.72 39.88 -9.01
CA ARG A 357 22.23 39.91 -9.01
C ARG A 357 21.77 41.36 -9.00
N LYS A 358 20.76 41.67 -9.81
CA LYS A 358 20.08 42.98 -9.83
C LYS A 358 18.71 42.80 -9.17
N THR A 359 18.18 43.83 -8.53
CA THR A 359 16.83 43.84 -7.91
C THR A 359 15.78 44.15 -8.98
N ASP A 360 14.73 43.34 -9.06
CA ASP A 360 13.59 43.57 -9.99
C ASP A 360 12.62 44.55 -9.32
N HIS A 361 12.34 45.70 -9.94
CA HIS A 361 11.49 46.83 -9.45
C HIS A 361 10.09 46.77 -10.11
N THR A 362 9.78 45.66 -10.78
CA THR A 362 8.49 45.41 -11.45
C THR A 362 7.75 44.40 -10.58
N ARG A 363 6.45 44.60 -10.43
CA ARG A 363 5.56 43.62 -9.76
C ARG A 363 6.05 43.46 -8.31
N VAL A 364 6.46 44.57 -7.69
CA VAL A 364 6.59 44.66 -6.21
C VAL A 364 5.19 44.92 -5.63
N ALA A 365 4.74 44.06 -4.71
CA ALA A 365 3.52 44.29 -3.91
C ALA A 365 3.80 45.36 -2.87
N SER A 366 2.81 46.24 -2.66
CA SER A 366 2.83 47.37 -1.69
C SER A 366 1.45 47.49 -1.04
N ALA A 367 1.38 48.20 0.09
CA ALA A 367 0.16 48.38 0.91
C ALA A 367 0.05 49.84 1.35
N VAL A 368 -1.18 50.35 1.36
CA VAL A 368 -1.56 51.59 2.09
C VAL A 368 -2.43 51.15 3.25
N PHE A 369 -2.06 51.52 4.48
CA PHE A 369 -2.77 51.17 5.73
C PHE A 369 -3.80 52.26 6.04
N SER A 370 -4.61 52.57 5.03
CA SER A 370 -5.85 53.36 5.19
C SER A 370 -6.83 52.49 5.96
N ILE A 371 -7.89 53.10 6.48
CA ILE A 371 -9.07 52.35 7.00
C ILE A 371 -10.20 52.67 6.01
N PRO A 372 -10.54 51.71 5.09
CA PRO A 372 -9.95 50.37 5.07
C PRO A 372 -8.69 50.33 4.18
N PRO A 373 -7.87 49.26 4.23
CA PRO A 373 -6.59 49.24 3.53
C PRO A 373 -6.57 48.80 2.06
N ILE A 374 -5.58 49.29 1.33
CA ILE A 374 -5.23 48.93 -0.08
C ILE A 374 -4.12 47.87 -0.09
N GLY A 375 -4.16 46.99 -1.09
CA GLY A 375 -3.08 46.04 -1.41
C GLY A 375 -2.99 45.93 -2.91
N THR A 376 -1.78 46.01 -3.45
CA THR A 376 -1.56 46.18 -4.91
C THR A 376 -0.26 45.52 -5.33
N CYS A 377 -0.27 44.92 -6.50
CA CYS A 377 0.94 44.42 -7.19
C CYS A 377 0.79 44.61 -8.69
N GLY A 378 1.77 45.25 -9.33
CA GLY A 378 1.90 45.36 -10.79
C GLY A 378 1.16 46.56 -11.34
N LEU A 379 0.72 46.49 -12.60
CA LEU A 379 0.34 47.69 -13.40
C LEU A 379 -1.09 48.13 -13.04
N ILE A 380 -1.32 49.42 -12.90
CA ILE A 380 -2.70 49.97 -13.03
C ILE A 380 -3.04 49.94 -14.52
N GLU A 381 -4.32 49.86 -14.84
CA GLU A 381 -4.78 49.62 -16.24
C GLU A 381 -4.28 50.72 -17.17
N GLU A 382 -4.22 51.98 -16.71
CA GLU A 382 -3.79 53.15 -17.52
C GLU A 382 -2.35 52.93 -18.01
N VAL A 383 -1.42 52.59 -17.10
CA VAL A 383 0.00 52.34 -17.46
C VAL A 383 0.02 51.17 -18.44
N ALA A 384 -0.77 50.13 -18.19
CA ALA A 384 -0.78 48.87 -18.97
C ALA A 384 -1.29 49.14 -20.39
N ALA A 385 -2.29 50.00 -20.55
CA ALA A 385 -2.88 50.40 -21.86
C ALA A 385 -1.82 51.09 -22.73
N LYS A 386 -0.80 51.71 -22.14
CA LYS A 386 0.28 52.41 -22.86
C LYS A 386 1.35 51.40 -23.33
N GLU A 387 1.28 50.13 -22.92
CA GLU A 387 2.34 49.12 -23.17
C GLU A 387 1.80 47.87 -23.90
N PHE A 388 0.48 47.73 -24.07
CA PHE A 388 -0.19 46.53 -24.64
C PHE A 388 -1.41 46.93 -25.47
N GLU A 389 -1.59 46.25 -26.61
CA GLU A 389 -2.67 46.52 -27.60
C GLU A 389 -4.02 46.23 -26.93
N LYS A 390 -4.15 45.07 -26.28
CA LYS A 390 -5.44 44.62 -25.70
C LYS A 390 -5.24 44.28 -24.21
N VAL A 391 -5.72 45.19 -23.35
CA VAL A 391 -5.79 45.08 -21.87
C VAL A 391 -7.26 44.83 -21.49
N ALA A 392 -7.48 43.88 -20.59
CA ALA A 392 -8.80 43.59 -20.00
C ALA A 392 -8.70 43.87 -18.49
N VAL A 393 -9.84 44.21 -17.92
CA VAL A 393 -10.01 44.56 -16.50
C VAL A 393 -11.20 43.76 -16.02
N TYR A 394 -10.97 42.91 -15.04
CA TYR A 394 -11.99 42.11 -14.31
C TYR A 394 -12.17 42.82 -12.98
N MET A 395 -13.42 43.11 -12.62
CA MET A 395 -13.75 43.96 -11.45
C MET A 395 -14.86 43.29 -10.65
N SER A 396 -14.73 43.37 -9.34
CA SER A 396 -15.66 42.81 -8.34
C SER A 396 -15.74 43.86 -7.22
N SER A 397 -16.96 44.29 -6.90
CA SER A 397 -17.21 45.32 -5.88
C SER A 397 -18.53 45.03 -5.17
N PHE A 398 -18.46 44.90 -3.84
CA PHE A 398 -19.58 44.45 -2.98
C PHE A 398 -19.33 45.04 -1.59
N THR A 399 -20.40 45.29 -0.86
CA THR A 399 -20.37 45.47 0.61
C THR A 399 -20.25 44.08 1.20
N PRO A 400 -19.25 43.79 2.05
CA PRO A 400 -19.19 42.49 2.72
C PRO A 400 -20.41 42.34 3.65
N LEU A 401 -20.89 41.11 3.78
CA LEU A 401 -22.09 40.76 4.59
C LEU A 401 -21.90 41.29 6.03
N MET A 402 -20.67 41.19 6.56
CA MET A 402 -20.41 41.62 7.95
C MET A 402 -20.61 43.13 8.11
N HIS A 403 -20.50 43.93 7.03
CA HIS A 403 -20.73 45.41 7.07
C HIS A 403 -22.19 45.74 6.75
N ASN A 404 -23.00 44.79 6.30
CA ASN A 404 -24.48 44.99 6.32
C ASN A 404 -24.94 44.93 7.78
N ILE A 405 -24.16 44.29 8.66
CA ILE A 405 -24.59 43.97 10.07
C ILE A 405 -24.01 45.02 11.00
N SER A 406 -22.74 45.34 10.81
CA SER A 406 -21.99 46.32 11.63
C SER A 406 -22.61 47.70 11.40
N GLY A 407 -23.04 47.97 10.18
CA GLY A 407 -23.65 49.26 9.80
C GLY A 407 -22.67 50.18 9.08
N SER A 408 -21.42 49.73 8.91
CA SER A 408 -20.42 50.37 8.01
C SER A 408 -20.73 49.98 6.57
N LYS A 409 -21.99 50.12 6.12
CA LYS A 409 -22.45 49.75 4.76
C LYS A 409 -21.50 50.30 3.68
N TYR A 410 -20.92 51.47 3.92
CA TYR A 410 -19.99 52.22 3.01
C TYR A 410 -18.69 51.44 2.72
N LYS A 411 -18.37 50.37 3.46
CA LYS A 411 -17.05 49.69 3.33
C LYS A 411 -17.12 48.71 2.17
N LYS A 412 -17.11 49.23 0.94
CA LYS A 412 -17.09 48.39 -0.29
C LYS A 412 -15.68 47.81 -0.43
N PHE A 413 -15.60 46.49 -0.56
CA PHE A 413 -14.41 45.75 -0.99
C PHE A 413 -14.28 45.91 -2.51
N VAL A 414 -13.07 46.11 -3.02
CA VAL A 414 -12.81 46.14 -4.48
C VAL A 414 -11.60 45.26 -4.79
N ALA A 415 -11.80 44.30 -5.69
CA ALA A 415 -10.78 43.45 -6.33
C ALA A 415 -10.77 43.75 -7.83
N LYS A 416 -9.59 44.03 -8.40
CA LYS A 416 -9.40 44.23 -9.86
C LYS A 416 -8.17 43.47 -10.34
N ILE A 417 -8.33 42.77 -11.45
CA ILE A 417 -7.25 42.07 -12.18
C ILE A 417 -7.15 42.74 -13.54
N VAL A 418 -5.96 43.18 -13.89
CA VAL A 418 -5.62 43.81 -15.19
C VAL A 418 -4.85 42.75 -15.98
N THR A 419 -5.29 42.42 -17.20
CA THR A 419 -4.61 41.41 -18.04
C THR A 419 -4.28 41.96 -19.44
N ASN A 420 -3.16 41.48 -19.98
CA ASN A 420 -2.92 41.42 -21.44
C ASN A 420 -3.90 40.39 -21.99
N HIS A 421 -4.91 40.83 -22.75
CA HIS A 421 -6.07 39.99 -23.10
C HIS A 421 -5.69 39.06 -24.26
N SER A 422 -4.78 39.52 -25.12
CA SER A 422 -4.05 38.72 -26.15
C SER A 422 -3.63 37.35 -25.61
N ASP A 423 -3.03 37.25 -24.42
CA ASP A 423 -2.56 35.94 -23.87
C ASP A 423 -3.12 35.61 -22.47
N GLY A 424 -3.93 36.47 -21.86
CA GLY A 424 -4.52 36.22 -20.52
C GLY A 424 -3.53 36.43 -19.38
N THR A 425 -2.32 36.94 -19.64
CA THR A 425 -1.28 37.18 -18.60
C THR A 425 -1.78 38.24 -17.63
N VAL A 426 -1.62 37.99 -16.34
CA VAL A 426 -1.99 38.91 -15.25
C VAL A 426 -0.88 39.94 -15.16
N LEU A 427 -1.25 41.20 -15.35
CA LEU A 427 -0.34 42.36 -15.39
C LEU A 427 -0.32 43.05 -14.04
N GLY A 428 -1.45 43.04 -13.34
CA GLY A 428 -1.62 43.77 -12.08
C GLY A 428 -2.84 43.34 -11.33
N VAL A 429 -2.77 43.45 -10.01
CA VAL A 429 -3.88 43.09 -9.09
C VAL A 429 -3.97 44.20 -8.04
N HIS A 430 -5.21 44.62 -7.73
CA HIS A 430 -5.47 45.80 -6.88
C HIS A 430 -6.70 45.55 -5.99
N LEU A 431 -6.51 45.70 -4.69
CA LEU A 431 -7.51 45.31 -3.68
C LEU A 431 -7.68 46.49 -2.75
N LEU A 432 -8.93 46.76 -2.40
CA LEU A 432 -9.26 47.62 -1.24
C LEU A 432 -10.32 46.86 -0.42
N GLY A 433 -10.02 46.71 0.87
CA GLY A 433 -10.83 46.01 1.89
C GLY A 433 -9.97 45.41 2.98
N ASP A 434 -10.60 45.05 4.11
CA ASP A 434 -9.96 44.27 5.19
C ASP A 434 -9.16 43.14 4.55
N GLY A 435 -7.89 42.99 4.96
CA GLY A 435 -7.01 41.87 4.57
C GLY A 435 -6.27 42.10 3.27
N ALA A 436 -6.61 43.15 2.52
CA ALA A 436 -6.01 43.39 1.19
C ALA A 436 -4.48 43.28 1.27
N PRO A 437 -3.77 43.93 2.23
CA PRO A 437 -2.31 43.85 2.27
C PRO A 437 -1.77 42.44 2.53
N GLU A 438 -2.56 41.61 3.22
CA GLU A 438 -2.24 40.20 3.53
C GLU A 438 -2.52 39.39 2.26
N ILE A 439 -3.68 39.61 1.64
CA ILE A 439 -4.12 38.89 0.40
C ILE A 439 -3.02 38.99 -0.69
N ILE A 440 -2.33 40.13 -0.80
CA ILE A 440 -1.64 40.49 -2.07
C ILE A 440 -0.24 39.86 -2.10
N GLN A 441 0.32 39.53 -0.93
CA GLN A 441 1.72 39.10 -0.80
C GLN A 441 1.99 38.01 -1.83
N ALA A 442 1.25 36.89 -1.74
CA ALA A 442 1.42 35.69 -2.60
C ALA A 442 1.03 36.00 -4.05
N VAL A 443 0.11 36.94 -4.30
CA VAL A 443 -0.15 37.46 -5.67
C VAL A 443 1.19 37.88 -6.30
N GLY A 444 2.09 38.45 -5.50
CA GLY A 444 3.49 38.76 -5.88
C GLY A 444 4.25 37.54 -6.36
N VAL A 445 4.11 36.44 -5.63
CA VAL A 445 4.71 35.14 -6.05
C VAL A 445 4.07 34.75 -7.38
N CYS A 446 2.75 34.94 -7.49
CA CYS A 446 1.94 34.59 -8.70
C CYS A 446 2.45 35.27 -9.96
N LEU A 447 2.67 36.58 -9.91
CA LEU A 447 3.14 37.38 -11.05
C LEU A 447 4.58 36.98 -11.42
N ARG A 448 5.34 36.33 -10.53
CA ARG A 448 6.71 35.83 -10.84
C ARG A 448 6.61 34.43 -11.45
N LEU A 449 5.40 33.91 -11.64
CA LEU A 449 5.18 32.55 -12.22
C LEU A 449 4.34 32.65 -13.50
N ASN A 450 4.25 33.83 -14.11
CA ASN A 450 3.49 34.08 -15.38
CA ASN A 450 3.50 34.03 -15.39
C ASN A 450 2.02 33.63 -15.19
N ALA A 451 1.46 33.82 -13.99
CA ALA A 451 0.03 33.51 -13.75
C ALA A 451 -0.82 34.16 -14.85
N LYS A 452 -1.73 33.38 -15.43
CA LYS A 452 -2.74 33.93 -16.39
C LYS A 452 -4.07 34.02 -15.63
N ILE A 453 -5.04 34.76 -16.17
CA ILE A 453 -6.31 35.00 -15.44
C ILE A 453 -6.92 33.62 -15.15
N SER A 454 -6.81 32.67 -16.09
CA SER A 454 -7.39 31.31 -16.04
C SER A 454 -6.75 30.52 -14.90
N ASP A 455 -5.48 30.77 -14.58
CA ASP A 455 -4.84 30.14 -13.40
C ASP A 455 -5.54 30.60 -12.12
N PHE A 456 -5.95 31.87 -12.04
CA PHE A 456 -6.70 32.40 -10.88
C PHE A 456 -8.03 31.65 -10.84
N TYR A 457 -8.80 31.60 -11.95
CA TYR A 457 -10.22 31.15 -11.91
C TYR A 457 -10.31 29.62 -11.91
N ASN A 458 -9.22 28.91 -12.21
CA ASN A 458 -9.16 27.44 -12.03
C ASN A 458 -8.63 27.07 -10.64
N THR A 459 -8.24 28.04 -9.81
CA THR A 459 -7.85 27.66 -8.44
C THR A 459 -9.13 27.58 -7.61
N ILE A 460 -9.20 26.56 -6.78
CA ILE A 460 -10.34 26.31 -5.88
C ILE A 460 -10.33 27.34 -4.77
N GLY A 461 -11.43 28.11 -4.66
CA GLY A 461 -11.62 29.13 -3.62
C GLY A 461 -11.40 28.58 -2.21
N VAL A 462 -11.03 29.49 -1.30
CA VAL A 462 -11.12 29.28 0.17
C VAL A 462 -12.34 30.07 0.66
N HIS A 463 -13.36 29.40 1.16
CA HIS A 463 -14.67 30.02 1.51
C HIS A 463 -14.91 29.89 3.01
N PRO A 464 -15.35 30.97 3.70
CA PRO A 464 -15.63 32.25 3.06
C PRO A 464 -14.54 33.30 3.30
N THR A 465 -14.05 33.95 2.23
CA THR A 465 -13.02 35.00 2.35
C THR A 465 -13.31 36.11 1.35
N SER A 466 -12.68 37.25 1.51
CA SER A 466 -12.62 38.34 0.49
C SER A 466 -11.70 37.87 -0.65
N ALA A 467 -10.58 37.21 -0.29
CA ALA A 467 -9.53 36.71 -1.23
C ALA A 467 -10.14 35.83 -2.34
N GLU A 468 -11.11 34.96 -2.05
CA GLU A 468 -11.62 34.01 -3.07
C GLU A 468 -12.21 34.76 -4.27
N GLU A 469 -12.51 36.05 -4.10
CA GLU A 469 -13.09 36.92 -5.18
C GLU A 469 -12.09 36.99 -6.33
N LEU A 470 -10.80 36.81 -6.04
CA LEU A 470 -9.68 36.76 -7.05
C LEU A 470 -9.86 35.56 -7.97
N CYS A 471 -10.49 34.48 -7.50
CA CYS A 471 -10.55 33.17 -8.18
C CYS A 471 -11.95 32.89 -8.73
N SER A 472 -12.80 33.93 -8.80
CA SER A 472 -14.21 33.87 -9.25
C SER A 472 -14.52 34.92 -10.32
N MET A 473 -13.51 35.56 -10.92
CA MET A 473 -13.67 36.52 -12.05
C MET A 473 -13.21 35.86 -13.37
N ARG A 474 -14.14 35.63 -14.30
CA ARG A 474 -13.85 35.00 -15.63
C ARG A 474 -14.27 35.89 -16.80
N THR A 475 -15.16 36.87 -16.60
CA THR A 475 -15.59 37.79 -17.68
C THR A 475 -15.08 39.20 -17.41
N PRO A 476 -14.27 39.77 -18.32
CA PRO A 476 -13.86 41.17 -18.21
C PRO A 476 -15.09 42.09 -18.10
N SER A 477 -14.99 43.08 -17.23
CA SER A 477 -16.01 44.16 -17.10
C SER A 477 -15.88 45.11 -18.29
N TYR A 478 -14.64 45.45 -18.67
CA TYR A 478 -14.29 46.36 -19.79
C TYR A 478 -12.82 46.19 -20.19
N TYR A 479 -12.37 46.93 -21.23
CA TYR A 479 -11.06 46.74 -21.92
C TYR A 479 -10.41 48.08 -22.31
N TYR A 480 -9.11 48.04 -22.58
CA TYR A 480 -8.41 49.11 -23.32
C TYR A 480 -7.92 48.49 -24.63
N VAL A 481 -8.29 49.13 -25.74
CA VAL A 481 -7.79 48.79 -27.10
C VAL A 481 -7.02 50.01 -27.61
N LYS A 482 -5.78 49.78 -28.05
CA LYS A 482 -4.74 50.80 -28.30
C LYS A 482 -5.00 52.05 -27.43
N GLY A 483 -4.97 51.88 -26.11
CA GLY A 483 -4.90 52.99 -25.12
C GLY A 483 -6.26 53.58 -24.72
N GLU A 484 -7.35 53.14 -25.39
CA GLU A 484 -8.69 53.79 -25.35
C GLU A 484 -9.68 52.87 -24.64
N LYS A 485 -10.17 53.28 -23.46
CA LYS A 485 -11.16 52.53 -22.62
C LYS A 485 -12.42 52.31 -23.45
N MET A 486 -12.95 51.08 -23.44
CA MET A 486 -14.23 50.69 -24.09
C MET A 486 -14.76 49.42 -23.42
N GLU A 487 -16.09 49.28 -23.35
CA GLU A 487 -16.80 48.20 -22.62
C GLU A 487 -16.62 46.86 -23.34
N LYS A 488 -16.94 46.80 -24.64
CA LYS A 488 -16.87 45.57 -25.48
C LYS A 488 -15.66 45.66 -26.43
N LEU A 489 -15.21 44.52 -26.95
CA LEU A 489 -14.20 44.45 -28.05
C LEU A 489 -14.86 44.93 -29.35
N PRO A 490 -14.14 45.70 -30.20
CA PRO A 490 -14.73 46.34 -31.39
C PRO A 490 -15.86 45.54 -32.06
N ASP A 491 -16.22 42.88 -32.82
CA ASP A 491 -16.17 41.40 -32.83
C ASP A 491 -16.70 40.86 -31.49
N SER B 1 -51.16 20.72 -16.54
CA SER B 1 -50.87 21.05 -15.11
C SER B 1 -50.65 19.76 -14.29
N HIS B 2 -51.23 18.64 -14.75
CA HIS B 2 -51.15 17.27 -14.16
C HIS B 2 -50.12 16.40 -14.93
N MET B 3 -49.28 17.04 -15.75
CA MET B 3 -48.27 16.35 -16.60
C MET B 3 -46.89 16.44 -15.93
N SER B 4 -46.16 15.34 -15.95
CA SER B 4 -44.69 15.24 -15.79
C SER B 4 -44.04 16.42 -16.52
N LYS B 5 -42.88 16.88 -16.06
CA LYS B 5 -42.07 17.89 -16.77
C LYS B 5 -40.75 17.22 -17.16
N ALA B 6 -40.22 17.61 -18.32
CA ALA B 6 -39.08 16.96 -18.98
C ALA B 6 -37.88 17.92 -18.96
N PHE B 7 -36.70 17.38 -18.64
CA PHE B 7 -35.48 18.19 -18.43
C PHE B 7 -34.27 17.49 -19.04
N ASP B 8 -33.27 18.27 -19.43
CA ASP B 8 -31.94 17.76 -19.86
C ASP B 8 -31.21 17.18 -18.64
N LEU B 9 -31.26 17.90 -17.52
CA LEU B 9 -30.61 17.56 -16.23
C LEU B 9 -31.59 17.84 -15.08
N VAL B 10 -31.79 16.84 -14.22
CA VAL B 10 -32.41 17.05 -12.87
C VAL B 10 -31.30 16.97 -11.81
N VAL B 11 -31.17 18.03 -11.02
CA VAL B 11 -30.24 18.13 -9.86
C VAL B 11 -31.05 17.90 -8.58
N ILE B 12 -30.66 16.93 -7.77
CA ILE B 12 -31.25 16.72 -6.41
C ILE B 12 -30.32 17.37 -5.39
N GLY B 13 -30.76 18.50 -4.83
CA GLY B 13 -29.97 19.32 -3.91
C GLY B 13 -29.63 20.66 -4.52
N ALA B 14 -30.28 21.72 -4.08
CA ALA B 14 -30.05 23.11 -4.54
C ALA B 14 -29.02 23.74 -3.61
N GLY B 15 -27.88 23.07 -3.42
CA GLY B 15 -26.78 23.60 -2.61
C GLY B 15 -25.58 23.99 -3.45
N SER B 16 -24.41 24.06 -2.84
CA SER B 16 -23.20 24.66 -3.40
C SER B 16 -22.94 24.03 -4.78
N GLY B 17 -22.78 22.71 -4.82
CA GLY B 17 -22.54 21.96 -6.06
C GLY B 17 -23.73 22.03 -7.00
N GLY B 18 -24.90 21.72 -6.48
CA GLY B 18 -26.10 21.61 -7.32
C GLY B 18 -26.42 22.90 -8.01
N LEU B 19 -26.30 24.04 -7.34
CA LEU B 19 -26.65 25.35 -7.96
C LEU B 19 -25.58 25.73 -8.97
N GLU B 20 -24.31 25.41 -8.72
CA GLU B 20 -23.25 25.70 -9.71
C GLU B 20 -23.61 24.95 -11.00
N ALA B 21 -23.86 23.65 -10.91
CA ALA B 21 -24.13 22.80 -12.09
C ALA B 21 -25.40 23.29 -12.80
N GLY B 22 -26.49 23.44 -12.04
CA GLY B 22 -27.80 23.87 -12.56
C GLY B 22 -27.65 25.15 -13.36
N TRP B 23 -27.18 26.22 -12.71
CA TRP B 23 -26.93 27.56 -13.32
C TRP B 23 -26.05 27.43 -14.57
N ASN B 24 -24.92 26.71 -14.50
CA ASN B 24 -23.95 26.59 -15.62
C ASN B 24 -24.60 25.89 -16.80
N ALA B 25 -25.29 24.76 -16.59
CA ALA B 25 -25.95 23.99 -17.65
C ALA B 25 -27.01 24.86 -18.36
N ALA B 26 -27.77 25.66 -17.63
CA ALA B 26 -28.86 26.53 -18.16
C ALA B 26 -28.31 27.76 -18.90
N THR B 27 -27.45 28.57 -18.26
CA THR B 27 -26.99 29.85 -18.85
C THR B 27 -25.75 29.65 -19.75
N LEU B 28 -24.80 28.75 -19.46
CA LEU B 28 -23.62 28.58 -20.36
C LEU B 28 -24.04 27.76 -21.58
N TYR B 29 -24.95 26.80 -21.44
CA TYR B 29 -25.19 25.78 -22.50
C TYR B 29 -26.65 25.68 -22.92
N GLY B 30 -27.55 26.53 -22.40
CA GLY B 30 -28.98 26.53 -22.74
C GLY B 30 -29.64 25.17 -22.54
N LYS B 31 -29.22 24.40 -21.55
CA LYS B 31 -29.90 23.14 -21.13
C LYS B 31 -31.15 23.47 -20.27
N ARG B 32 -32.17 22.61 -20.31
CA ARG B 32 -33.36 22.78 -19.44
C ARG B 32 -33.10 21.95 -18.17
N VAL B 33 -33.14 22.62 -17.02
CA VAL B 33 -32.64 22.10 -15.70
C VAL B 33 -33.75 22.20 -14.66
N ALA B 34 -33.97 21.11 -13.93
CA ALA B 34 -34.78 21.08 -12.69
C ALA B 34 -33.83 20.91 -11.51
N VAL B 35 -34.21 21.52 -10.41
CA VAL B 35 -33.43 21.56 -9.15
C VAL B 35 -34.45 21.38 -8.05
N VAL B 36 -34.29 20.32 -7.26
CA VAL B 36 -35.18 19.94 -6.14
C VAL B 36 -34.43 20.29 -4.84
N ASP B 37 -35.14 20.95 -3.94
CA ASP B 37 -34.76 21.07 -2.52
C ASP B 37 -36.04 21.05 -1.68
N VAL B 38 -35.87 20.68 -0.44
CA VAL B 38 -36.91 20.35 0.58
C VAL B 38 -37.47 21.64 1.20
N GLN B 39 -36.76 22.76 1.09
CA GLN B 39 -37.15 23.99 1.84
C GLN B 39 -36.57 25.18 1.08
N THR B 40 -37.29 26.30 1.12
CA THR B 40 -37.01 27.53 0.35
C THR B 40 -36.23 28.50 1.22
N SER B 41 -36.19 28.27 2.52
CA SER B 41 -35.55 29.24 3.45
C SER B 41 -34.94 28.46 4.61
N HIS B 42 -33.92 29.05 5.23
CA HIS B 42 -33.15 28.41 6.32
C HIS B 42 -34.08 28.09 7.48
N GLY B 43 -33.80 26.98 8.17
CA GLY B 43 -34.26 26.77 9.56
C GLY B 43 -34.93 25.43 9.80
N PRO B 44 -35.33 25.22 11.06
CA PRO B 44 -36.33 24.21 11.41
C PRO B 44 -37.45 24.27 10.38
N PRO B 45 -38.00 23.10 9.93
CA PRO B 45 -37.53 21.79 10.37
C PRO B 45 -36.38 21.06 9.63
N PHE B 46 -35.93 21.50 8.45
CA PHE B 46 -35.00 20.69 7.60
C PHE B 46 -33.61 21.32 7.54
N TYR B 47 -33.54 22.62 7.91
CA TYR B 47 -32.32 23.35 8.34
C TYR B 47 -31.53 23.81 7.11
N ALA B 48 -31.06 22.87 6.28
CA ALA B 48 -30.54 23.17 4.93
C ALA B 48 -31.75 23.46 4.07
N ALA B 49 -31.58 24.35 3.11
CA ALA B 49 -32.64 24.77 2.19
C ALA B 49 -31.96 25.18 0.89
N LEU B 50 -32.76 25.67 -0.04
CA LEU B 50 -32.29 26.50 -1.17
C LEU B 50 -30.98 27.21 -0.77
N GLY B 51 -29.89 26.81 -1.41
CA GLY B 51 -28.60 27.46 -1.20
C GLY B 51 -27.64 26.56 -0.50
N GLY B 52 -28.13 25.51 0.15
CA GLY B 52 -27.28 24.41 0.64
C GLY B 52 -26.94 24.58 2.10
N THR B 53 -26.07 23.71 2.62
CA THR B 53 -25.68 23.65 4.04
C THR B 53 -24.82 24.88 4.29
N CYS B 54 -24.00 25.23 3.34
CA CYS B 54 -23.08 26.39 3.47
C CYS B 54 -23.84 27.71 3.73
N VAL B 55 -24.82 28.04 2.91
CA VAL B 55 -25.63 29.28 3.04
C VAL B 55 -26.47 29.23 4.34
N ASN B 56 -27.16 28.12 4.59
CA ASN B 56 -28.24 28.08 5.60
C ASN B 56 -27.70 27.76 7.00
N VAL B 57 -26.76 26.84 7.12
CA VAL B 57 -26.35 26.28 8.44
C VAL B 57 -24.91 25.79 8.37
N GLY B 58 -24.05 26.54 7.67
CA GLY B 58 -22.65 26.17 7.35
C GLY B 58 -21.74 27.39 7.28
N CYS B 59 -20.79 27.42 6.34
CA CYS B 59 -19.75 28.47 6.15
C CYS B 59 -20.31 29.88 6.47
N VAL B 60 -21.49 30.24 5.95
CA VAL B 60 -21.95 31.64 5.95
C VAL B 60 -22.33 32.07 7.36
N PRO B 61 -23.35 31.51 8.00
CA PRO B 61 -23.70 31.97 9.34
C PRO B 61 -22.57 31.72 10.35
N LYS B 62 -21.84 30.61 10.26
CA LYS B 62 -20.72 30.36 11.22
C LYS B 62 -19.69 31.50 11.14
N LYS B 63 -19.41 32.02 9.95
CA LYS B 63 -18.45 33.12 9.73
C LYS B 63 -19.00 34.41 10.36
N LEU B 64 -20.25 34.80 10.07
CA LEU B 64 -20.91 35.95 10.74
C LEU B 64 -20.82 35.74 12.27
N MET B 65 -20.96 34.51 12.74
CA MET B 65 -21.03 34.24 14.19
C MET B 65 -19.62 34.26 14.79
N VAL B 66 -18.59 33.75 14.09
CA VAL B 66 -17.18 33.88 14.53
C VAL B 66 -16.78 35.36 14.49
N THR B 67 -17.25 36.10 13.48
CA THR B 67 -16.99 37.56 13.36
C THR B 67 -17.44 38.23 14.67
N GLY B 68 -18.69 37.97 15.09
CA GLY B 68 -19.25 38.40 16.37
C GLY B 68 -18.38 37.97 17.55
N ALA B 69 -17.91 36.73 17.57
CA ALA B 69 -17.09 36.22 18.69
C ALA B 69 -15.74 36.96 18.82
N GLN B 70 -15.18 37.47 17.73
CA GLN B 70 -13.84 38.14 17.65
C GLN B 70 -13.81 39.44 18.46
N TYR B 71 -14.96 40.11 18.58
CA TYR B 71 -15.18 41.38 19.32
C TYR B 71 -14.88 41.20 20.81
N MET B 72 -15.02 40.01 21.36
CA MET B 72 -14.61 39.80 22.78
C MET B 72 -13.08 40.04 22.89
N ASP B 73 -12.34 39.56 21.89
CA ASP B 73 -10.89 39.80 21.80
C ASP B 73 -10.66 41.27 21.44
N HIS B 74 -11.43 41.85 20.51
CA HIS B 74 -11.11 43.24 20.07
C HIS B 74 -11.30 44.14 21.29
N LEU B 75 -12.48 44.05 21.92
CA LEU B 75 -12.82 44.91 23.08
C LEU B 75 -11.68 44.79 24.10
N ARG B 76 -11.28 43.58 24.46
CA ARG B 76 -10.22 43.42 25.48
C ARG B 76 -8.93 44.08 24.98
N GLU B 77 -8.54 43.82 23.74
CA GLU B 77 -7.15 44.09 23.24
C GLU B 77 -7.01 45.58 22.92
N SER B 78 -8.16 46.29 22.82
CA SER B 78 -8.25 47.74 22.58
C SER B 78 -7.53 48.49 23.72
N ALA B 79 -7.64 48.02 24.97
CA ALA B 79 -7.03 48.65 26.15
C ALA B 79 -5.57 49.03 25.87
N GLY B 80 -4.75 48.07 25.43
CA GLY B 80 -3.31 48.25 25.19
C GLY B 80 -2.97 49.40 24.24
N PHE B 81 -3.86 49.74 23.30
CA PHE B 81 -3.67 50.84 22.32
C PHE B 81 -4.32 52.13 22.82
N GLY B 82 -4.84 52.10 24.03
CA GLY B 82 -5.23 53.33 24.72
C GLY B 82 -6.73 53.49 24.78
N TRP B 83 -7.51 52.50 24.35
CA TRP B 83 -8.98 52.64 24.40
C TRP B 83 -9.46 52.43 25.83
N GLU B 84 -10.38 53.28 26.28
CA GLU B 84 -11.00 53.23 27.63
C GLU B 84 -12.52 53.29 27.45
N PHE B 85 -13.23 52.48 28.24
CA PHE B 85 -14.69 52.42 28.38
C PHE B 85 -14.95 51.60 29.64
N ASP B 86 -16.14 51.70 30.20
CA ASP B 86 -16.57 50.90 31.39
C ASP B 86 -16.56 49.41 31.00
N GLY B 87 -15.52 48.65 31.41
CA GLY B 87 -15.44 47.20 31.19
C GLY B 87 -16.64 46.48 31.80
N SER B 88 -17.24 47.05 32.84
CA SER B 88 -18.33 46.43 33.63
C SER B 88 -19.66 46.44 32.84
N SER B 89 -19.93 47.45 32.03
CA SER B 89 -21.16 47.55 31.19
C SER B 89 -21.21 46.48 30.07
N VAL B 90 -20.08 45.82 29.74
CA VAL B 90 -19.93 45.00 28.49
C VAL B 90 -20.78 43.74 28.54
N LYS B 91 -21.73 43.62 27.63
CA LYS B 91 -22.56 42.39 27.57
C LYS B 91 -22.70 41.96 26.11
N ALA B 92 -22.76 40.65 25.91
CA ALA B 92 -22.87 39.98 24.61
C ALA B 92 -24.29 39.43 24.48
N ASN B 93 -25.09 40.08 23.64
CA ASN B 93 -26.49 39.71 23.31
C ASN B 93 -26.49 38.77 22.10
N TRP B 94 -26.52 37.47 22.37
CA TRP B 94 -26.78 36.37 21.41
C TRP B 94 -28.04 36.58 20.56
N LYS B 95 -29.15 37.03 21.14
CA LYS B 95 -30.43 37.15 20.38
C LYS B 95 -30.27 38.14 19.22
N LYS B 96 -29.53 39.23 19.40
CA LYS B 96 -29.25 40.20 18.31
C LYS B 96 -28.35 39.53 17.27
N LEU B 97 -27.34 38.79 17.70
CA LEU B 97 -26.41 38.10 16.78
C LEU B 97 -27.25 37.15 15.92
N ILE B 98 -28.07 36.33 16.57
CA ILE B 98 -28.82 35.27 15.87
C ILE B 98 -29.81 35.93 14.91
N ALA B 99 -30.45 37.02 15.31
CA ALA B 99 -31.48 37.69 14.48
C ALA B 99 -30.81 38.33 13.24
N ALA B 100 -29.62 38.87 13.41
CA ALA B 100 -28.86 39.50 12.30
C ALA B 100 -28.39 38.41 11.31
N LYS B 101 -27.90 37.30 11.83
CA LYS B 101 -27.52 36.15 10.98
C LYS B 101 -28.76 35.69 10.23
N ASN B 102 -29.90 35.61 10.91
CA ASN B 102 -31.18 35.09 10.31
C ASN B 102 -31.60 35.95 9.12
N GLU B 103 -31.38 37.27 9.19
CA GLU B 103 -31.72 38.26 8.14
C GLU B 103 -30.75 38.13 6.96
N ALA B 104 -29.44 38.05 7.23
CA ALA B 104 -28.40 37.88 6.20
C ALA B 104 -28.66 36.59 5.41
N VAL B 105 -28.96 35.48 6.11
CA VAL B 105 -29.20 34.15 5.49
C VAL B 105 -30.50 34.17 4.66
N LEU B 106 -31.59 34.81 5.15
CA LEU B 106 -32.89 34.90 4.45
C LEU B 106 -32.75 35.72 3.17
N ASP B 107 -32.01 36.82 3.22
CA ASP B 107 -31.65 37.62 2.01
C ASP B 107 -31.03 36.74 0.91
N ILE B 108 -30.16 35.78 1.24
CA ILE B 108 -29.53 34.91 0.21
C ILE B 108 -30.56 33.89 -0.28
N ASN B 109 -31.38 33.38 0.64
CA ASN B 109 -32.55 32.52 0.31
C ASN B 109 -33.41 33.23 -0.73
N LYS B 110 -33.73 34.50 -0.50
CA LYS B 110 -34.69 35.30 -1.33
C LYS B 110 -34.05 35.61 -2.68
N SER B 111 -32.77 35.99 -2.70
CA SER B 111 -32.01 36.20 -3.95
C SER B 111 -32.08 34.92 -4.78
N TYR B 112 -32.02 33.75 -4.15
CA TYR B 112 -32.09 32.43 -4.85
C TYR B 112 -33.49 32.22 -5.41
N GLU B 113 -34.51 32.50 -4.60
CA GLU B 113 -35.93 32.47 -5.05
C GLU B 113 -35.99 33.17 -6.41
N GLY B 114 -35.46 34.39 -6.50
CA GLY B 114 -35.63 35.24 -7.70
C GLY B 114 -34.87 34.72 -8.90
N MET B 115 -33.68 34.17 -8.68
CA MET B 115 -32.85 33.52 -9.75
C MET B 115 -33.71 32.51 -10.52
N PHE B 116 -34.47 31.68 -9.80
CA PHE B 116 -35.29 30.56 -10.32
C PHE B 116 -36.54 31.07 -11.07
N ASN B 117 -37.13 32.18 -10.63
CA ASN B 117 -38.35 32.77 -11.25
C ASN B 117 -37.93 33.40 -12.58
N ASP B 118 -36.69 33.86 -12.70
CA ASP B 118 -36.22 34.82 -13.74
C ASP B 118 -35.54 34.11 -14.91
N THR B 119 -34.73 33.08 -14.65
CA THR B 119 -33.80 32.42 -15.61
C THR B 119 -34.52 31.33 -16.42
N GLU B 120 -34.50 31.40 -17.74
CA GLU B 120 -35.13 30.36 -18.59
C GLU B 120 -34.32 29.06 -18.50
N GLY B 121 -35.04 27.93 -18.39
CA GLY B 121 -34.51 26.55 -18.39
C GLY B 121 -33.76 26.21 -17.12
N LEU B 122 -34.07 26.88 -16.02
CA LEU B 122 -33.57 26.60 -14.65
C LEU B 122 -34.75 26.74 -13.69
N ASP B 123 -35.32 25.60 -13.27
CA ASP B 123 -36.60 25.56 -12.52
C ASP B 123 -36.37 24.96 -11.12
N PHE B 124 -37.12 25.47 -10.14
CA PHE B 124 -37.05 25.00 -8.74
C PHE B 124 -38.32 24.23 -8.40
N PHE B 125 -38.11 23.03 -7.86
CA PHE B 125 -39.20 22.17 -7.35
C PHE B 125 -38.98 21.86 -5.87
N LEU B 126 -40.03 22.11 -5.09
CA LEU B 126 -39.99 22.04 -3.61
C LEU B 126 -40.42 20.63 -3.21
N GLY B 127 -39.56 19.89 -2.51
CA GLY B 127 -39.92 18.57 -1.99
C GLY B 127 -38.70 17.69 -1.90
N TRP B 128 -38.95 16.38 -1.76
CA TRP B 128 -37.91 15.36 -1.55
C TRP B 128 -37.71 14.58 -2.82
N GLY B 129 -36.48 14.61 -3.32
CA GLY B 129 -36.06 14.03 -4.60
C GLY B 129 -35.62 12.61 -4.42
N SER B 130 -36.24 11.69 -5.16
CA SER B 130 -36.01 10.23 -5.13
C SER B 130 -35.82 9.76 -6.57
N LEU B 131 -35.00 8.73 -6.77
CA LEU B 131 -34.80 8.08 -8.08
C LEU B 131 -35.82 6.96 -8.21
N GLU B 132 -36.71 7.09 -9.18
CA GLU B 132 -37.72 6.05 -9.54
C GLU B 132 -37.09 5.11 -10.54
N SER B 133 -36.41 5.69 -11.53
CA SER B 133 -35.82 5.01 -12.69
C SER B 133 -34.63 5.85 -13.21
N LYS B 134 -33.93 5.32 -14.21
CA LYS B 134 -32.71 5.89 -14.83
C LYS B 134 -33.03 7.28 -15.38
N ASN B 135 -34.30 7.54 -15.72
CA ASN B 135 -34.72 8.81 -16.36
C ASN B 135 -35.94 9.41 -15.63
N VAL B 136 -36.29 9.02 -14.40
CA VAL B 136 -37.39 9.74 -13.67
C VAL B 136 -36.97 10.08 -12.24
N VAL B 137 -37.00 11.37 -11.88
CA VAL B 137 -36.91 11.81 -10.46
C VAL B 137 -38.35 12.09 -9.99
N VAL B 138 -38.70 11.58 -8.83
CA VAL B 138 -40.02 11.80 -8.17
C VAL B 138 -39.76 12.75 -7.04
N VAL B 139 -40.67 13.69 -6.88
CA VAL B 139 -40.55 14.70 -5.80
C VAL B 139 -41.76 14.44 -4.90
N ARG B 140 -41.48 14.04 -3.67
CA ARG B 140 -42.47 13.61 -2.67
C ARG B 140 -42.58 14.70 -1.60
N GLU B 141 -43.67 14.69 -0.84
CA GLU B 141 -43.94 15.70 0.21
C GLU B 141 -42.98 15.46 1.37
N THR B 142 -42.50 14.24 1.59
CA THR B 142 -41.47 13.98 2.65
C THR B 142 -40.49 12.89 2.21
N ALA B 143 -39.48 12.64 3.05
CA ALA B 143 -38.37 11.71 2.78
C ALA B 143 -38.90 10.27 2.83
N ASP B 144 -40.10 10.10 3.39
CA ASP B 144 -40.84 8.82 3.41
C ASP B 144 -41.25 8.49 1.97
N PRO B 145 -40.74 7.39 1.37
CA PRO B 145 -41.08 7.05 -0.01
C PRO B 145 -42.56 6.68 -0.24
N LYS B 146 -43.36 6.65 0.83
CA LYS B 146 -44.80 6.35 0.75
C LYS B 146 -45.62 7.64 0.68
N SER B 147 -45.00 8.80 0.88
CA SER B 147 -45.69 10.13 0.89
C SER B 147 -46.11 10.54 -0.54
N ALA B 148 -47.06 11.47 -0.61
CA ALA B 148 -47.71 11.95 -1.84
C ALA B 148 -46.65 12.43 -2.84
N VAL B 149 -46.93 12.26 -4.14
CA VAL B 149 -46.08 12.73 -5.27
C VAL B 149 -46.51 14.15 -5.61
N LYS B 150 -45.63 15.14 -5.49
CA LYS B 150 -45.90 16.53 -5.93
C LYS B 150 -45.54 16.63 -7.42
N GLU B 151 -44.47 15.96 -7.87
CA GLU B 151 -43.98 16.06 -9.27
C GLU B 151 -43.28 14.76 -9.69
N ARG B 152 -43.31 14.49 -10.99
CA ARG B 152 -42.38 13.56 -11.68
C ARG B 152 -41.60 14.36 -12.69
N LEU B 153 -40.29 14.14 -12.73
CA LEU B 153 -39.38 14.96 -13.54
C LEU B 153 -38.58 14.02 -14.41
N GLN B 154 -38.77 14.07 -15.73
CA GLN B 154 -37.96 13.28 -16.69
C GLN B 154 -36.62 13.96 -16.82
N ALA B 155 -35.54 13.22 -16.72
CA ALA B 155 -34.17 13.77 -16.88
C ALA B 155 -33.39 12.84 -17.79
N ASP B 156 -32.63 13.39 -18.76
CA ASP B 156 -31.66 12.60 -19.56
C ASP B 156 -30.45 12.31 -18.67
N HIS B 157 -30.10 13.28 -17.83
CA HIS B 157 -28.96 13.20 -16.87
C HIS B 157 -29.48 13.54 -15.49
N ILE B 158 -28.97 12.91 -14.43
CA ILE B 158 -29.39 13.21 -13.02
C ILE B 158 -28.16 13.49 -12.17
N LEU B 159 -28.16 14.63 -11.49
CA LEU B 159 -27.06 15.01 -10.57
C LEU B 159 -27.54 14.80 -9.12
N LEU B 160 -26.84 13.94 -8.39
CA LEU B 160 -26.98 13.72 -6.93
C LEU B 160 -26.10 14.75 -6.21
N ALA B 161 -26.69 15.67 -5.47
CA ALA B 161 -25.90 16.67 -4.72
C ALA B 161 -26.63 17.01 -3.42
N THR B 162 -27.02 15.98 -2.67
CA THR B 162 -27.86 16.10 -1.43
C THR B 162 -26.98 16.41 -0.21
N GLY B 163 -25.65 16.53 -0.40
CA GLY B 163 -24.74 16.99 0.67
C GLY B 163 -24.60 15.99 1.78
N SER B 164 -24.45 16.47 3.03
CA SER B 164 -24.20 15.60 4.21
C SER B 164 -25.12 15.97 5.38
N TRP B 165 -25.05 15.20 6.47
CA TRP B 165 -25.86 15.41 7.69
C TRP B 165 -25.01 15.12 8.92
N PRO B 166 -25.28 15.72 10.10
CA PRO B 166 -24.51 15.43 11.31
C PRO B 166 -24.68 13.96 11.73
N GLN B 167 -23.58 13.36 12.11
CA GLN B 167 -23.52 11.99 12.68
C GLN B 167 -23.73 12.12 14.18
N MET B 168 -24.73 11.41 14.71
CA MET B 168 -24.98 11.26 16.17
C MET B 168 -24.54 9.86 16.62
N PRO B 169 -23.69 9.72 17.67
CA PRO B 169 -23.31 8.39 18.15
C PRO B 169 -24.52 7.75 18.84
N ALA B 170 -24.65 6.44 18.69
CA ALA B 170 -25.61 5.59 19.45
C ALA B 170 -25.13 5.50 20.91
N ILE B 171 -25.48 6.48 21.74
CA ILE B 171 -25.25 6.43 23.21
C ILE B 171 -26.58 6.70 23.91
N PRO B 172 -26.81 6.11 25.11
CA PRO B 172 -27.97 6.48 25.91
C PRO B 172 -28.05 8.01 26.16
N GLY B 173 -29.26 8.56 25.98
CA GLY B 173 -29.55 9.99 26.19
C GLY B 173 -29.09 10.88 25.05
N ILE B 174 -28.81 10.28 23.88
CA ILE B 174 -28.41 11.03 22.64
C ILE B 174 -29.50 12.05 22.34
N GLU B 175 -30.76 11.74 22.68
CA GLU B 175 -31.91 12.62 22.38
C GLU B 175 -31.79 13.94 23.16
N HIS B 176 -30.88 14.04 24.16
CA HIS B 176 -30.65 15.29 24.92
C HIS B 176 -29.49 16.11 24.34
N CYS B 177 -28.89 15.63 23.25
CA CYS B 177 -27.85 16.35 22.52
C CYS B 177 -28.42 17.03 21.28
N ILE B 178 -27.66 18.00 20.78
CA ILE B 178 -27.92 18.76 19.52
C ILE B 178 -26.73 18.54 18.58
N SER B 179 -26.92 18.96 17.32
CA SER B 179 -25.89 19.02 16.26
C SER B 179 -25.58 20.49 16.03
N SER B 180 -24.66 20.80 15.12
CA SER B 180 -24.45 22.20 14.67
C SER B 180 -25.76 22.78 14.14
N ASN B 181 -26.71 21.96 13.71
CA ASN B 181 -27.95 22.51 13.07
C ASN B 181 -28.65 23.36 14.12
N GLU B 182 -28.86 22.80 15.31
CA GLU B 182 -29.74 23.39 16.34
C GLU B 182 -28.99 24.58 16.97
N ALA B 183 -27.64 24.55 16.93
CA ALA B 183 -26.76 25.55 17.56
C ALA B 183 -27.08 26.93 16.98
N PHE B 184 -27.41 26.94 15.69
CA PHE B 184 -27.64 28.17 14.90
C PHE B 184 -28.94 28.81 15.37
N TYR B 185 -29.76 28.14 16.18
CA TYR B 185 -31.14 28.59 16.51
C TYR B 185 -31.39 28.64 18.03
N LEU B 186 -30.41 28.27 18.85
CA LEU B 186 -30.57 28.34 20.32
C LEU B 186 -31.16 29.70 20.65
N PRO B 187 -32.26 29.77 21.43
CA PRO B 187 -32.88 31.05 21.74
C PRO B 187 -32.06 31.82 22.79
N GLU B 188 -31.22 31.14 23.58
CA GLU B 188 -30.22 31.84 24.43
C GLU B 188 -28.86 31.13 24.40
N PRO B 189 -27.79 31.88 24.69
CA PRO B 189 -26.44 31.32 24.64
C PRO B 189 -26.29 30.45 25.89
N PRO B 190 -25.74 29.22 25.77
CA PRO B 190 -25.60 28.33 26.92
C PRO B 190 -24.53 28.83 27.90
N ARG B 191 -24.86 28.80 29.19
CA ARG B 191 -23.91 29.11 30.28
C ARG B 191 -22.78 28.08 30.22
N ARG B 192 -23.13 26.78 30.22
CA ARG B 192 -22.17 25.67 30.14
C ARG B 192 -22.49 24.84 28.89
N VAL B 193 -21.48 24.56 28.08
CA VAL B 193 -21.62 23.76 26.85
C VAL B 193 -20.38 22.89 26.68
N LEU B 194 -20.63 21.61 26.43
CA LEU B 194 -19.69 20.61 25.89
C LEU B 194 -19.87 20.59 24.37
N THR B 195 -18.81 20.86 23.59
CA THR B 195 -18.74 20.60 22.12
C THR B 195 -17.89 19.35 21.97
N VAL B 196 -18.42 18.27 21.39
CA VAL B 196 -17.79 16.93 21.30
C VAL B 196 -17.24 16.79 19.86
N GLY B 197 -15.94 16.56 19.72
CA GLY B 197 -15.22 16.51 18.43
C GLY B 197 -13.97 17.39 18.44
N GLY B 198 -12.94 16.97 17.70
CA GLY B 198 -11.67 17.71 17.52
C GLY B 198 -11.59 18.33 16.14
N GLY B 199 -12.70 18.35 15.41
CA GLY B 199 -12.84 18.86 14.02
C GLY B 199 -13.17 20.34 14.03
N PHE B 200 -13.12 20.98 12.86
CA PHE B 200 -13.24 22.46 12.70
C PHE B 200 -14.60 22.97 13.21
N ILE B 201 -15.66 22.15 13.23
CA ILE B 201 -17.01 22.61 13.68
C ILE B 201 -17.00 22.68 15.20
N SER B 202 -16.41 21.70 15.85
CA SER B 202 -16.32 21.68 17.33
C SER B 202 -15.54 22.93 17.78
N VAL B 203 -14.39 23.15 17.17
CA VAL B 203 -13.42 24.22 17.51
C VAL B 203 -14.05 25.57 17.18
N GLU B 204 -14.64 25.71 16.00
CA GLU B 204 -15.28 26.98 15.58
C GLU B 204 -16.40 27.33 16.57
N PHE B 205 -17.26 26.38 16.93
CA PHE B 205 -18.45 26.64 17.78
C PHE B 205 -18.01 26.92 19.21
N ALA B 206 -17.01 26.19 19.71
CA ALA B 206 -16.40 26.43 21.05
C ALA B 206 -16.06 27.92 21.18
N GLY B 207 -15.39 28.49 20.18
CA GLY B 207 -15.01 29.91 20.15
C GLY B 207 -16.24 30.79 20.16
N ILE B 208 -17.23 30.47 19.35
CA ILE B 208 -18.50 31.26 19.32
C ILE B 208 -19.11 31.25 20.73
N PHE B 209 -19.39 30.08 21.28
CA PHE B 209 -19.99 29.92 22.61
C PHE B 209 -19.13 30.63 23.65
N ASN B 210 -17.81 30.45 23.58
CA ASN B 210 -16.88 30.98 24.59
C ASN B 210 -17.01 32.50 24.73
N ALA B 211 -17.41 33.19 23.66
CA ALA B 211 -17.45 34.67 23.57
C ALA B 211 -18.84 35.20 23.95
N TYR B 212 -19.90 34.42 23.71
CA TYR B 212 -21.31 34.86 23.91
C TYR B 212 -21.84 34.27 25.22
N LYS B 213 -21.08 33.42 25.91
CA LYS B 213 -21.50 32.79 27.20
C LYS B 213 -21.82 33.89 28.21
N PRO B 214 -22.83 33.67 29.08
CA PRO B 214 -23.20 34.64 30.10
C PRO B 214 -22.20 34.58 31.24
N PRO B 215 -22.41 35.40 32.30
CA PRO B 215 -21.46 35.48 33.40
C PRO B 215 -21.32 34.09 34.07
N GLY B 216 -20.07 33.70 34.35
CA GLY B 216 -19.71 32.45 35.07
C GLY B 216 -19.90 31.25 34.17
N GLY B 217 -19.94 31.48 32.87
CA GLY B 217 -20.11 30.42 31.85
C GLY B 217 -18.79 29.73 31.62
N LYS B 218 -18.86 28.55 31.02
CA LYS B 218 -17.70 27.70 30.77
C LYS B 218 -17.98 26.91 29.49
N VAL B 219 -17.02 26.89 28.59
CA VAL B 219 -17.11 26.08 27.34
C VAL B 219 -16.11 24.96 27.50
N THR B 220 -16.55 23.73 27.27
CA THR B 220 -15.71 22.52 27.32
C THR B 220 -15.77 21.90 25.91
N LEU B 221 -14.59 21.62 25.35
CA LEU B 221 -14.46 20.83 24.11
C LEU B 221 -13.83 19.51 24.54
N CYS B 222 -14.41 18.36 24.12
CA CYS B 222 -13.85 17.00 24.37
C CYS B 222 -13.57 16.29 23.03
N TYR B 223 -12.47 15.56 22.95
CA TYR B 223 -12.07 14.78 21.76
C TYR B 223 -11.49 13.42 22.20
N ARG B 224 -11.97 12.33 21.58
CA ARG B 224 -11.68 10.91 21.91
C ARG B 224 -10.16 10.62 21.81
N ASN B 225 -9.43 11.37 21.00
CA ASN B 225 -7.98 11.16 20.74
C ASN B 225 -7.19 12.24 21.48
N ASN B 226 -5.89 12.33 21.20
CA ASN B 226 -4.91 12.97 22.09
C ASN B 226 -4.77 14.47 21.76
N LEU B 227 -5.09 14.88 20.53
CA LEU B 227 -4.72 16.20 19.97
C LEU B 227 -5.75 16.57 18.91
N ILE B 228 -6.43 17.70 19.07
CA ILE B 228 -7.57 18.09 18.19
C ILE B 228 -7.09 18.30 16.73
N LEU B 229 -8.04 18.32 15.78
CA LEU B 229 -7.81 18.77 14.37
C LEU B 229 -6.80 17.88 13.63
N ARG B 230 -7.06 16.57 13.63
CA ARG B 230 -6.37 15.59 12.76
C ARG B 230 -6.43 16.12 11.31
N GLY B 231 -5.35 15.91 10.54
CA GLY B 231 -5.28 16.34 9.14
C GLY B 231 -4.48 17.62 8.97
N PHE B 232 -4.50 18.50 9.98
CA PHE B 232 -3.78 19.79 9.95
C PHE B 232 -2.38 19.59 10.52
N ASP B 233 -1.56 20.64 10.40
CA ASP B 233 -0.11 20.59 10.73
C ASP B 233 0.00 20.49 12.26
N GLU B 234 0.89 19.62 12.74
CA GLU B 234 1.00 19.27 14.18
C GLU B 234 1.36 20.54 14.97
N THR B 235 2.29 21.36 14.45
CA THR B 235 2.65 22.62 15.15
C THR B 235 1.35 23.40 15.34
N ILE B 236 0.54 23.49 14.29
CA ILE B 236 -0.68 24.35 14.30
C ILE B 236 -1.71 23.73 15.25
N ARG B 237 -1.90 22.43 15.19
CA ARG B 237 -2.78 21.67 16.12
C ARG B 237 -2.38 21.98 17.57
N GLU B 238 -1.12 21.74 17.92
CA GLU B 238 -0.62 21.99 19.30
C GLU B 238 -0.94 23.45 19.66
N GLU B 239 -0.67 24.42 18.77
CA GLU B 239 -0.66 25.85 19.14
C GLU B 239 -2.09 26.32 19.36
N VAL B 240 -2.99 25.91 18.49
CA VAL B 240 -4.41 26.36 18.57
C VAL B 240 -5.02 25.75 19.83
N THR B 241 -4.47 24.63 20.32
CA THR B 241 -4.86 24.02 21.62
C THR B 241 -4.44 24.98 22.75
N LYS B 242 -3.20 25.46 22.76
CA LYS B 242 -2.76 26.47 23.76
C LYS B 242 -3.64 27.73 23.68
N GLN B 243 -4.06 28.12 22.48
CA GLN B 243 -4.70 29.44 22.25
C GLN B 243 -6.18 29.37 22.68
N LEU B 244 -6.81 28.23 22.45
CA LEU B 244 -8.18 27.95 22.95
C LEU B 244 -8.10 27.92 24.47
N THR B 245 -7.16 27.14 25.02
CA THR B 245 -6.86 27.06 26.47
C THR B 245 -6.67 28.48 27.02
N ALA B 246 -5.78 29.29 26.44
CA ALA B 246 -5.50 30.66 26.93
C ALA B 246 -6.77 31.55 26.94
N ASN B 247 -7.76 31.28 26.08
CA ASN B 247 -8.99 32.11 26.00
C ASN B 247 -10.10 31.55 26.91
N GLY B 248 -9.81 30.53 27.73
CA GLY B 248 -10.74 29.99 28.76
C GLY B 248 -11.64 28.86 28.26
N ILE B 249 -11.26 28.18 27.17
CA ILE B 249 -11.92 26.91 26.72
C ILE B 249 -11.19 25.74 27.40
N GLU B 250 -11.93 24.84 28.08
CA GLU B 250 -11.35 23.58 28.64
C GLU B 250 -11.37 22.55 27.52
N ILE B 251 -10.17 22.06 27.20
CA ILE B 251 -9.89 20.97 26.24
C ILE B 251 -9.77 19.66 27.02
N MET B 252 -10.71 18.73 26.84
CA MET B 252 -10.63 17.38 27.42
C MET B 252 -10.24 16.39 26.31
N THR B 253 -8.93 16.16 26.11
CA THR B 253 -8.43 15.13 25.17
C THR B 253 -8.53 13.76 25.82
N ASN B 254 -8.54 12.73 24.97
CA ASN B 254 -8.73 11.29 25.29
C ASN B 254 -9.97 11.11 26.15
N GLU B 255 -11.03 11.89 25.87
CA GLU B 255 -12.32 11.78 26.58
C GLU B 255 -13.43 11.60 25.54
N ASN B 256 -14.42 10.78 25.87
CA ASN B 256 -15.59 10.52 25.01
C ASN B 256 -16.86 10.26 25.82
N PRO B 257 -17.99 10.94 25.53
CA PRO B 257 -19.24 10.72 26.26
C PRO B 257 -19.78 9.29 26.09
N ALA B 258 -20.17 8.68 27.21
CA ALA B 258 -20.76 7.31 27.29
C ALA B 258 -22.28 7.44 27.41
N LYS B 259 -22.75 8.49 28.07
CA LYS B 259 -24.20 8.65 28.26
C LYS B 259 -24.50 10.07 28.75
N VAL B 260 -25.73 10.49 28.50
CA VAL B 260 -26.30 11.79 28.93
C VAL B 260 -27.64 11.48 29.59
N SER B 261 -27.89 12.04 30.77
CA SER B 261 -29.21 12.01 31.45
C SER B 261 -29.49 13.45 31.87
N LEU B 262 -30.74 13.78 32.14
CA LEU B 262 -31.15 15.07 32.71
C LEU B 262 -30.90 15.05 34.22
N ASN B 263 -30.38 16.14 34.78
CA ASN B 263 -30.44 16.41 36.23
C ASN B 263 -31.89 16.80 36.58
N THR B 264 -32.21 16.89 37.86
CA THR B 264 -33.60 17.18 38.29
C THR B 264 -33.91 18.63 37.91
N ASP B 265 -32.91 19.46 37.60
CA ASP B 265 -33.08 20.89 37.22
C ASP B 265 -33.13 21.07 35.68
N GLY B 266 -33.19 20.00 34.89
CA GLY B 266 -33.22 20.09 33.40
C GLY B 266 -31.84 20.16 32.76
N SER B 267 -30.78 20.44 33.53
CA SER B 267 -29.38 20.45 33.01
C SER B 267 -28.97 19.04 32.54
N LYS B 268 -27.82 18.90 31.86
CA LYS B 268 -27.34 17.61 31.31
C LYS B 268 -26.17 17.08 32.14
N HIS B 269 -26.29 15.82 32.55
CA HIS B 269 -25.23 15.05 33.21
C HIS B 269 -24.60 14.15 32.15
N VAL B 270 -23.38 14.49 31.75
CA VAL B 270 -22.54 13.70 30.79
C VAL B 270 -21.62 12.78 31.59
N THR B 271 -21.70 11.47 31.33
CA THR B 271 -20.74 10.47 31.84
C THR B 271 -19.79 10.12 30.68
N PHE B 272 -18.51 10.40 30.85
CA PHE B 272 -17.45 9.99 29.89
C PHE B 272 -17.17 8.49 30.07
N GLU B 273 -16.65 7.85 29.05
CA GLU B 273 -16.06 6.49 29.11
C GLU B 273 -15.17 6.33 30.35
N SER B 274 -14.44 7.36 30.78
CA SER B 274 -13.41 7.29 31.85
C SER B 274 -14.05 7.23 33.25
N GLY B 275 -15.33 7.59 33.38
CA GLY B 275 -16.03 7.69 34.66
C GLY B 275 -16.14 9.12 35.14
N LYS B 276 -15.51 10.05 34.42
CA LYS B 276 -15.60 11.49 34.76
C LYS B 276 -16.99 11.97 34.35
N THR B 277 -17.45 13.04 34.99
CA THR B 277 -18.79 13.62 34.78
C THR B 277 -18.63 15.12 34.57
N LEU B 278 -19.59 15.71 33.88
CA LEU B 278 -19.65 17.16 33.61
C LEU B 278 -21.12 17.55 33.53
N ASP B 279 -21.49 18.67 34.14
CA ASP B 279 -22.87 19.18 34.01
C ASP B 279 -22.81 20.33 33.01
N VAL B 280 -23.66 20.32 31.99
CA VAL B 280 -23.75 21.42 31.00
C VAL B 280 -25.23 21.68 30.69
N ASP B 281 -25.53 22.88 30.20
CA ASP B 281 -26.89 23.25 29.74
C ASP B 281 -27.05 22.80 28.29
N VAL B 282 -25.96 22.48 27.55
CA VAL B 282 -25.99 22.07 26.11
C VAL B 282 -24.80 21.15 25.76
N VAL B 283 -25.12 20.03 25.10
CA VAL B 283 -24.13 19.06 24.57
C VAL B 283 -24.28 19.08 23.05
N MET B 284 -23.36 19.75 22.37
CA MET B 284 -23.36 19.84 20.89
C MET B 284 -22.42 18.77 20.36
N MET B 285 -22.99 17.75 19.72
CA MET B 285 -22.25 16.70 18.99
C MET B 285 -21.78 17.26 17.66
N ALA B 286 -20.49 17.12 17.38
CA ALA B 286 -19.83 17.51 16.11
C ALA B 286 -18.71 16.51 15.88
N ILE B 287 -19.08 15.24 15.72
CA ILE B 287 -18.10 14.11 15.59
C ILE B 287 -17.94 13.73 14.10
N GLY B 288 -18.79 14.28 13.24
CA GLY B 288 -18.56 14.12 11.79
C GLY B 288 -19.83 14.40 11.02
N ARG B 289 -19.74 14.25 9.71
CA ARG B 289 -20.87 14.44 8.79
C ARG B 289 -20.88 13.27 7.83
N ILE B 290 -22.09 12.76 7.52
CA ILE B 290 -22.27 11.55 6.67
C ILE B 290 -23.07 11.90 5.43
N PRO B 291 -22.70 11.30 4.29
CA PRO B 291 -23.40 11.53 3.02
C PRO B 291 -24.90 11.28 3.19
N ARG B 292 -25.77 12.17 2.72
CA ARG B 292 -27.24 11.96 2.77
C ARG B 292 -27.70 11.13 1.57
N THR B 293 -27.73 9.80 1.72
CA THR B 293 -28.00 8.79 0.65
C THR B 293 -29.34 8.10 0.87
N ASN B 294 -29.74 7.96 2.13
CA ASN B 294 -30.97 7.23 2.53
C ASN B 294 -32.11 7.55 1.57
N ASP B 295 -32.41 8.83 1.40
CA ASP B 295 -33.76 9.30 0.99
C ASP B 295 -33.87 9.23 -0.54
N LEU B 296 -32.76 8.92 -1.21
CA LEU B 296 -32.62 8.97 -2.68
C LEU B 296 -33.21 7.70 -3.31
N GLN B 297 -33.43 6.65 -2.52
CA GLN B 297 -33.95 5.32 -2.99
C GLN B 297 -33.02 4.86 -4.11
N LEU B 298 -31.70 4.89 -3.88
CA LEU B 298 -30.66 4.54 -4.89
C LEU B 298 -30.83 3.10 -5.35
N GLY B 299 -31.29 2.20 -4.46
CA GLY B 299 -31.71 0.81 -4.76
C GLY B 299 -32.48 0.72 -6.07
N ASN B 300 -33.40 1.67 -6.34
CA ASN B 300 -34.28 1.58 -7.52
C ASN B 300 -33.46 1.51 -8.80
N VAL B 301 -32.24 2.03 -8.81
CA VAL B 301 -31.48 2.16 -10.10
C VAL B 301 -30.12 1.50 -9.94
N GLY B 302 -29.77 1.07 -8.73
CA GLY B 302 -28.53 0.33 -8.45
C GLY B 302 -27.31 1.21 -8.51
N VAL B 303 -27.38 2.44 -7.96
CA VAL B 303 -26.18 3.33 -7.84
C VAL B 303 -25.35 2.80 -6.68
N LYS B 304 -24.06 2.61 -6.90
CA LYS B 304 -23.14 1.90 -5.96
C LYS B 304 -22.62 2.92 -4.94
N LEU B 305 -22.73 2.59 -3.64
CA LEU B 305 -22.23 3.39 -2.50
C LEU B 305 -20.86 2.85 -2.12
N THR B 306 -19.96 3.64 -1.53
CA THR B 306 -18.61 3.16 -1.10
C THR B 306 -18.79 2.33 0.17
N PRO B 307 -17.75 1.55 0.56
CA PRO B 307 -17.68 0.99 1.90
C PRO B 307 -18.33 1.97 2.89
N LYS B 308 -17.80 3.21 2.95
CA LYS B 308 -18.12 4.23 4.00
C LYS B 308 -19.59 4.67 3.94
N GLY B 309 -20.19 4.76 2.75
CA GLY B 309 -21.61 5.13 2.61
C GLY B 309 -21.82 6.28 1.63
N GLY B 310 -20.73 6.74 0.99
CA GLY B 310 -20.73 7.82 -0.02
C GLY B 310 -21.08 7.29 -1.42
N VAL B 311 -21.60 8.13 -2.32
CA VAL B 311 -21.83 7.65 -3.70
C VAL B 311 -20.49 7.46 -4.41
N GLN B 312 -20.25 6.28 -4.96
CA GLN B 312 -18.96 5.99 -5.63
C GLN B 312 -18.97 6.80 -6.92
N VAL B 313 -17.89 7.56 -7.15
CA VAL B 313 -17.72 8.28 -8.44
C VAL B 313 -16.29 8.04 -8.95
N ASP B 314 -16.09 8.20 -10.25
CA ASP B 314 -14.77 8.24 -10.90
C ASP B 314 -14.36 9.72 -10.89
N GLU B 315 -13.26 10.06 -11.56
CA GLU B 315 -12.66 11.42 -11.59
C GLU B 315 -13.63 12.43 -12.23
N PHE B 316 -14.59 11.96 -13.03
CA PHE B 316 -15.49 12.85 -13.81
C PHE B 316 -16.88 12.91 -13.17
N SER B 317 -17.00 12.47 -11.90
CA SER B 317 -18.22 12.57 -11.04
C SER B 317 -19.28 11.53 -11.46
N ARG B 318 -18.88 10.50 -12.22
CA ARG B 318 -19.84 9.54 -12.86
C ARG B 318 -19.96 8.31 -11.97
N THR B 319 -21.18 7.95 -11.57
CA THR B 319 -21.51 6.72 -10.80
C THR B 319 -21.41 5.54 -11.77
N ASN B 320 -21.79 4.33 -11.35
CA ASN B 320 -21.73 3.11 -12.19
C ASN B 320 -22.90 3.08 -13.19
N VAL B 321 -23.95 3.88 -12.96
CA VAL B 321 -25.03 4.13 -13.95
C VAL B 321 -24.61 5.33 -14.77
N PRO B 322 -24.45 5.22 -16.12
CA PRO B 322 -23.98 6.36 -16.91
C PRO B 322 -25.23 7.24 -16.95
N ASN B 323 -25.08 8.56 -16.95
CA ASN B 323 -26.21 9.55 -16.94
C ASN B 323 -26.62 9.87 -15.48
N ILE B 324 -26.03 9.20 -14.49
CA ILE B 324 -26.21 9.54 -13.05
C ILE B 324 -24.85 9.88 -12.44
N TYR B 325 -24.75 11.07 -11.87
CA TYR B 325 -23.52 11.69 -11.34
C TYR B 325 -23.77 12.12 -9.88
N ALA B 326 -22.69 12.23 -9.12
CA ALA B 326 -22.67 12.70 -7.71
C ALA B 326 -21.51 13.70 -7.53
N ILE B 327 -21.76 14.83 -6.86
CA ILE B 327 -20.71 15.84 -6.45
C ILE B 327 -20.93 16.30 -5.01
N GLY B 328 -19.89 16.94 -4.43
CA GLY B 328 -19.91 17.50 -3.07
C GLY B 328 -19.95 16.42 -2.02
N ASP B 329 -20.55 16.70 -0.86
CA ASP B 329 -20.40 15.90 0.39
C ASP B 329 -21.01 14.51 0.21
N ILE B 330 -21.80 14.27 -0.83
CA ILE B 330 -22.43 12.93 -1.01
C ILE B 330 -21.35 11.95 -1.47
N THR B 331 -20.26 12.44 -2.06
CA THR B 331 -19.11 11.58 -2.47
C THR B 331 -18.15 11.30 -1.30
N ASP B 332 -18.37 11.92 -0.14
CA ASP B 332 -17.67 11.66 1.14
C ASP B 332 -16.14 11.65 0.98
N ARG B 333 -15.60 12.76 0.44
CA ARG B 333 -14.16 13.06 0.22
C ARG B 333 -13.90 14.39 0.95
N LEU B 334 -13.38 15.44 0.27
CA LEU B 334 -13.21 16.80 0.82
C LEU B 334 -14.59 17.46 0.90
N MET B 335 -14.99 17.81 2.13
CA MET B 335 -16.34 18.31 2.42
C MET B 335 -16.27 19.83 2.54
N LEU B 336 -16.08 20.49 1.39
CA LEU B 336 -15.90 21.96 1.23
C LEU B 336 -16.84 22.47 0.12
N THR B 337 -17.34 23.70 0.28
CA THR B 337 -18.17 24.40 -0.72
C THR B 337 -17.38 24.50 -2.03
N PRO B 338 -16.22 25.17 -2.09
CA PRO B 338 -15.54 25.42 -3.37
C PRO B 338 -15.16 24.15 -4.15
N VAL B 339 -15.00 23.03 -3.45
CA VAL B 339 -14.77 21.70 -4.07
C VAL B 339 -16.06 21.20 -4.69
N ALA B 340 -17.19 21.29 -3.97
CA ALA B 340 -18.54 21.02 -4.49
C ALA B 340 -18.77 21.84 -5.77
N ILE B 341 -18.38 23.10 -5.76
CA ILE B 341 -18.60 24.09 -6.85
C ILE B 341 -17.76 23.72 -8.07
N ASN B 342 -16.46 23.49 -7.86
CA ASN B 342 -15.51 23.11 -8.93
C ASN B 342 -15.98 21.80 -9.58
N GLU B 343 -16.44 20.82 -8.79
CA GLU B 343 -16.86 19.48 -9.31
C GLU B 343 -18.08 19.64 -10.23
N GLY B 344 -19.05 20.46 -9.80
CA GLY B 344 -20.29 20.74 -10.53
C GLY B 344 -19.99 21.42 -11.85
N ALA B 345 -19.16 22.45 -11.84
CA ALA B 345 -18.72 23.17 -13.05
C ALA B 345 -17.95 22.23 -13.97
N ALA B 346 -17.03 21.41 -13.44
CA ALA B 346 -16.23 20.46 -14.25
C ALA B 346 -17.19 19.44 -14.89
N LEU B 347 -18.19 18.99 -14.14
CA LEU B 347 -19.16 17.97 -14.61
C LEU B 347 -19.94 18.57 -15.80
N VAL B 348 -20.41 19.80 -15.69
CA VAL B 348 -21.25 20.44 -16.74
C VAL B 348 -20.40 20.72 -17.99
N ASP B 349 -19.17 21.21 -17.85
CA ASP B 349 -18.30 21.46 -19.02
C ASP B 349 -18.08 20.13 -19.76
N THR B 350 -18.05 19.01 -19.03
CA THR B 350 -17.71 17.67 -19.57
C THR B 350 -18.92 17.08 -20.30
N VAL B 351 -20.09 17.12 -19.66
CA VAL B 351 -21.35 16.50 -20.16
C VAL B 351 -21.98 17.37 -21.26
N PHE B 352 -21.91 18.71 -21.19
CA PHE B 352 -22.77 19.65 -21.97
C PHE B 352 -21.95 20.63 -22.82
N GLY B 353 -20.79 21.07 -22.33
CA GLY B 353 -19.75 21.68 -23.18
C GLY B 353 -19.03 20.55 -23.88
N ASN B 354 -18.03 20.82 -24.70
CA ASN B 354 -17.09 19.74 -25.07
C ASN B 354 -15.69 20.23 -24.73
N LYS B 355 -15.47 20.44 -23.43
CA LYS B 355 -14.14 20.66 -22.79
C LYS B 355 -14.08 19.76 -21.56
N PRO B 356 -13.94 18.42 -21.73
CA PRO B 356 -13.82 17.49 -20.61
C PRO B 356 -12.76 17.95 -19.59
N ARG B 357 -13.08 17.87 -18.30
CA ARG B 357 -12.23 18.40 -17.20
C ARG B 357 -12.54 17.65 -15.90
N LYS B 358 -11.50 17.32 -15.15
CA LYS B 358 -11.62 16.62 -13.84
C LYS B 358 -11.17 17.59 -12.75
N THR B 359 -11.98 17.80 -11.71
CA THR B 359 -11.58 18.56 -10.50
C THR B 359 -10.22 18.04 -10.02
N ASP B 360 -9.29 18.94 -9.71
CA ASP B 360 -8.02 18.60 -8.99
C ASP B 360 -8.25 18.65 -7.49
N HIS B 361 -8.21 17.51 -6.82
CA HIS B 361 -8.43 17.35 -5.35
C HIS B 361 -7.17 17.59 -4.52
N THR B 362 -6.01 17.86 -5.14
CA THR B 362 -4.72 18.16 -4.45
C THR B 362 -4.55 19.68 -4.33
N ARG B 363 -3.69 20.14 -3.42
CA ARG B 363 -3.32 21.57 -3.32
C ARG B 363 -4.59 22.44 -3.18
N VAL B 364 -5.59 21.94 -2.47
CA VAL B 364 -6.85 22.69 -2.16
C VAL B 364 -6.63 23.50 -0.89
N ALA B 365 -6.68 24.82 -1.00
CA ALA B 365 -6.59 25.75 0.13
C ALA B 365 -7.91 25.71 0.90
N SER B 366 -7.80 25.66 2.24
CA SER B 366 -8.93 25.61 3.19
C SER B 366 -8.54 26.39 4.45
N ALA B 367 -9.51 26.70 5.31
CA ALA B 367 -9.34 27.53 6.51
C ALA B 367 -10.09 26.89 7.68
N VAL B 368 -9.70 27.28 8.88
CA VAL B 368 -10.47 27.00 10.12
C VAL B 368 -10.59 28.35 10.84
N PHE B 369 -11.83 28.79 11.10
CA PHE B 369 -12.12 30.11 11.73
C PHE B 369 -12.17 29.95 13.25
N SER B 370 -11.16 29.23 13.75
CA SER B 370 -10.69 29.29 15.15
C SER B 370 -10.35 30.77 15.37
N ILE B 371 -10.20 31.20 16.62
CA ILE B 371 -9.67 32.54 17.00
C ILE B 371 -8.36 32.28 17.76
N PRO B 372 -7.18 32.43 17.10
CA PRO B 372 -7.08 32.98 15.74
C PRO B 372 -7.13 31.87 14.67
N PRO B 373 -7.36 32.20 13.38
CA PRO B 373 -7.72 31.18 12.38
C PRO B 373 -6.53 30.47 11.73
N ILE B 374 -6.83 29.34 11.09
CA ILE B 374 -5.88 28.49 10.32
C ILE B 374 -6.08 28.75 8.84
N GLY B 375 -4.98 28.81 8.09
CA GLY B 375 -5.00 28.78 6.61
C GLY B 375 -3.98 27.77 6.12
N THR B 376 -4.39 26.90 5.21
CA THR B 376 -3.61 25.71 4.83
C THR B 376 -3.85 25.39 3.35
N CYS B 377 -2.80 24.91 2.68
CA CYS B 377 -2.87 24.40 1.30
C CYS B 377 -1.76 23.38 1.11
N GLY B 378 -2.14 22.16 0.75
CA GLY B 378 -1.23 21.10 0.32
C GLY B 378 -0.90 20.17 1.45
N LEU B 379 0.28 19.54 1.38
CA LEU B 379 0.63 18.40 2.25
C LEU B 379 1.16 18.95 3.58
N ILE B 380 0.76 18.31 4.68
CA ILE B 380 1.44 18.42 6.00
C ILE B 380 2.73 17.61 5.89
N GLU B 381 3.74 17.93 6.68
CA GLU B 381 5.12 17.42 6.47
C GLU B 381 5.18 15.89 6.59
N GLU B 382 4.42 15.28 7.51
CA GLU B 382 4.48 13.82 7.74
C GLU B 382 3.86 13.08 6.54
N VAL B 383 2.83 13.61 5.88
CA VAL B 383 2.28 13.02 4.63
C VAL B 383 3.37 13.14 3.54
N ALA B 384 3.96 14.32 3.36
CA ALA B 384 5.06 14.57 2.41
C ALA B 384 6.21 13.57 2.64
N ALA B 385 6.59 13.38 3.91
CA ALA B 385 7.78 12.60 4.33
C ALA B 385 7.66 11.15 3.84
N LYS B 386 6.44 10.66 3.62
CA LYS B 386 6.15 9.26 3.17
C LYS B 386 6.13 9.15 1.64
N GLU B 387 6.09 10.25 0.88
CA GLU B 387 5.98 10.23 -0.60
C GLU B 387 7.26 10.74 -1.26
N PHE B 388 8.07 11.55 -0.58
CA PHE B 388 9.31 12.16 -1.14
C PHE B 388 10.50 11.79 -0.26
N GLU B 389 11.60 11.34 -0.87
CA GLU B 389 12.80 10.85 -0.14
C GLU B 389 13.34 11.96 0.79
N LYS B 390 13.34 13.24 0.35
CA LYS B 390 13.89 14.40 1.12
C LYS B 390 12.86 15.53 1.19
N VAL B 391 12.28 15.76 2.37
CA VAL B 391 11.34 16.89 2.64
C VAL B 391 12.10 17.93 3.43
N ALA B 392 11.99 19.21 3.05
CA ALA B 392 12.44 20.36 3.86
C ALA B 392 11.23 21.07 4.48
N VAL B 393 11.38 21.52 5.73
CA VAL B 393 10.37 22.33 6.46
C VAL B 393 10.99 23.69 6.78
N TYR B 394 10.36 24.75 6.27
CA TYR B 394 10.61 26.16 6.63
C TYR B 394 9.54 26.58 7.64
N MET B 395 9.99 26.94 8.84
CA MET B 395 9.11 27.35 9.96
C MET B 395 9.53 28.76 10.38
N SER B 396 8.55 29.62 10.59
CA SER B 396 8.69 30.92 11.31
C SER B 396 7.50 31.04 12.28
N SER B 397 7.81 31.30 13.55
CA SER B 397 6.84 31.53 14.64
C SER B 397 7.32 32.68 15.52
N PHE B 398 6.43 33.56 15.90
CA PHE B 398 6.74 34.79 16.68
C PHE B 398 5.43 35.26 17.30
N THR B 399 5.52 36.09 18.33
CA THR B 399 4.39 36.90 18.83
C THR B 399 4.35 38.14 17.97
N PRO B 400 3.22 38.44 17.27
CA PRO B 400 3.08 39.68 16.54
C PRO B 400 3.30 40.84 17.51
N LEU B 401 4.04 41.87 17.08
CA LEU B 401 4.32 43.07 17.89
C LEU B 401 3.00 43.60 18.45
N MET B 402 1.93 43.58 17.66
CA MET B 402 0.66 44.21 18.09
C MET B 402 0.16 43.52 19.36
N HIS B 403 0.55 42.27 19.62
CA HIS B 403 0.00 41.47 20.75
C HIS B 403 0.91 41.62 21.98
N ASN B 404 2.10 42.20 21.83
CA ASN B 404 2.92 42.67 22.99
C ASN B 404 2.21 43.85 23.63
N ILE B 405 1.52 44.65 22.82
CA ILE B 405 0.74 45.82 23.29
C ILE B 405 -0.65 45.37 23.73
N SER B 406 -1.31 44.49 22.96
CA SER B 406 -2.71 44.05 23.19
C SER B 406 -2.80 43.29 24.51
N GLY B 407 -1.74 42.54 24.84
CA GLY B 407 -1.66 41.70 26.07
C GLY B 407 -1.93 40.23 25.75
N SER B 408 -2.20 39.90 24.49
CA SER B 408 -2.47 38.52 24.01
C SER B 408 -1.15 37.89 23.56
N LYS B 409 -0.12 37.95 24.40
CA LYS B 409 1.21 37.34 24.11
C LYS B 409 1.04 35.92 23.54
N TYR B 410 0.03 35.18 24.00
CA TYR B 410 -0.23 33.76 23.65
C TYR B 410 -0.60 33.54 22.17
N LYS B 411 -0.92 34.59 21.42
CA LYS B 411 -1.34 34.44 20.00
C LYS B 411 -0.08 34.38 19.14
N LYS B 412 0.56 33.22 19.11
CA LYS B 412 1.70 32.92 18.22
C LYS B 412 1.19 32.82 16.77
N PHE B 413 1.65 33.71 15.89
CA PHE B 413 1.66 33.48 14.42
C PHE B 413 2.64 32.35 14.12
N VAL B 414 2.22 31.39 13.30
CA VAL B 414 3.06 30.27 12.79
C VAL B 414 2.92 30.25 11.27
N ALA B 415 4.05 30.18 10.55
CA ALA B 415 4.06 30.07 9.08
C ALA B 415 5.02 28.95 8.68
N LYS B 416 4.53 27.99 7.90
CA LYS B 416 5.29 26.76 7.61
C LYS B 416 5.17 26.44 6.10
N ILE B 417 6.31 26.21 5.47
CA ILE B 417 6.40 25.78 4.06
C ILE B 417 7.09 24.43 4.05
N VAL B 418 6.47 23.47 3.37
CA VAL B 418 6.94 22.07 3.23
C VAL B 418 7.34 21.94 1.76
N THR B 419 8.54 21.46 1.48
CA THR B 419 9.08 21.34 0.10
C THR B 419 9.61 19.95 -0.15
N ASN B 420 9.54 19.54 -1.41
CA ASN B 420 10.37 18.46 -1.96
C ASN B 420 11.79 19.03 -2.08
N HIS B 421 12.68 18.72 -1.15
CA HIS B 421 14.03 19.36 -1.09
C HIS B 421 14.87 18.97 -2.31
N SER B 422 14.60 17.84 -2.96
CA SER B 422 15.28 17.42 -4.21
C SER B 422 15.20 18.53 -5.27
N ASP B 423 14.07 19.25 -5.38
CA ASP B 423 13.83 20.22 -6.49
C ASP B 423 13.15 21.51 -6.01
N GLY B 424 12.96 21.72 -4.71
CA GLY B 424 12.39 22.97 -4.16
C GLY B 424 10.88 23.15 -4.33
N THR B 425 10.15 22.24 -4.97
CA THR B 425 8.68 22.39 -5.22
C THR B 425 7.95 22.57 -3.89
N VAL B 426 7.13 23.60 -3.73
CA VAL B 426 6.27 23.74 -2.51
C VAL B 426 5.17 22.68 -2.58
N LEU B 427 5.21 21.77 -1.62
CA LEU B 427 4.22 20.70 -1.42
C LEU B 427 3.06 21.22 -0.57
N GLY B 428 3.35 22.13 0.37
CA GLY B 428 2.38 22.50 1.41
C GLY B 428 2.78 23.73 2.18
N VAL B 429 1.77 24.52 2.58
CA VAL B 429 1.93 25.83 3.27
C VAL B 429 0.87 25.89 4.37
N HIS B 430 1.28 26.20 5.60
CA HIS B 430 0.38 26.19 6.78
C HIS B 430 0.60 27.46 7.61
N LEU B 431 -0.53 28.09 7.99
CA LEU B 431 -0.59 29.41 8.65
C LEU B 431 -1.54 29.34 9.84
N LEU B 432 -1.13 29.96 10.95
CA LEU B 432 -1.92 30.14 12.17
C LEU B 432 -1.76 31.59 12.56
N GLY B 433 -2.88 32.32 12.69
CA GLY B 433 -2.94 33.72 13.12
C GLY B 433 -3.84 34.57 12.23
N ASP B 434 -3.82 35.87 12.46
CA ASP B 434 -4.77 36.83 11.83
C ASP B 434 -4.47 36.89 10.33
N GLY B 435 -5.51 36.78 9.52
CA GLY B 435 -5.42 36.89 8.04
C GLY B 435 -4.90 35.63 7.38
N ALA B 436 -4.73 34.53 8.13
CA ALA B 436 -4.23 33.25 7.56
C ALA B 436 -5.15 32.81 6.41
N PRO B 437 -6.49 32.87 6.54
CA PRO B 437 -7.38 32.45 5.47
C PRO B 437 -7.37 33.36 4.22
N GLU B 438 -7.05 34.65 4.37
CA GLU B 438 -6.93 35.58 3.23
C GLU B 438 -5.53 35.43 2.62
N ILE B 439 -4.51 35.15 3.44
CA ILE B 439 -3.12 34.95 2.94
C ILE B 439 -3.11 33.73 2.04
N ILE B 440 -3.80 32.66 2.45
CA ILE B 440 -3.59 31.31 1.84
C ILE B 440 -4.23 31.21 0.43
N GLN B 441 -5.18 32.08 0.04
CA GLN B 441 -5.92 31.89 -1.23
C GLN B 441 -4.94 31.96 -2.41
N ALA B 442 -4.24 33.08 -2.53
CA ALA B 442 -3.21 33.31 -3.58
C ALA B 442 -2.14 32.20 -3.54
N VAL B 443 -1.87 31.65 -2.36
CA VAL B 443 -0.87 30.55 -2.16
C VAL B 443 -1.37 29.31 -2.90
N GLY B 444 -2.69 29.17 -2.96
CA GLY B 444 -3.35 28.14 -3.79
C GLY B 444 -2.96 28.27 -5.25
N VAL B 445 -2.87 29.49 -5.77
CA VAL B 445 -2.70 29.73 -7.23
C VAL B 445 -1.24 29.37 -7.53
N CYS B 446 -0.34 29.77 -6.63
CA CYS B 446 1.11 29.47 -6.65
C CYS B 446 1.34 27.97 -6.83
N LEU B 447 0.77 27.17 -5.93
CA LEU B 447 0.93 25.69 -5.90
C LEU B 447 0.36 25.08 -7.20
N ARG B 448 -0.82 25.51 -7.67
CA ARG B 448 -1.33 25.07 -9.00
C ARG B 448 -0.30 25.41 -10.09
N LEU B 449 0.56 26.41 -9.87
CA LEU B 449 1.59 26.81 -10.85
C LEU B 449 2.95 26.19 -10.50
N ASN B 450 2.98 25.23 -9.58
CA ASN B 450 4.20 24.50 -9.12
C ASN B 450 5.27 25.49 -8.65
N ALA B 451 4.92 26.44 -7.80
CA ALA B 451 5.86 27.38 -7.17
C ALA B 451 6.95 26.54 -6.48
N LYS B 452 8.21 26.97 -6.56
CA LYS B 452 9.34 26.37 -5.78
C LYS B 452 9.62 27.30 -4.59
N ILE B 453 10.46 26.90 -3.63
CA ILE B 453 10.70 27.76 -2.44
C ILE B 453 11.41 29.04 -2.90
N SER B 454 12.30 28.97 -3.89
CA SER B 454 13.00 30.16 -4.48
C SER B 454 12.00 31.11 -5.17
N ASP B 455 10.93 30.64 -5.80
CA ASP B 455 9.90 31.56 -6.34
C ASP B 455 9.33 32.41 -5.18
N PHE B 456 9.15 31.82 -4.00
CA PHE B 456 8.69 32.53 -2.78
C PHE B 456 9.73 33.51 -2.21
N TYR B 457 11.02 33.11 -2.01
CA TYR B 457 12.00 33.96 -1.28
CA TYR B 457 12.03 33.94 -1.31
C TYR B 457 12.47 35.09 -2.21
N ASN B 458 12.35 34.90 -3.53
CA ASN B 458 12.76 35.90 -4.55
C ASN B 458 11.67 36.97 -4.73
N THR B 459 10.43 36.70 -4.32
CA THR B 459 9.35 37.71 -4.31
C THR B 459 9.60 38.67 -3.14
N ILE B 460 9.41 39.98 -3.37
CA ILE B 460 9.66 41.05 -2.38
C ILE B 460 8.49 41.14 -1.39
N GLY B 461 8.76 41.11 -0.08
CA GLY B 461 7.71 41.29 0.95
C GLY B 461 6.84 42.52 0.71
N VAL B 462 5.59 42.50 1.18
CA VAL B 462 4.81 43.71 1.55
C VAL B 462 5.02 43.90 3.04
N HIS B 463 5.53 45.04 3.45
CA HIS B 463 5.92 45.27 4.86
C HIS B 463 5.09 46.43 5.40
N PRO B 464 4.54 46.40 6.63
CA PRO B 464 4.58 45.26 7.54
C PRO B 464 3.32 44.37 7.48
N THR B 465 3.54 43.08 7.29
CA THR B 465 2.45 42.07 7.16
C THR B 465 2.92 40.77 7.79
N SER B 466 2.00 39.91 8.17
CA SER B 466 2.30 38.51 8.53
C SER B 466 2.75 37.75 7.29
N ALA B 467 2.05 38.01 6.19
CA ALA B 467 2.21 37.35 4.88
C ALA B 467 3.69 37.30 4.45
N GLU B 468 4.46 38.36 4.73
CA GLU B 468 5.87 38.53 4.26
C GLU B 468 6.79 37.44 4.85
N GLU B 469 6.38 36.79 5.94
CA GLU B 469 7.14 35.64 6.47
C GLU B 469 7.35 34.61 5.35
N LEU B 470 6.37 34.43 4.46
CA LEU B 470 6.40 33.38 3.40
C LEU B 470 7.47 33.69 2.33
N CYS B 471 7.91 34.94 2.17
CA CYS B 471 8.94 35.34 1.18
C CYS B 471 10.29 35.62 1.88
N SER B 472 10.46 35.10 3.11
CA SER B 472 11.62 35.37 4.00
C SER B 472 12.30 34.08 4.47
N MET B 473 11.79 32.90 4.11
CA MET B 473 12.47 31.65 4.53
C MET B 473 13.34 31.16 3.39
N ARG B 474 14.65 31.20 3.62
CA ARG B 474 15.74 30.81 2.68
CA ARG B 474 15.69 30.76 2.64
C ARG B 474 16.35 29.47 3.13
N THR B 475 16.43 29.26 4.45
CA THR B 475 17.10 28.06 5.05
C THR B 475 16.09 27.15 5.75
N PRO B 476 16.01 25.86 5.37
CA PRO B 476 15.15 24.93 6.07
C PRO B 476 15.56 24.86 7.54
N SER B 477 14.56 24.88 8.41
CA SER B 477 14.64 24.72 9.88
C SER B 477 14.95 23.25 10.22
N TYR B 478 14.35 22.30 9.49
CA TYR B 478 14.69 20.86 9.58
C TYR B 478 14.31 20.21 8.24
N TYR B 479 14.46 18.88 8.20
CA TYR B 479 14.26 18.03 7.01
C TYR B 479 13.65 16.71 7.50
N TYR B 480 13.04 15.95 6.60
CA TYR B 480 12.77 14.50 6.76
C TYR B 480 13.54 13.76 5.67
N VAL B 481 14.39 12.79 6.03
CA VAL B 481 15.14 11.96 5.04
C VAL B 481 14.75 10.49 5.25
N LYS B 482 14.13 9.90 4.22
CA LYS B 482 13.62 8.50 4.19
C LYS B 482 12.54 8.34 5.28
N GLY B 483 11.85 9.44 5.60
CA GLY B 483 10.74 9.48 6.57
C GLY B 483 11.19 9.84 7.98
N GLU B 484 12.46 10.19 8.20
CA GLU B 484 13.07 10.41 9.55
C GLU B 484 13.49 11.87 9.75
N LYS B 485 13.00 12.53 10.80
CA LYS B 485 13.27 13.97 11.11
C LYS B 485 14.72 14.15 11.61
N MET B 486 15.37 15.25 11.21
CA MET B 486 16.76 15.64 11.60
C MET B 486 16.99 17.13 11.29
N GLU B 487 17.55 17.89 12.23
CA GLU B 487 17.92 19.33 12.06
C GLU B 487 18.69 19.51 10.75
N LYS B 488 19.63 18.59 10.43
CA LYS B 488 20.59 18.74 9.30
C LYS B 488 20.56 17.54 8.34
N LEU B 489 21.04 17.77 7.11
CA LEU B 489 21.41 16.76 6.08
C LEU B 489 22.72 16.08 6.50
N PRO B 490 22.93 14.75 6.26
CA PRO B 490 24.20 14.09 6.58
C PRO B 490 25.43 14.79 5.98
N MET C 3 -40.37 -50.13 14.62
CA MET C 3 -39.30 -49.10 14.67
C MET C 3 -39.29 -48.33 13.35
N SER C 4 -39.24 -49.03 12.20
CA SER C 4 -39.11 -48.43 10.85
C SER C 4 -39.54 -49.45 9.79
N LYS C 5 -38.61 -50.29 9.33
CA LYS C 5 -38.85 -51.39 8.35
C LYS C 5 -39.09 -50.84 6.92
N ALA C 6 -39.07 -49.52 6.72
CA ALA C 6 -39.42 -48.87 5.44
C ALA C 6 -38.49 -47.66 5.20
N PHE C 7 -37.77 -47.67 4.08
CA PHE C 7 -36.66 -46.73 3.76
C PHE C 7 -36.78 -46.24 2.32
N ASP C 8 -36.25 -45.04 2.10
CA ASP C 8 -36.03 -44.43 0.76
C ASP C 8 -34.96 -45.26 0.02
N LEU C 9 -33.89 -45.67 0.72
CA LEU C 9 -32.75 -46.43 0.13
C LEU C 9 -32.33 -47.58 1.04
N VAL C 10 -32.31 -48.80 0.50
CA VAL C 10 -31.60 -49.97 1.10
C VAL C 10 -30.36 -50.25 0.25
N VAL C 11 -29.19 -50.17 0.89
CA VAL C 11 -27.89 -50.59 0.29
C VAL C 11 -27.61 -52.01 0.77
N ILE C 12 -27.36 -52.93 -0.16
CA ILE C 12 -26.81 -54.27 0.21
C ILE C 12 -25.30 -54.20 0.01
N GLY C 13 -24.56 -54.05 1.12
CA GLY C 13 -23.08 -54.03 1.18
C GLY C 13 -22.50 -52.72 1.73
N ALA C 14 -21.94 -52.73 2.94
CA ALA C 14 -21.43 -51.54 3.68
C ALA C 14 -19.95 -51.31 3.38
N GLY C 15 -19.66 -51.01 2.11
CA GLY C 15 -18.29 -50.90 1.57
C GLY C 15 -18.05 -49.59 0.87
N SER C 16 -16.88 -49.44 0.26
CA SER C 16 -16.40 -48.19 -0.36
C SER C 16 -17.57 -47.50 -1.06
N GLY C 17 -18.31 -48.20 -1.92
CA GLY C 17 -19.40 -47.64 -2.72
C GLY C 17 -20.68 -47.46 -1.91
N GLY C 18 -21.07 -48.49 -1.18
CA GLY C 18 -22.31 -48.54 -0.39
C GLY C 18 -22.34 -47.47 0.70
N LEU C 19 -21.27 -47.33 1.48
CA LEU C 19 -21.24 -46.30 2.57
C LEU C 19 -21.20 -44.89 1.95
N GLU C 20 -20.52 -44.70 0.83
CA GLU C 20 -20.54 -43.38 0.11
C GLU C 20 -21.98 -43.09 -0.34
N ALA C 21 -22.66 -44.08 -0.94
CA ALA C 21 -24.07 -43.99 -1.39
C ALA C 21 -24.98 -43.68 -0.20
N GLY C 22 -24.88 -44.51 0.84
CA GLY C 22 -25.63 -44.39 2.11
C GLY C 22 -25.46 -43.02 2.74
N TRP C 23 -24.27 -42.73 3.27
CA TRP C 23 -23.99 -41.48 4.04
C TRP C 23 -24.39 -40.23 3.23
N ASN C 24 -24.24 -40.24 1.90
CA ASN C 24 -24.66 -39.09 1.05
C ASN C 24 -26.20 -39.03 0.97
N ALA C 25 -26.90 -40.17 0.92
CA ALA C 25 -28.38 -40.22 0.78
C ALA C 25 -29.03 -39.66 2.06
N ALA C 26 -28.46 -39.99 3.22
CA ALA C 26 -28.94 -39.60 4.56
C ALA C 26 -28.58 -38.14 4.90
N THR C 27 -27.32 -37.73 4.72
CA THR C 27 -26.79 -36.46 5.30
C THR C 27 -26.88 -35.29 4.32
N LEU C 28 -27.04 -35.55 3.01
CA LEU C 28 -27.06 -34.49 1.96
C LEU C 28 -28.46 -34.34 1.36
N TYR C 29 -29.42 -35.19 1.75
CA TYR C 29 -30.78 -35.19 1.16
C TYR C 29 -31.84 -35.65 2.18
N GLY C 30 -31.47 -35.82 3.47
CA GLY C 30 -32.39 -36.04 4.61
C GLY C 30 -33.16 -37.37 4.55
N LYS C 31 -32.87 -38.23 3.58
CA LYS C 31 -33.62 -39.49 3.32
C LYS C 31 -33.26 -40.51 4.41
N ARG C 32 -34.12 -41.51 4.63
CA ARG C 32 -33.89 -42.62 5.59
C ARG C 32 -33.25 -43.80 4.86
N VAL C 33 -32.09 -44.25 5.35
CA VAL C 33 -31.18 -45.22 4.68
C VAL C 33 -31.01 -46.45 5.57
N ALA C 34 -31.07 -47.64 4.97
CA ALA C 34 -30.62 -48.93 5.54
C ALA C 34 -29.38 -49.44 4.77
N VAL C 35 -28.37 -49.88 5.51
CA VAL C 35 -27.09 -50.46 5.00
C VAL C 35 -26.97 -51.84 5.62
N VAL C 36 -26.91 -52.88 4.79
CA VAL C 36 -26.73 -54.30 5.24
C VAL C 36 -25.28 -54.70 4.95
N ASP C 37 -24.61 -55.28 5.94
CA ASP C 37 -23.36 -56.06 5.75
C ASP C 37 -23.39 -57.23 6.73
N VAL C 38 -22.45 -58.18 6.58
CA VAL C 38 -22.48 -59.56 7.13
C VAL C 38 -21.66 -59.67 8.43
N GLN C 39 -20.90 -58.64 8.79
CA GLN C 39 -19.91 -58.69 9.89
C GLN C 39 -19.58 -57.24 10.27
N THR C 40 -19.34 -56.97 11.56
CA THR C 40 -19.15 -55.60 12.08
C THR C 40 -17.65 -55.26 12.08
N SER C 41 -16.78 -56.25 12.12
CA SER C 41 -15.31 -56.06 12.18
C SER C 41 -14.61 -57.04 11.23
N HIS C 42 -13.35 -56.78 10.90
CA HIS C 42 -12.58 -57.53 9.86
C HIS C 42 -12.37 -58.99 10.26
N GLY C 43 -12.04 -59.83 9.26
CA GLY C 43 -11.34 -61.11 9.45
C GLY C 43 -12.27 -62.30 9.23
N PRO C 44 -11.78 -63.54 9.45
CA PRO C 44 -12.62 -64.72 9.26
C PRO C 44 -13.80 -64.65 10.23
N PRO C 45 -14.98 -65.17 9.84
CA PRO C 45 -15.11 -66.05 8.68
C PRO C 45 -15.42 -65.44 7.30
N PHE C 46 -15.83 -64.17 7.23
CA PHE C 46 -16.37 -63.59 5.97
C PHE C 46 -15.39 -62.55 5.41
N TYR C 47 -14.37 -62.17 6.20
CA TYR C 47 -13.20 -61.36 5.79
C TYR C 47 -13.65 -59.90 5.55
N ALA C 48 -14.34 -59.63 4.45
CA ALA C 48 -15.03 -58.33 4.25
C ALA C 48 -16.06 -58.18 5.34
N ALA C 49 -16.59 -56.98 5.48
CA ALA C 49 -17.34 -56.53 6.66
C ALA C 49 -17.51 -55.03 6.54
N LEU C 50 -18.20 -54.43 7.49
CA LEU C 50 -18.43 -52.96 7.59
C LEU C 50 -17.13 -52.23 7.20
N GLY C 51 -17.22 -51.25 6.30
CA GLY C 51 -16.05 -50.60 5.68
C GLY C 51 -15.82 -51.12 4.28
N GLY C 52 -15.98 -52.44 4.08
CA GLY C 52 -15.90 -53.11 2.78
C GLY C 52 -14.54 -53.75 2.58
N THR C 53 -14.20 -54.09 1.34
CA THR C 53 -13.02 -54.93 1.02
C THR C 53 -11.73 -54.14 1.26
N CYS C 54 -11.74 -52.85 0.97
CA CYS C 54 -10.57 -51.94 1.00
C CYS C 54 -10.09 -51.80 2.44
N VAL C 55 -11.03 -51.47 3.32
CA VAL C 55 -10.82 -51.28 4.79
C VAL C 55 -10.28 -52.56 5.38
N ASN C 56 -10.89 -53.70 5.06
CA ASN C 56 -10.73 -54.94 5.86
C ASN C 56 -9.63 -55.87 5.31
N VAL C 57 -9.51 -56.03 3.98
CA VAL C 57 -8.69 -57.09 3.33
C VAL C 57 -8.30 -56.62 1.91
N GLY C 58 -7.93 -55.35 1.78
CA GLY C 58 -7.60 -54.70 0.51
C GLY C 58 -6.66 -53.54 0.72
N CYS C 59 -6.92 -52.41 0.05
CA CYS C 59 -6.03 -51.25 -0.10
C CYS C 59 -5.36 -50.95 1.26
N VAL C 60 -6.13 -50.94 2.35
CA VAL C 60 -5.64 -50.38 3.64
C VAL C 60 -4.64 -51.35 4.28
N PRO C 61 -5.02 -52.59 4.64
CA PRO C 61 -4.07 -53.51 5.25
C PRO C 61 -2.88 -53.83 4.33
N LYS C 62 -3.09 -54.07 3.04
CA LYS C 62 -1.97 -54.35 2.09
C LYS C 62 -1.02 -53.15 2.07
N LYS C 63 -1.55 -51.92 2.16
CA LYS C 63 -0.66 -50.72 2.14
C LYS C 63 0.24 -50.76 3.39
N LEU C 64 -0.32 -51.08 4.55
CA LEU C 64 0.43 -51.05 5.83
C LEU C 64 1.52 -52.12 5.76
N MET C 65 1.19 -53.24 5.12
CA MET C 65 2.08 -54.40 4.99
C MET C 65 3.19 -54.14 3.96
N VAL C 66 2.88 -53.48 2.84
CA VAL C 66 3.94 -53.06 1.87
C VAL C 66 4.87 -52.05 2.55
N THR C 67 4.31 -51.12 3.31
CA THR C 67 5.07 -50.15 4.14
C THR C 67 6.06 -50.95 5.01
N GLY C 68 5.57 -51.99 5.69
CA GLY C 68 6.39 -52.89 6.53
C GLY C 68 7.47 -53.55 5.71
N ALA C 69 7.14 -53.97 4.49
CA ALA C 69 8.04 -54.75 3.62
C ALA C 69 9.18 -53.85 3.11
N GLN C 70 8.88 -52.55 2.93
CA GLN C 70 9.84 -51.55 2.37
C GLN C 70 11.06 -51.40 3.29
N TYR C 71 10.91 -51.67 4.59
CA TYR C 71 12.03 -51.57 5.58
C TYR C 71 13.10 -52.62 5.27
N MET C 72 12.76 -53.72 4.59
CA MET C 72 13.81 -54.71 4.21
C MET C 72 14.86 -53.89 3.46
N ASP C 73 14.42 -53.11 2.46
CA ASP C 73 15.26 -52.24 1.59
C ASP C 73 15.88 -51.10 2.39
N HIS C 74 15.07 -50.33 3.12
CA HIS C 74 15.57 -49.21 3.96
C HIS C 74 16.76 -49.70 4.79
N LEU C 75 16.68 -50.85 5.43
CA LEU C 75 17.72 -51.30 6.38
C LEU C 75 19.03 -51.54 5.61
N ARG C 76 18.93 -52.20 4.47
CA ARG C 76 20.08 -52.54 3.61
C ARG C 76 20.70 -51.24 3.08
N GLU C 77 19.86 -50.33 2.61
CA GLU C 77 20.26 -49.15 1.81
C GLU C 77 20.86 -48.05 2.70
N SER C 78 20.64 -48.08 4.01
CA SER C 78 21.26 -47.16 5.01
C SER C 78 22.78 -47.34 5.05
N ALA C 79 23.31 -48.54 4.91
CA ALA C 79 24.77 -48.81 4.94
C ALA C 79 25.52 -47.74 4.12
N GLY C 80 25.05 -47.46 2.90
CA GLY C 80 25.72 -46.63 1.88
C GLY C 80 25.83 -45.17 2.30
N PHE C 81 24.92 -44.73 3.18
CA PHE C 81 24.84 -43.37 3.75
C PHE C 81 25.49 -43.35 5.13
N GLY C 82 26.07 -44.49 5.54
CA GLY C 82 27.05 -44.57 6.62
C GLY C 82 26.44 -45.00 7.93
N TRP C 83 25.26 -45.61 7.91
CA TRP C 83 24.62 -46.21 9.11
C TRP C 83 25.26 -47.56 9.32
N GLU C 84 25.68 -47.80 10.56
CA GLU C 84 26.30 -49.05 11.03
C GLU C 84 25.37 -49.64 12.11
N PHE C 85 24.94 -50.90 11.92
CA PHE C 85 24.36 -51.75 12.98
C PHE C 85 24.73 -53.19 12.67
N ASP C 86 24.47 -54.08 13.64
CA ASP C 86 24.71 -55.54 13.51
C ASP C 86 23.68 -56.12 12.53
N GLY C 87 24.09 -56.27 11.27
CA GLY C 87 23.26 -56.81 10.18
C GLY C 87 22.71 -58.18 10.52
N SER C 88 23.49 -59.02 11.18
CA SER C 88 23.10 -60.41 11.55
C SER C 88 22.03 -60.42 12.65
N SER C 89 21.69 -59.30 13.29
CA SER C 89 20.63 -59.29 14.33
C SER C 89 19.27 -58.95 13.69
N VAL C 90 19.23 -58.69 12.40
CA VAL C 90 17.98 -58.23 11.72
C VAL C 90 17.04 -59.42 11.52
N LYS C 91 15.83 -59.30 12.07
CA LYS C 91 14.74 -60.28 11.91
C LYS C 91 13.42 -59.51 11.61
N ALA C 92 12.65 -60.03 10.66
CA ALA C 92 11.31 -59.53 10.29
C ALA C 92 10.29 -60.31 11.11
N ASN C 93 9.44 -59.66 11.89
CA ASN C 93 8.50 -60.36 12.79
C ASN C 93 7.05 -60.12 12.32
N TRP C 94 6.46 -61.11 11.66
CA TRP C 94 5.17 -61.08 10.91
C TRP C 94 3.99 -60.98 11.88
N LYS C 95 4.09 -61.59 13.04
CA LYS C 95 2.97 -61.60 14.01
C LYS C 95 2.77 -60.16 14.46
N LYS C 96 3.88 -59.46 14.72
CA LYS C 96 3.82 -58.04 15.14
C LYS C 96 3.21 -57.23 13.99
N LEU C 97 3.69 -57.41 12.75
CA LEU C 97 3.06 -56.69 11.61
C LEU C 97 1.54 -56.93 11.57
N ILE C 98 1.12 -58.20 11.70
CA ILE C 98 -0.29 -58.61 11.51
C ILE C 98 -1.10 -58.10 12.70
N ALA C 99 -0.58 -58.20 13.93
CA ALA C 99 -1.20 -57.64 15.16
C ALA C 99 -1.45 -56.14 14.96
N ALA C 100 -0.44 -55.42 14.45
CA ALA C 100 -0.48 -53.95 14.20
C ALA C 100 -1.45 -53.62 13.05
N LYS C 101 -1.44 -54.37 11.95
CA LYS C 101 -2.43 -54.14 10.84
C LYS C 101 -3.86 -54.45 11.35
N ASN C 102 -4.03 -55.57 12.06
CA ASN C 102 -5.26 -55.96 12.81
C ASN C 102 -5.82 -54.81 13.65
N GLU C 103 -4.97 -54.22 14.50
CA GLU C 103 -5.30 -53.09 15.41
C GLU C 103 -5.83 -51.92 14.58
N ALA C 104 -5.04 -51.49 13.60
CA ALA C 104 -5.38 -50.39 12.67
C ALA C 104 -6.75 -50.60 12.03
N VAL C 105 -7.01 -51.76 11.41
CA VAL C 105 -8.31 -51.98 10.70
C VAL C 105 -9.46 -51.96 11.71
N LEU C 106 -9.29 -52.58 12.88
CA LEU C 106 -10.31 -52.65 13.96
C LEU C 106 -10.72 -51.23 14.39
N ASP C 107 -9.79 -50.27 14.45
CA ASP C 107 -10.16 -48.88 14.76
C ASP C 107 -11.21 -48.41 13.76
N ILE C 108 -10.97 -48.66 12.47
CA ILE C 108 -11.81 -48.09 11.37
C ILE C 108 -13.17 -48.80 11.43
N ASN C 109 -13.17 -50.11 11.63
CA ASN C 109 -14.40 -50.90 11.92
C ASN C 109 -15.20 -50.17 13.00
N LYS C 110 -14.57 -49.91 14.16
CA LYS C 110 -15.21 -49.40 15.40
C LYS C 110 -15.74 -47.97 15.19
N SER C 111 -15.02 -47.18 14.41
CA SER C 111 -15.39 -45.78 14.10
C SER C 111 -16.46 -45.78 12.99
N TYR C 112 -16.68 -46.90 12.33
CA TYR C 112 -17.80 -47.09 11.38
C TYR C 112 -19.08 -47.40 12.15
N GLU C 113 -18.99 -48.07 13.31
CA GLU C 113 -20.14 -48.19 14.26
C GLU C 113 -20.55 -46.78 14.69
N GLY C 114 -19.63 -46.06 15.33
CA GLY C 114 -19.79 -44.62 15.69
C GLY C 114 -20.55 -43.84 14.64
N MET C 115 -20.20 -44.01 13.36
CA MET C 115 -20.83 -43.32 12.19
C MET C 115 -22.34 -43.61 12.16
N PHE C 116 -22.73 -44.87 12.32
CA PHE C 116 -24.15 -45.32 12.16
C PHE C 116 -24.99 -44.85 13.36
N ASN C 117 -24.42 -44.88 14.57
CA ASN C 117 -25.12 -44.47 15.82
C ASN C 117 -25.44 -42.98 15.75
N ASP C 118 -24.41 -42.13 15.79
CA ASP C 118 -24.54 -40.66 15.90
C ASP C 118 -24.96 -40.01 14.56
N THR C 119 -25.51 -40.76 13.60
CA THR C 119 -26.12 -40.21 12.36
C THR C 119 -27.63 -40.46 12.30
N GLU C 120 -28.38 -39.36 12.26
CA GLU C 120 -29.85 -39.28 12.03
C GLU C 120 -30.22 -40.07 10.77
N GLY C 121 -31.04 -41.12 10.93
CA GLY C 121 -31.72 -41.83 9.83
C GLY C 121 -30.75 -42.54 8.89
N LEU C 122 -29.61 -43.01 9.43
CA LEU C 122 -28.67 -43.95 8.75
C LEU C 122 -28.46 -45.14 9.70
N ASP C 123 -29.00 -46.30 9.33
CA ASP C 123 -29.15 -47.48 10.24
C ASP C 123 -28.60 -48.72 9.54
N PHE C 124 -27.64 -49.39 10.20
CA PHE C 124 -26.91 -50.60 9.74
C PHE C 124 -27.59 -51.84 10.29
N PHE C 125 -27.83 -52.85 9.45
CA PHE C 125 -28.39 -54.17 9.84
C PHE C 125 -27.36 -55.28 9.53
N LEU C 126 -27.13 -56.19 10.49
CA LEU C 126 -26.13 -57.28 10.42
C LEU C 126 -26.79 -58.51 9.78
N GLY C 127 -26.21 -59.02 8.69
CA GLY C 127 -26.56 -60.30 8.06
C GLY C 127 -26.63 -60.23 6.54
N TRP C 128 -27.33 -61.19 5.91
CA TRP C 128 -27.25 -61.45 4.46
C TRP C 128 -28.49 -60.95 3.75
N GLY C 129 -28.27 -60.01 2.82
CA GLY C 129 -29.30 -59.35 2.00
C GLY C 129 -29.61 -60.13 0.74
N SER C 130 -30.86 -60.09 0.30
CA SER C 130 -31.35 -60.66 -0.98
C SER C 130 -32.67 -59.98 -1.34
N LEU C 131 -33.02 -60.08 -2.62
CA LEU C 131 -34.30 -59.54 -3.13
C LEU C 131 -35.35 -60.66 -3.00
N GLU C 132 -36.40 -60.38 -2.21
CA GLU C 132 -37.68 -61.14 -2.18
C GLU C 132 -38.56 -60.59 -3.31
N SER C 133 -39.08 -59.37 -3.15
CA SER C 133 -39.91 -58.65 -4.15
C SER C 133 -39.14 -57.46 -4.73
N LYS C 134 -39.75 -56.76 -5.68
CA LYS C 134 -39.18 -55.58 -6.39
C LYS C 134 -38.87 -54.47 -5.37
N ASN C 135 -39.60 -54.43 -4.25
CA ASN C 135 -39.52 -53.33 -3.25
C ASN C 135 -39.39 -53.92 -1.84
N VAL C 136 -38.75 -55.07 -1.70
CA VAL C 136 -38.46 -55.69 -0.37
C VAL C 136 -37.08 -56.38 -0.42
N VAL C 137 -36.12 -55.86 0.36
CA VAL C 137 -34.84 -56.55 0.69
C VAL C 137 -35.09 -57.40 1.93
N VAL C 138 -34.60 -58.65 1.92
CA VAL C 138 -34.67 -59.61 3.06
C VAL C 138 -33.27 -59.74 3.66
N VAL C 139 -33.19 -59.83 4.98
CA VAL C 139 -31.94 -60.10 5.76
C VAL C 139 -32.10 -61.46 6.44
N ARG C 140 -31.11 -62.35 6.25
CA ARG C 140 -31.06 -63.73 6.79
C ARG C 140 -29.80 -63.89 7.64
N GLU C 141 -29.79 -64.85 8.55
CA GLU C 141 -28.64 -65.08 9.47
C GLU C 141 -27.39 -65.43 8.64
N THR C 142 -27.52 -66.36 7.69
CA THR C 142 -26.39 -66.83 6.82
C THR C 142 -26.75 -66.67 5.34
N ALA C 143 -25.84 -67.09 4.46
CA ALA C 143 -25.93 -66.96 2.98
C ALA C 143 -26.96 -67.94 2.40
N ASP C 144 -27.28 -69.02 3.12
CA ASP C 144 -28.26 -70.05 2.65
C ASP C 144 -29.62 -69.35 2.56
N PRO C 145 -30.26 -69.28 1.37
CA PRO C 145 -31.53 -68.56 1.23
C PRO C 145 -32.67 -69.24 2.02
N LYS C 146 -32.42 -70.45 2.54
CA LYS C 146 -33.30 -71.20 3.48
C LYS C 146 -32.70 -71.11 4.90
N SER C 147 -32.44 -69.89 5.37
CA SER C 147 -31.99 -69.62 6.75
C SER C 147 -32.97 -68.67 7.42
N ALA C 148 -32.98 -68.65 8.76
CA ALA C 148 -33.91 -67.87 9.60
C ALA C 148 -33.91 -66.39 9.13
N VAL C 149 -35.08 -65.86 8.79
CA VAL C 149 -35.26 -64.43 8.42
C VAL C 149 -34.90 -63.58 9.65
N LYS C 150 -34.31 -62.39 9.44
CA LYS C 150 -33.91 -61.42 10.50
C LYS C 150 -34.71 -60.12 10.36
N GLU C 151 -34.80 -59.59 9.13
CA GLU C 151 -35.57 -58.36 8.77
C GLU C 151 -36.18 -58.50 7.37
N ARG C 152 -37.40 -58.01 7.18
CA ARG C 152 -37.97 -57.61 5.86
C ARG C 152 -38.00 -56.09 5.85
N LEU C 153 -37.24 -55.47 4.94
CA LEU C 153 -37.21 -54.01 4.75
C LEU C 153 -37.93 -53.70 3.43
N GLN C 154 -38.79 -52.68 3.45
N GLN C 154 -38.87 -52.72 3.46
CA GLN C 154 -39.49 -52.17 2.25
CA GLN C 154 -39.50 -52.14 2.24
C GLN C 154 -38.70 -50.95 1.74
C GLN C 154 -38.57 -51.02 1.75
N ALA C 155 -38.37 -50.92 0.44
CA ALA C 155 -37.38 -49.99 -0.16
C ALA C 155 -37.97 -49.33 -1.41
N ASP C 156 -38.08 -47.99 -1.37
CA ASP C 156 -38.29 -47.13 -2.57
C ASP C 156 -37.19 -47.44 -3.60
N HIS C 157 -35.96 -47.61 -3.12
CA HIS C 157 -34.72 -47.77 -3.93
C HIS C 157 -33.79 -48.83 -3.31
N ILE C 158 -33.20 -49.67 -4.16
CA ILE C 158 -32.27 -50.75 -3.73
C ILE C 158 -30.93 -50.56 -4.47
N LEU C 159 -29.85 -50.37 -3.71
CA LEU C 159 -28.45 -50.36 -4.24
C LEU C 159 -27.79 -51.71 -3.95
N LEU C 160 -27.42 -52.42 -5.01
CA LEU C 160 -26.54 -53.59 -4.90
C LEU C 160 -25.10 -53.07 -4.85
N ALA C 161 -24.40 -53.25 -3.72
CA ALA C 161 -22.96 -52.93 -3.58
C ALA C 161 -22.21 -54.05 -2.85
N THR C 162 -22.38 -55.30 -3.28
CA THR C 162 -21.85 -56.52 -2.59
C THR C 162 -20.37 -56.78 -2.98
N GLY C 163 -19.78 -55.95 -3.83
CA GLY C 163 -18.35 -56.04 -4.18
C GLY C 163 -18.03 -57.26 -5.04
N SER C 164 -16.76 -57.64 -5.01
CA SER C 164 -16.21 -58.82 -5.72
C SER C 164 -15.71 -59.81 -4.67
N TRP C 165 -15.17 -60.93 -5.15
CA TRP C 165 -14.72 -62.07 -4.33
C TRP C 165 -13.63 -62.77 -5.11
N PRO C 166 -12.62 -63.37 -4.45
CA PRO C 166 -11.52 -63.99 -5.17
C PRO C 166 -11.96 -65.10 -6.15
N GLN C 167 -11.48 -65.02 -7.38
CA GLN C 167 -11.71 -66.12 -8.35
C GLN C 167 -10.77 -67.27 -8.02
N MET C 168 -11.31 -68.48 -7.94
CA MET C 168 -10.55 -69.70 -7.63
C MET C 168 -10.78 -70.68 -8.77
N PRO C 169 -9.75 -70.94 -9.62
CA PRO C 169 -9.90 -71.82 -10.78
C PRO C 169 -10.28 -73.22 -10.27
N ALA C 170 -11.18 -73.91 -10.99
CA ALA C 170 -11.65 -75.27 -10.64
C ALA C 170 -10.61 -76.30 -11.09
N ILE C 171 -9.47 -76.32 -10.42
CA ILE C 171 -8.43 -77.36 -10.59
C ILE C 171 -8.48 -78.33 -9.41
N PRO C 172 -8.01 -79.57 -9.61
CA PRO C 172 -7.78 -80.49 -8.49
C PRO C 172 -6.93 -79.84 -7.38
N GLY C 173 -7.50 -79.83 -6.17
CA GLY C 173 -6.77 -79.39 -4.95
C GLY C 173 -6.80 -77.89 -4.80
N ILE C 174 -7.78 -77.24 -5.45
CA ILE C 174 -8.08 -75.79 -5.27
C ILE C 174 -8.35 -75.52 -3.78
N GLU C 175 -8.89 -76.49 -3.05
CA GLU C 175 -9.22 -76.38 -1.60
C GLU C 175 -7.93 -76.24 -0.75
N HIS C 176 -6.77 -76.65 -1.28
CA HIS C 176 -5.48 -76.55 -0.55
C HIS C 176 -4.83 -75.18 -0.74
N CYS C 177 -5.37 -74.33 -1.62
CA CYS C 177 -4.79 -72.98 -1.88
C CYS C 177 -5.57 -71.93 -1.09
N ILE C 178 -5.04 -70.71 -1.03
CA ILE C 178 -5.72 -69.57 -0.37
C ILE C 178 -5.88 -68.44 -1.39
N SER C 179 -6.66 -67.44 -0.99
CA SER C 179 -6.78 -66.16 -1.71
C SER C 179 -6.07 -65.10 -0.87
N SER C 180 -6.10 -63.86 -1.33
CA SER C 180 -5.65 -62.67 -0.56
C SER C 180 -6.36 -62.60 0.80
N ASN C 181 -7.56 -63.18 0.99
CA ASN C 181 -8.28 -63.06 2.28
C ASN C 181 -7.47 -63.75 3.38
N GLU C 182 -7.18 -65.03 3.20
CA GLU C 182 -6.49 -65.83 4.24
C GLU C 182 -5.06 -65.32 4.42
N ALA C 183 -4.46 -64.71 3.39
CA ALA C 183 -3.04 -64.23 3.38
C ALA C 183 -2.88 -63.15 4.45
N PHE C 184 -3.94 -62.36 4.67
CA PHE C 184 -3.99 -61.26 5.66
C PHE C 184 -3.95 -61.83 7.08
N TYR C 185 -4.20 -63.14 7.26
CA TYR C 185 -4.35 -63.73 8.61
C TYR C 185 -3.39 -64.91 8.81
N LEU C 186 -2.45 -65.14 7.91
CA LEU C 186 -1.47 -66.24 8.11
C LEU C 186 -0.84 -66.09 9.50
N PRO C 187 -0.85 -67.15 10.34
CA PRO C 187 -0.16 -67.11 11.63
C PRO C 187 1.37 -66.92 11.51
N GLU C 188 2.00 -67.53 10.51
CA GLU C 188 3.46 -67.39 10.27
C GLU C 188 3.72 -66.97 8.82
N PRO C 189 4.87 -66.35 8.50
CA PRO C 189 5.20 -66.02 7.12
C PRO C 189 5.64 -67.32 6.45
N PRO C 190 5.20 -67.61 5.22
CA PRO C 190 5.57 -68.86 4.57
C PRO C 190 7.04 -68.83 4.17
N ARG C 191 7.72 -69.95 4.29
CA ARG C 191 9.15 -70.12 3.91
C ARG C 191 9.19 -70.10 2.38
N ARG C 192 8.28 -70.83 1.74
CA ARG C 192 8.17 -70.94 0.26
C ARG C 192 6.74 -70.56 -0.08
N VAL C 193 6.53 -69.56 -0.94
CA VAL C 193 5.16 -69.20 -1.38
C VAL C 193 5.16 -69.13 -2.90
N LEU C 194 4.02 -69.54 -3.48
CA LEU C 194 3.63 -69.38 -4.89
C LEU C 194 2.43 -68.44 -4.90
N THR C 195 2.62 -67.23 -5.41
CA THR C 195 1.53 -66.33 -5.81
C THR C 195 1.23 -66.64 -7.28
N VAL C 196 -0.04 -66.82 -7.59
CA VAL C 196 -0.53 -67.21 -8.95
C VAL C 196 -1.31 -66.02 -9.49
N GLY C 197 -0.82 -65.46 -10.60
CA GLY C 197 -1.44 -64.35 -11.34
C GLY C 197 -0.44 -63.24 -11.57
N GLY C 198 -0.67 -62.40 -12.57
CA GLY C 198 0.26 -61.33 -12.97
C GLY C 198 -0.27 -59.94 -12.67
N GLY C 199 -1.48 -59.83 -12.11
CA GLY C 199 -2.10 -58.56 -11.71
C GLY C 199 -1.53 -58.04 -10.41
N PHE C 200 -2.14 -57.02 -9.85
CA PHE C 200 -1.49 -56.17 -8.82
C PHE C 200 -1.49 -56.91 -7.48
N ILE C 201 -2.45 -57.78 -7.21
CA ILE C 201 -2.57 -58.42 -5.87
C ILE C 201 -1.45 -59.46 -5.73
N SER C 202 -1.28 -60.28 -6.75
CA SER C 202 -0.16 -61.23 -6.83
C SER C 202 1.19 -60.52 -6.67
N VAL C 203 1.46 -59.47 -7.47
CA VAL C 203 2.76 -58.74 -7.44
C VAL C 203 2.98 -58.08 -6.07
N GLU C 204 1.93 -57.54 -5.46
CA GLU C 204 2.04 -56.79 -4.19
C GLU C 204 2.38 -57.77 -3.07
N PHE C 205 1.63 -58.88 -2.98
CA PHE C 205 1.86 -59.93 -1.97
C PHE C 205 3.21 -60.59 -2.22
N ALA C 206 3.63 -60.78 -3.47
CA ALA C 206 4.97 -61.32 -3.77
C ALA C 206 6.03 -60.56 -2.93
N GLY C 207 6.03 -59.23 -2.95
CA GLY C 207 7.04 -58.40 -2.29
C GLY C 207 6.86 -58.36 -0.79
N ILE C 208 5.61 -58.38 -0.30
CA ILE C 208 5.31 -58.51 1.15
C ILE C 208 5.96 -59.77 1.70
N PHE C 209 5.73 -60.89 1.04
CA PHE C 209 6.20 -62.22 1.50
C PHE C 209 7.71 -62.26 1.35
N ASN C 210 8.25 -61.57 0.34
CA ASN C 210 9.71 -61.61 0.07
C ASN C 210 10.43 -61.00 1.28
N ALA C 211 9.80 -60.02 1.94
CA ALA C 211 10.45 -59.21 3.00
C ALA C 211 10.30 -59.92 4.35
N TYR C 212 9.18 -60.59 4.60
CA TYR C 212 8.87 -61.24 5.89
C TYR C 212 9.26 -62.72 5.87
N LYS C 213 9.74 -63.27 4.76
CA LYS C 213 10.13 -64.70 4.68
C LYS C 213 11.26 -64.97 5.66
N PRO C 214 11.28 -66.14 6.32
CA PRO C 214 12.36 -66.52 7.22
C PRO C 214 13.60 -66.97 6.45
N PRO C 215 14.76 -67.07 7.15
CA PRO C 215 16.08 -67.25 6.54
C PRO C 215 16.23 -67.76 5.10
N GLY C 216 16.00 -69.05 4.82
CA GLY C 216 16.34 -69.66 3.51
C GLY C 216 15.17 -69.60 2.51
N GLY C 217 14.17 -68.76 2.74
CA GLY C 217 12.92 -68.78 1.98
C GLY C 217 13.08 -68.31 0.54
N LYS C 218 11.98 -68.40 -0.19
CA LYS C 218 11.89 -68.14 -1.64
C LYS C 218 10.41 -67.85 -1.97
N VAL C 219 10.14 -66.63 -2.43
CA VAL C 219 8.85 -66.29 -3.09
C VAL C 219 8.93 -66.59 -4.59
N THR C 220 7.89 -67.18 -5.15
CA THR C 220 7.77 -67.51 -6.60
C THR C 220 6.41 -67.00 -7.06
N LEU C 221 6.38 -66.21 -8.13
CA LEU C 221 5.16 -65.72 -8.81
C LEU C 221 5.07 -66.42 -10.16
N CYS C 222 3.91 -66.99 -10.49
CA CYS C 222 3.69 -67.61 -11.81
C CYS C 222 2.61 -66.81 -12.52
N TYR C 223 2.83 -66.52 -13.82
CA TYR C 223 1.81 -65.97 -14.75
C TYR C 223 1.66 -66.95 -15.91
N ARG C 224 0.42 -67.12 -16.36
CA ARG C 224 -0.02 -68.03 -17.45
C ARG C 224 0.50 -67.51 -18.80
N ASN C 225 0.81 -66.22 -18.93
CA ASN C 225 1.31 -65.62 -20.21
C ASN C 225 2.75 -65.10 -20.03
N ASN C 226 3.26 -64.38 -21.03
CA ASN C 226 4.71 -64.15 -21.28
C ASN C 226 5.25 -63.01 -20.40
N LEU C 227 4.38 -62.13 -19.88
CA LEU C 227 4.79 -60.88 -19.20
C LEU C 227 3.70 -60.45 -18.22
N ILE C 228 4.07 -60.21 -16.95
CA ILE C 228 3.11 -59.92 -15.85
C ILE C 228 2.52 -58.52 -16.08
N LEU C 229 1.45 -58.20 -15.34
CA LEU C 229 0.76 -56.87 -15.33
C LEU C 229 0.32 -56.48 -16.74
N ARG C 230 -0.55 -57.26 -17.38
CA ARG C 230 -1.26 -56.83 -18.62
C ARG C 230 -2.07 -55.58 -18.28
N GLY C 231 -2.06 -54.56 -19.16
CA GLY C 231 -2.85 -53.31 -19.04
C GLY C 231 -1.97 -52.14 -18.63
N PHE C 232 -0.75 -52.44 -18.19
CA PHE C 232 0.27 -51.47 -17.74
C PHE C 232 1.23 -51.28 -18.90
N ASP C 233 1.95 -50.15 -18.95
CA ASP C 233 2.99 -49.87 -19.98
C ASP C 233 3.92 -51.09 -20.09
N GLU C 234 4.39 -51.42 -21.30
CA GLU C 234 5.19 -52.64 -21.57
C GLU C 234 6.58 -52.48 -20.96
N THR C 235 7.19 -51.30 -21.06
CA THR C 235 8.52 -50.95 -20.48
C THR C 235 8.52 -51.17 -18.95
N ILE C 236 7.47 -50.71 -18.29
CA ILE C 236 7.27 -50.82 -16.82
C ILE C 236 7.09 -52.28 -16.41
N ARG C 237 6.16 -53.00 -17.05
CA ARG C 237 6.02 -54.47 -16.87
C ARG C 237 7.38 -55.18 -17.03
N GLU C 238 8.13 -54.92 -18.10
CA GLU C 238 9.45 -55.60 -18.31
C GLU C 238 10.35 -55.20 -17.14
N GLU C 239 10.27 -53.93 -16.74
CA GLU C 239 11.21 -53.34 -15.78
C GLU C 239 10.87 -53.79 -14.35
N VAL C 240 9.61 -53.86 -13.95
CA VAL C 240 9.24 -54.33 -12.58
C VAL C 240 9.65 -55.81 -12.45
N THR C 241 9.54 -56.59 -13.53
CA THR C 241 10.02 -57.99 -13.66
C THR C 241 11.52 -58.08 -13.27
N LYS C 242 12.38 -57.19 -13.80
CA LYS C 242 13.84 -57.17 -13.49
C LYS C 242 14.03 -56.85 -12.00
N GLN C 243 13.27 -55.90 -11.45
CA GLN C 243 13.48 -55.36 -10.07
C GLN C 243 12.93 -56.36 -9.06
N LEU C 244 11.94 -57.16 -9.45
CA LEU C 244 11.46 -58.29 -8.63
C LEU C 244 12.54 -59.38 -8.65
N THR C 245 13.11 -59.68 -9.82
CA THR C 245 14.18 -60.70 -9.96
C THR C 245 15.37 -60.24 -9.12
N ALA C 246 15.78 -58.97 -9.22
CA ALA C 246 16.97 -58.45 -8.52
C ALA C 246 16.78 -58.54 -7.00
N ASN C 247 15.56 -58.38 -6.49
CA ASN C 247 15.28 -58.44 -5.03
C ASN C 247 14.92 -59.86 -4.57
N GLY C 248 15.05 -60.90 -5.39
CA GLY C 248 15.11 -62.30 -4.94
C GLY C 248 13.89 -63.12 -5.25
N ILE C 249 12.89 -62.55 -5.95
CA ILE C 249 11.59 -63.21 -6.27
C ILE C 249 11.70 -63.96 -7.61
N GLU C 250 11.37 -65.25 -7.66
CA GLU C 250 11.36 -66.04 -8.93
C GLU C 250 10.07 -65.75 -9.71
N ILE C 251 10.19 -65.15 -10.89
CA ILE C 251 9.08 -65.01 -11.88
C ILE C 251 9.08 -66.25 -12.78
N MET C 252 7.97 -66.98 -12.81
CA MET C 252 7.72 -68.12 -13.74
C MET C 252 6.64 -67.68 -14.73
N THR C 253 7.02 -67.32 -15.96
CA THR C 253 6.09 -66.88 -17.02
C THR C 253 5.69 -68.11 -17.83
N ASN C 254 4.49 -68.06 -18.43
CA ASN C 254 3.95 -69.09 -19.36
C ASN C 254 3.72 -70.37 -18.58
N GLU C 255 3.23 -70.28 -17.34
CA GLU C 255 3.08 -71.43 -16.43
C GLU C 255 1.76 -71.26 -15.69
N ASN C 256 0.97 -72.32 -15.57
CA ASN C 256 -0.31 -72.22 -14.85
C ASN C 256 -0.49 -73.51 -14.09
N PRO C 257 -0.80 -73.45 -12.77
CA PRO C 257 -1.01 -74.66 -11.98
C PRO C 257 -2.14 -75.47 -12.61
N ALA C 258 -1.90 -76.77 -12.77
CA ALA C 258 -2.90 -77.76 -13.22
C ALA C 258 -3.53 -78.45 -12.00
N LYS C 259 -2.76 -78.63 -10.92
CA LYS C 259 -3.12 -79.50 -9.77
C LYS C 259 -2.26 -79.15 -8.54
N VAL C 260 -2.88 -79.11 -7.37
CA VAL C 260 -2.20 -78.91 -6.06
C VAL C 260 -2.57 -80.11 -5.21
N SER C 261 -1.59 -80.83 -4.68
CA SER C 261 -1.84 -81.92 -3.70
C SER C 261 -1.15 -81.58 -2.37
N LEU C 262 -1.82 -81.96 -1.28
CA LEU C 262 -1.45 -81.70 0.14
C LEU C 262 -0.41 -82.74 0.55
N ASN C 263 0.79 -82.33 0.99
CA ASN C 263 1.79 -83.29 1.53
C ASN C 263 1.45 -83.56 3.01
N THR C 264 1.86 -84.72 3.52
CA THR C 264 1.66 -85.10 4.94
C THR C 264 2.14 -83.95 5.82
N ASP C 265 3.27 -83.32 5.50
CA ASP C 265 3.87 -82.21 6.30
C ASP C 265 3.10 -80.89 6.13
N GLY C 266 2.08 -80.82 5.27
CA GLY C 266 1.15 -79.67 5.21
C GLY C 266 1.53 -78.67 4.12
N SER C 267 2.62 -78.99 3.42
CA SER C 267 3.14 -78.26 2.26
C SER C 267 2.34 -78.69 1.03
N LYS C 268 2.42 -77.89 -0.02
CA LYS C 268 1.59 -78.08 -1.22
C LYS C 268 2.53 -78.45 -2.36
N HIS C 269 2.20 -79.51 -3.10
CA HIS C 269 2.89 -79.97 -4.33
C HIS C 269 2.07 -79.46 -5.50
N VAL C 270 2.64 -78.52 -6.25
CA VAL C 270 1.98 -77.88 -7.42
C VAL C 270 2.54 -78.55 -8.67
N THR C 271 1.64 -79.00 -9.54
CA THR C 271 1.96 -79.47 -10.91
C THR C 271 1.43 -78.44 -11.90
N PHE C 272 2.30 -77.92 -12.76
CA PHE C 272 1.94 -76.93 -13.80
C PHE C 272 1.52 -77.69 -15.07
N GLU C 273 0.90 -76.99 -16.01
CA GLU C 273 0.37 -77.53 -17.29
C GLU C 273 1.55 -78.07 -18.10
N SER C 274 2.72 -77.45 -17.96
CA SER C 274 4.02 -77.85 -18.56
C SER C 274 4.49 -79.21 -18.01
N GLY C 275 3.86 -79.69 -16.93
CA GLY C 275 4.35 -80.85 -16.15
C GLY C 275 5.49 -80.47 -15.21
N LYS C 276 5.87 -79.19 -15.13
CA LYS C 276 6.85 -78.76 -14.10
C LYS C 276 6.14 -78.91 -12.73
N THR C 277 6.92 -79.16 -11.67
CA THR C 277 6.42 -79.30 -10.28
C THR C 277 7.13 -78.28 -9.38
N LEU C 278 6.50 -77.89 -8.27
CA LEU C 278 7.10 -76.98 -7.27
C LEU C 278 6.44 -77.25 -5.92
N ASP C 279 7.25 -77.38 -4.86
CA ASP C 279 6.77 -77.58 -3.47
C ASP C 279 6.78 -76.22 -2.75
N VAL C 280 5.69 -75.87 -2.05
CA VAL C 280 5.57 -74.57 -1.34
C VAL C 280 4.77 -74.74 -0.03
N ASP C 281 4.90 -73.81 0.91
CA ASP C 281 4.17 -73.85 2.20
C ASP C 281 2.77 -73.24 2.00
N VAL C 282 2.64 -72.24 1.13
CA VAL C 282 1.33 -71.61 0.75
C VAL C 282 1.29 -71.43 -0.78
N VAL C 283 0.13 -71.72 -1.38
CA VAL C 283 -0.25 -71.29 -2.76
C VAL C 283 -1.34 -70.23 -2.63
N MET C 284 -1.01 -68.96 -2.96
CA MET C 284 -1.97 -67.83 -3.01
C MET C 284 -2.51 -67.65 -4.43
N MET C 285 -3.80 -67.88 -4.62
CA MET C 285 -4.50 -67.72 -5.93
C MET C 285 -4.98 -66.29 -6.02
N ALA C 286 -4.47 -65.55 -6.97
CA ALA C 286 -4.80 -64.13 -7.22
C ALA C 286 -4.86 -63.89 -8.73
N ILE C 287 -5.63 -64.73 -9.44
CA ILE C 287 -5.77 -64.69 -10.93
C ILE C 287 -6.93 -63.79 -11.35
N GLY C 288 -7.82 -63.46 -10.43
CA GLY C 288 -8.91 -62.51 -10.70
C GLY C 288 -9.85 -62.34 -9.50
N ARG C 289 -10.81 -61.44 -9.63
CA ARG C 289 -11.91 -61.22 -8.65
C ARG C 289 -13.19 -61.07 -9.46
N ILE C 290 -14.26 -61.69 -8.98
CA ILE C 290 -15.52 -61.85 -9.75
C ILE C 290 -16.64 -61.20 -8.97
N PRO C 291 -17.64 -60.64 -9.69
CA PRO C 291 -18.76 -59.96 -9.05
C PRO C 291 -19.42 -60.88 -8.03
N ARG C 292 -19.71 -60.38 -6.83
CA ARG C 292 -20.37 -61.17 -5.77
C ARG C 292 -21.90 -61.08 -5.88
N THR C 293 -22.50 -61.79 -6.84
CA THR C 293 -23.96 -61.81 -7.15
C THR C 293 -24.66 -63.03 -6.51
N ASN C 294 -23.96 -64.14 -6.29
CA ASN C 294 -24.56 -65.49 -6.01
C ASN C 294 -25.65 -65.43 -4.93
N ASP C 295 -25.39 -64.81 -3.78
CA ASP C 295 -26.26 -64.97 -2.58
C ASP C 295 -27.44 -64.01 -2.66
N LEU C 296 -27.52 -63.16 -3.70
CA LEU C 296 -28.43 -61.98 -3.76
C LEU C 296 -29.85 -62.39 -4.18
N GLN C 297 -30.03 -63.60 -4.73
CA GLN C 297 -31.35 -64.10 -5.21
C GLN C 297 -31.92 -63.09 -6.20
N LEU C 298 -31.12 -62.72 -7.19
CA LEU C 298 -31.51 -61.80 -8.30
C LEU C 298 -32.62 -62.47 -9.12
N GLY C 299 -32.69 -63.80 -9.08
CA GLY C 299 -33.63 -64.63 -9.87
C GLY C 299 -35.08 -64.33 -9.55
N ASN C 300 -35.38 -63.98 -8.29
CA ASN C 300 -36.70 -63.61 -7.77
C ASN C 300 -37.24 -62.33 -8.42
N VAL C 301 -36.37 -61.42 -8.85
CA VAL C 301 -36.82 -60.11 -9.41
C VAL C 301 -36.38 -59.99 -10.88
N GLY C 302 -35.41 -60.79 -11.33
CA GLY C 302 -34.98 -60.86 -12.74
C GLY C 302 -34.00 -59.74 -13.12
N VAL C 303 -33.07 -59.39 -12.21
CA VAL C 303 -31.94 -58.45 -12.50
C VAL C 303 -30.98 -59.13 -13.49
N LYS C 304 -30.82 -58.56 -14.68
CA LYS C 304 -29.96 -59.08 -15.76
C LYS C 304 -28.49 -59.09 -15.28
N LEU C 305 -27.76 -60.15 -15.63
CA LEU C 305 -26.29 -60.22 -15.49
C LEU C 305 -25.66 -60.22 -16.88
N THR C 306 -24.45 -59.68 -17.00
CA THR C 306 -23.59 -59.76 -18.21
C THR C 306 -23.06 -61.18 -18.38
N PRO C 307 -22.64 -61.56 -19.60
CA PRO C 307 -21.98 -62.85 -19.82
C PRO C 307 -20.81 -63.14 -18.85
N LYS C 308 -20.12 -62.08 -18.39
CA LYS C 308 -18.97 -62.13 -17.44
C LYS C 308 -19.42 -62.42 -16.00
N GLY C 309 -20.68 -62.10 -15.65
CA GLY C 309 -21.26 -62.38 -14.31
C GLY C 309 -21.58 -61.13 -13.49
N GLY C 310 -21.25 -59.94 -14.00
CA GLY C 310 -21.57 -58.66 -13.35
C GLY C 310 -23.03 -58.33 -13.53
N VAL C 311 -23.56 -57.43 -12.70
CA VAL C 311 -24.91 -56.83 -12.92
C VAL C 311 -24.80 -55.85 -14.10
N GLN C 312 -25.69 -55.97 -15.09
CA GLN C 312 -25.79 -55.01 -16.23
C GLN C 312 -26.29 -53.67 -15.69
N VAL C 313 -25.65 -52.59 -16.12
CA VAL C 313 -25.99 -51.19 -15.72
C VAL C 313 -25.79 -50.31 -16.96
N ASP C 314 -26.63 -49.29 -17.12
CA ASP C 314 -26.40 -48.14 -18.04
C ASP C 314 -25.32 -47.29 -17.37
N GLU C 315 -24.97 -46.15 -17.97
CA GLU C 315 -23.94 -45.20 -17.46
C GLU C 315 -24.36 -44.61 -16.09
N PHE C 316 -25.62 -44.77 -15.69
CA PHE C 316 -26.23 -44.07 -14.52
C PHE C 316 -26.44 -45.07 -13.37
N SER C 317 -26.06 -46.33 -13.60
CA SER C 317 -26.01 -47.42 -12.59
C SER C 317 -27.39 -48.09 -12.47
N ARG C 318 -28.25 -47.88 -13.46
CA ARG C 318 -29.64 -48.43 -13.45
C ARG C 318 -29.59 -49.85 -14.01
N THR C 319 -30.14 -50.83 -13.27
CA THR C 319 -30.38 -52.22 -13.77
C THR C 319 -31.59 -52.20 -14.70
N ASN C 320 -31.99 -53.37 -15.21
CA ASN C 320 -33.21 -53.57 -16.02
C ASN C 320 -34.45 -53.27 -15.16
N VAL C 321 -34.44 -53.65 -13.87
CA VAL C 321 -35.60 -53.40 -12.94
C VAL C 321 -35.54 -51.93 -12.56
N PRO C 322 -36.59 -51.13 -12.88
CA PRO C 322 -36.51 -49.67 -12.82
C PRO C 322 -35.90 -49.08 -11.55
N ASN C 323 -36.27 -49.64 -10.38
CA ASN C 323 -35.96 -49.08 -9.04
C ASN C 323 -34.97 -49.99 -8.28
N ILE C 324 -34.00 -50.58 -9.00
CA ILE C 324 -32.84 -51.36 -8.45
C ILE C 324 -31.56 -50.94 -9.19
N TYR C 325 -30.51 -50.62 -8.44
CA TYR C 325 -29.21 -50.14 -8.99
C TYR C 325 -28.05 -50.95 -8.40
N ALA C 326 -26.91 -50.85 -9.06
CA ALA C 326 -25.68 -51.61 -8.79
C ALA C 326 -24.46 -50.74 -9.08
N ILE C 327 -23.55 -50.63 -8.12
CA ILE C 327 -22.28 -49.86 -8.23
C ILE C 327 -21.12 -50.73 -7.73
N GLY C 328 -19.88 -50.30 -8.00
CA GLY C 328 -18.67 -50.94 -7.45
C GLY C 328 -18.30 -52.21 -8.20
N ASP C 329 -17.51 -53.08 -7.59
CA ASP C 329 -16.88 -54.25 -8.28
C ASP C 329 -17.97 -55.22 -8.80
N ILE C 330 -19.18 -55.20 -8.22
CA ILE C 330 -20.33 -56.06 -8.66
C ILE C 330 -20.69 -55.77 -10.11
N THR C 331 -20.34 -54.60 -10.65
CA THR C 331 -20.65 -54.20 -12.06
C THR C 331 -19.49 -54.56 -12.99
N ASP C 332 -18.32 -54.85 -12.43
CA ASP C 332 -17.20 -55.47 -13.19
C ASP C 332 -16.60 -54.51 -14.24
N ARG C 333 -16.60 -53.19 -14.02
CA ARG C 333 -15.82 -52.20 -14.83
C ARG C 333 -14.46 -52.05 -14.16
N LEU C 334 -14.17 -50.92 -13.51
CA LEU C 334 -12.89 -50.70 -12.80
C LEU C 334 -13.07 -51.12 -11.34
N MET C 335 -12.31 -52.10 -10.88
CA MET C 335 -12.37 -52.57 -9.46
C MET C 335 -11.37 -51.74 -8.67
N LEU C 336 -11.76 -50.49 -8.40
CA LEU C 336 -11.00 -49.48 -7.62
C LEU C 336 -11.97 -48.79 -6.64
N THR C 337 -11.51 -48.56 -5.42
CA THR C 337 -12.32 -48.00 -4.29
C THR C 337 -12.78 -46.57 -4.60
N PRO C 338 -11.92 -45.69 -5.17
CA PRO C 338 -12.35 -44.34 -5.52
C PRO C 338 -13.41 -44.35 -6.63
N VAL C 339 -13.41 -45.37 -7.50
CA VAL C 339 -14.39 -45.51 -8.62
C VAL C 339 -15.73 -46.00 -8.08
N ALA C 340 -15.71 -46.87 -7.07
CA ALA C 340 -16.90 -47.28 -6.30
C ALA C 340 -17.54 -46.05 -5.68
N ILE C 341 -16.72 -45.23 -5.01
CA ILE C 341 -17.11 -43.99 -4.28
C ILE C 341 -17.66 -42.98 -5.29
N ASN C 342 -17.01 -42.77 -6.44
CA ASN C 342 -17.52 -41.84 -7.48
C ASN C 342 -18.91 -42.31 -7.92
N GLU C 343 -19.15 -43.62 -8.04
CA GLU C 343 -20.40 -44.18 -8.61
C GLU C 343 -21.56 -44.03 -7.62
N GLY C 344 -21.26 -44.04 -6.32
CA GLY C 344 -22.26 -43.93 -5.24
C GLY C 344 -22.75 -42.51 -5.12
N ALA C 345 -21.84 -41.54 -5.16
CA ALA C 345 -22.14 -40.10 -5.24
C ALA C 345 -22.97 -39.85 -6.51
N ALA C 346 -22.44 -40.27 -7.68
CA ALA C 346 -23.04 -40.10 -9.02
C ALA C 346 -24.51 -40.58 -9.08
N LEU C 347 -24.88 -41.59 -8.29
CA LEU C 347 -26.21 -42.25 -8.33
C LEU C 347 -27.14 -41.54 -7.36
N VAL C 348 -26.64 -41.22 -6.17
CA VAL C 348 -27.40 -40.56 -5.07
C VAL C 348 -27.63 -39.08 -5.44
N ASP C 349 -26.71 -38.48 -6.18
CA ASP C 349 -26.91 -37.12 -6.77
C ASP C 349 -28.00 -37.21 -7.86
N THR C 350 -27.92 -38.17 -8.78
CA THR C 350 -28.98 -38.43 -9.79
C THR C 350 -30.30 -38.63 -9.03
N VAL C 351 -30.39 -39.65 -8.17
CA VAL C 351 -31.68 -40.21 -7.66
C VAL C 351 -32.31 -39.30 -6.59
N PHE C 352 -31.52 -38.57 -5.78
CA PHE C 352 -32.04 -37.74 -4.65
C PHE C 352 -31.54 -36.28 -4.73
N GLY C 353 -31.21 -35.80 -5.93
CA GLY C 353 -30.95 -34.38 -6.20
C GLY C 353 -31.52 -33.93 -7.54
N ASN C 354 -32.31 -34.80 -8.19
CA ASN C 354 -32.78 -34.71 -9.61
C ASN C 354 -31.87 -33.78 -10.41
N LYS C 355 -30.54 -33.97 -10.27
CA LYS C 355 -29.48 -33.30 -11.06
C LYS C 355 -28.53 -34.40 -11.55
N PRO C 356 -28.81 -35.02 -12.72
CA PRO C 356 -28.16 -36.27 -13.10
C PRO C 356 -26.65 -36.12 -13.24
N ARG C 357 -25.92 -37.21 -13.05
CA ARG C 357 -24.44 -37.26 -13.08
C ARG C 357 -24.01 -38.71 -13.27
N LYS C 358 -23.20 -38.96 -14.30
CA LYS C 358 -22.59 -40.29 -14.59
C LYS C 358 -21.14 -40.25 -14.13
N THR C 359 -20.48 -41.40 -14.14
CA THR C 359 -19.08 -41.56 -13.72
C THR C 359 -18.20 -41.66 -14.98
N ASP C 360 -17.12 -40.87 -15.03
CA ASP C 360 -16.06 -40.96 -16.07
C ASP C 360 -15.16 -42.16 -15.73
N HIS C 361 -15.05 -43.13 -16.62
CA HIS C 361 -14.27 -44.38 -16.43
C HIS C 361 -12.90 -44.27 -17.11
N THR C 362 -12.65 -43.20 -17.86
CA THR C 362 -11.35 -42.96 -18.56
C THR C 362 -10.49 -42.01 -17.72
N ARG C 363 -9.19 -42.04 -17.98
CA ARG C 363 -8.21 -41.11 -17.35
CA ARG C 363 -8.20 -41.11 -17.35
C ARG C 363 -8.27 -41.27 -15.82
N VAL C 364 -8.66 -42.46 -15.37
CA VAL C 364 -8.66 -42.82 -13.93
C VAL C 364 -7.21 -43.18 -13.56
N ALA C 365 -6.68 -42.56 -12.50
CA ALA C 365 -5.29 -42.74 -12.03
C ALA C 365 -5.23 -43.93 -11.09
N SER C 366 -4.24 -44.79 -11.28
CA SER C 366 -4.07 -46.04 -10.49
C SER C 366 -2.59 -46.28 -10.16
N ALA C 367 -2.35 -47.21 -9.25
CA ALA C 367 -1.03 -47.54 -8.66
C ALA C 367 -0.96 -49.05 -8.42
N VAL C 368 0.24 -49.63 -8.51
CA VAL C 368 0.58 -51.00 -8.00
C VAL C 368 1.64 -50.78 -6.92
N PHE C 369 1.37 -51.14 -5.66
CA PHE C 369 2.33 -50.98 -4.55
C PHE C 369 3.29 -52.16 -4.56
N SER C 370 3.84 -52.41 -5.75
CA SER C 370 5.06 -53.19 -5.96
C SER C 370 6.21 -52.45 -5.30
N ILE C 371 7.32 -53.16 -5.12
CA ILE C 371 8.64 -52.62 -4.70
C ILE C 371 9.55 -52.85 -5.91
N PRO C 372 9.78 -51.78 -6.73
CA PRO C 372 9.32 -50.42 -6.44
C PRO C 372 7.94 -50.13 -7.05
N PRO C 373 7.19 -49.10 -6.58
CA PRO C 373 5.79 -48.93 -6.99
C PRO C 373 5.57 -48.34 -8.39
N ILE C 374 4.35 -48.52 -8.92
CA ILE C 374 3.90 -48.10 -10.28
C ILE C 374 2.80 -47.04 -10.13
N GLY C 375 2.82 -46.06 -11.03
CA GLY C 375 1.82 -45.00 -11.16
C GLY C 375 1.51 -44.76 -12.62
N THR C 376 0.23 -44.74 -12.97
CA THR C 376 -0.28 -44.69 -14.35
C THR C 376 -1.59 -43.90 -14.38
N CYS C 377 -1.79 -43.07 -15.42
CA CYS C 377 -3.09 -42.44 -15.74
C CYS C 377 -3.29 -42.44 -17.25
N GLY C 378 -4.37 -43.06 -17.73
CA GLY C 378 -4.77 -43.05 -19.15
C GLY C 378 -4.09 -44.13 -19.98
N LEU C 379 -3.97 -43.89 -21.29
CA LEU C 379 -3.73 -44.93 -22.32
C LEU C 379 -2.26 -45.32 -22.32
N ILE C 380 -2.01 -46.62 -22.35
CA ILE C 380 -0.72 -47.19 -22.80
C ILE C 380 -0.61 -47.00 -24.31
N GLU C 381 0.62 -47.11 -24.84
CA GLU C 381 0.93 -46.67 -26.22
C GLU C 381 0.27 -47.57 -27.28
N GLU C 382 0.00 -48.84 -26.99
CA GLU C 382 -0.49 -49.84 -27.99
C GLU C 382 -1.98 -49.63 -28.18
N VAL C 383 -2.70 -49.20 -27.14
CA VAL C 383 -4.15 -48.80 -27.22
C VAL C 383 -4.25 -47.49 -28.04
N ALA C 384 -3.24 -46.62 -27.96
CA ALA C 384 -3.27 -45.27 -28.55
C ALA C 384 -2.86 -45.33 -30.04
N ALA C 385 -1.76 -46.01 -30.37
CA ALA C 385 -1.35 -46.30 -31.76
C ALA C 385 -2.56 -46.84 -32.56
N LYS C 386 -3.59 -47.35 -31.89
CA LYS C 386 -4.74 -48.10 -32.47
C LYS C 386 -5.96 -47.18 -32.60
N GLU C 387 -5.96 -46.00 -31.97
CA GLU C 387 -7.13 -45.08 -31.92
C GLU C 387 -6.72 -43.68 -32.36
N PHE C 388 -5.47 -43.51 -32.84
CA PHE C 388 -4.85 -42.21 -33.19
C PHE C 388 -3.82 -42.41 -34.31
N GLU C 389 -3.93 -41.64 -35.38
CA GLU C 389 -3.04 -41.66 -36.58
C GLU C 389 -1.57 -41.70 -36.14
N LYS C 390 -1.14 -40.64 -35.47
CA LYS C 390 0.27 -40.38 -35.06
C LYS C 390 0.31 -40.20 -33.53
N VAL C 391 1.02 -41.12 -32.86
CA VAL C 391 1.20 -41.16 -31.39
C VAL C 391 2.70 -41.06 -31.13
N ALA C 392 3.07 -40.31 -30.10
CA ALA C 392 4.48 -40.10 -29.71
C ALA C 392 4.69 -40.57 -28.26
N VAL C 393 5.85 -41.16 -28.03
CA VAL C 393 6.25 -41.70 -26.70
C VAL C 393 7.48 -40.94 -26.23
N TYR C 394 7.34 -40.30 -25.07
CA TYR C 394 8.43 -39.61 -24.34
C TYR C 394 8.86 -40.51 -23.17
N MET C 395 10.15 -40.84 -23.10
CA MET C 395 10.69 -41.87 -22.19
C MET C 395 11.93 -41.31 -21.49
N SER C 396 11.91 -41.33 -20.17
CA SER C 396 13.08 -41.08 -19.30
C SER C 396 13.25 -42.30 -18.39
N SER C 397 14.50 -42.74 -18.26
CA SER C 397 14.92 -43.94 -17.51
C SER C 397 16.36 -43.75 -17.00
N PHE C 398 16.55 -43.81 -15.69
CA PHE C 398 17.83 -43.48 -15.02
C PHE C 398 17.87 -44.26 -13.71
N THR C 399 19.06 -44.64 -13.27
CA THR C 399 19.34 -45.05 -11.87
C THR C 399 19.38 -43.81 -10.99
N PRO C 400 18.36 -43.58 -10.10
CA PRO C 400 18.40 -42.44 -9.18
C PRO C 400 19.75 -42.43 -8.46
N LEU C 401 20.32 -41.23 -8.26
CA LEU C 401 21.64 -41.01 -7.63
C LEU C 401 21.69 -41.66 -6.24
N MET C 402 20.63 -41.55 -5.43
CA MET C 402 20.68 -42.06 -4.04
C MET C 402 20.94 -43.58 -4.08
N HIS C 403 20.55 -44.24 -5.19
CA HIS C 403 20.64 -45.72 -5.31
C HIS C 403 22.03 -46.14 -5.81
N ASN C 404 22.86 -45.22 -6.28
CA ASN C 404 24.30 -45.53 -6.49
C ASN C 404 25.00 -45.57 -5.13
N ILE C 405 24.45 -44.89 -4.11
CA ILE C 405 25.07 -44.82 -2.76
C ILE C 405 24.56 -46.06 -2.00
N SER C 406 23.25 -46.28 -2.02
CA SER C 406 22.55 -47.38 -1.32
C SER C 406 23.05 -48.72 -1.82
N GLY C 407 23.40 -48.83 -3.11
CA GLY C 407 23.84 -50.08 -3.76
C GLY C 407 22.74 -50.77 -4.56
N SER C 408 21.52 -50.23 -4.56
CA SER C 408 20.35 -50.76 -5.33
C SER C 408 20.38 -50.21 -6.75
N LYS C 409 21.48 -50.44 -7.47
CA LYS C 409 21.67 -49.89 -8.83
C LYS C 409 20.54 -50.35 -9.76
N TYR C 410 19.89 -51.47 -9.44
CA TYR C 410 18.83 -52.11 -10.26
C TYR C 410 17.55 -51.25 -10.24
N LYS C 411 17.47 -50.25 -9.36
CA LYS C 411 16.18 -49.55 -9.06
C LYS C 411 15.93 -48.39 -10.05
N LYS C 412 15.94 -48.64 -11.35
CA LYS C 412 15.73 -47.60 -12.39
C LYS C 412 14.36 -46.96 -12.18
N PHE C 413 14.29 -45.63 -12.14
CA PHE C 413 13.03 -44.87 -12.33
C PHE C 413 12.69 -44.88 -13.83
N VAL C 414 11.41 -44.93 -14.17
CA VAL C 414 10.96 -44.94 -15.59
C VAL C 414 9.80 -43.99 -15.69
N ALA C 415 9.92 -42.98 -16.54
CA ALA C 415 8.86 -41.98 -16.81
C ALA C 415 8.54 -41.97 -18.30
N LYS C 416 7.25 -42.05 -18.61
CA LYS C 416 6.75 -42.18 -20.00
C LYS C 416 5.45 -41.39 -20.16
N ILE C 417 5.44 -40.50 -21.15
CA ILE C 417 4.27 -39.69 -21.57
C ILE C 417 3.84 -40.17 -22.96
N VAL C 418 2.56 -40.51 -23.14
CA VAL C 418 2.02 -40.86 -24.49
C VAL C 418 1.14 -39.72 -24.99
N THR C 419 1.47 -39.20 -26.17
CA THR C 419 0.79 -38.03 -26.75
C THR C 419 0.17 -38.40 -28.09
N ASN C 420 -0.92 -37.73 -28.41
CA ASN C 420 -1.39 -37.50 -29.80
C ASN C 420 -0.39 -36.52 -30.41
N HIS C 421 0.50 -36.94 -31.30
CA HIS C 421 1.53 -36.04 -31.89
C HIS C 421 0.92 -34.98 -32.85
N SER C 422 -0.31 -35.18 -33.35
CA SER C 422 -1.04 -34.21 -34.21
C SER C 422 -1.29 -32.89 -33.48
N ASP C 423 -1.85 -32.93 -32.26
CA ASP C 423 -2.25 -31.73 -31.47
C ASP C 423 -1.43 -31.57 -30.17
N GLY C 424 -0.61 -32.55 -29.76
CA GLY C 424 0.19 -32.53 -28.50
C GLY C 424 -0.54 -33.04 -27.26
N THR C 425 -1.83 -33.40 -27.35
CA THR C 425 -2.66 -33.84 -26.18
C THR C 425 -2.00 -35.04 -25.47
N VAL C 426 -1.85 -34.98 -24.14
CA VAL C 426 -1.24 -36.08 -23.34
C VAL C 426 -2.30 -37.16 -23.14
N LEU C 427 -2.06 -38.37 -23.63
CA LEU C 427 -3.06 -39.46 -23.65
C LEU C 427 -2.87 -40.35 -22.43
N GLY C 428 -1.62 -40.61 -22.03
CA GLY C 428 -1.32 -41.38 -20.81
C GLY C 428 0.02 -41.01 -20.22
N VAL C 429 0.18 -41.23 -18.92
CA VAL C 429 1.43 -41.06 -18.15
C VAL C 429 1.66 -42.32 -17.28
N HIS C 430 2.86 -42.91 -17.38
CA HIS C 430 3.23 -44.20 -16.79
C HIS C 430 4.57 -44.04 -16.06
N LEU C 431 4.63 -44.34 -14.75
CA LEU C 431 5.80 -44.08 -13.88
C LEU C 431 6.15 -45.35 -13.10
N LEU C 432 7.43 -45.71 -13.03
CA LEU C 432 7.98 -46.73 -12.08
C LEU C 432 9.13 -46.11 -11.29
N GLY C 433 9.15 -46.35 -9.98
CA GLY C 433 10.14 -45.82 -9.03
C GLY C 433 9.46 -45.23 -7.81
N ASP C 434 10.23 -44.96 -6.75
CA ASP C 434 9.66 -44.53 -5.44
C ASP C 434 9.01 -43.17 -5.66
N GLY C 435 7.81 -42.99 -5.10
CA GLY C 435 6.97 -41.79 -5.28
C GLY C 435 5.86 -42.00 -6.31
N ALA C 436 6.04 -42.93 -7.27
CA ALA C 436 5.19 -43.03 -8.49
C ALA C 436 3.71 -42.86 -8.16
N PRO C 437 3.13 -43.52 -7.14
CA PRO C 437 1.69 -43.38 -6.86
C PRO C 437 1.33 -41.94 -6.45
N GLU C 438 2.26 -41.26 -5.78
CA GLU C 438 2.05 -39.90 -5.22
C GLU C 438 2.06 -38.91 -6.40
N ILE C 439 3.07 -39.05 -7.29
CA ILE C 439 3.30 -38.16 -8.48
C ILE C 439 2.05 -38.16 -9.37
N ILE C 440 1.42 -39.31 -9.55
CA ILE C 440 0.46 -39.51 -10.66
C ILE C 440 -0.86 -38.86 -10.29
N GLN C 441 -1.12 -38.60 -9.02
CA GLN C 441 -2.48 -38.14 -8.62
C GLN C 441 -2.81 -36.88 -9.43
N ALA C 442 -1.97 -35.84 -9.29
CA ALA C 442 -2.18 -34.52 -9.95
C ALA C 442 -2.16 -34.70 -11.47
N VAL C 443 -1.38 -35.67 -11.99
CA VAL C 443 -1.47 -36.04 -13.43
C VAL C 443 -2.92 -36.38 -13.79
N GLY C 444 -3.69 -36.95 -12.86
CA GLY C 444 -5.16 -37.10 -13.01
C GLY C 444 -5.80 -35.80 -13.47
N VAL C 445 -5.57 -34.72 -12.73
CA VAL C 445 -6.26 -33.43 -12.95
C VAL C 445 -5.78 -32.87 -14.30
N CYS C 446 -4.49 -33.00 -14.60
CA CYS C 446 -3.88 -32.50 -15.85
C CYS C 446 -4.64 -33.04 -17.06
N LEU C 447 -4.92 -34.34 -17.04
CA LEU C 447 -5.55 -35.04 -18.19
C LEU C 447 -7.04 -34.67 -18.27
N ARG C 448 -7.69 -34.36 -17.13
CA ARG C 448 -9.09 -33.81 -17.11
C ARG C 448 -9.10 -32.41 -17.74
N LEU C 449 -7.99 -31.68 -17.64
CA LEU C 449 -7.79 -30.35 -18.27
C LEU C 449 -7.10 -30.46 -19.64
N ASN C 450 -6.97 -31.67 -20.19
CA ASN C 450 -6.51 -31.90 -21.59
C ASN C 450 -5.13 -31.27 -21.78
N ALA C 451 -4.30 -31.35 -20.74
CA ALA C 451 -2.89 -30.94 -20.77
C ALA C 451 -2.22 -31.43 -22.07
N LYS C 452 -1.37 -30.59 -22.63
CA LYS C 452 -0.46 -30.98 -23.74
C LYS C 452 0.93 -31.25 -23.15
N ILE C 453 1.76 -31.98 -23.87
CA ILE C 453 3.16 -32.24 -23.48
C ILE C 453 3.82 -30.88 -23.25
N SER C 454 3.59 -29.90 -24.12
CA SER C 454 4.23 -28.56 -24.04
C SER C 454 3.89 -27.91 -22.69
N ASP C 455 2.69 -28.16 -22.15
CA ASP C 455 2.22 -27.67 -20.82
C ASP C 455 3.04 -28.32 -19.71
N PHE C 456 3.46 -29.57 -19.88
CA PHE C 456 4.41 -30.24 -18.95
C PHE C 456 5.79 -29.59 -19.11
N TYR C 457 6.33 -29.46 -20.33
CA TYR C 457 7.75 -29.03 -20.55
CA TYR C 457 7.77 -29.06 -20.47
C TYR C 457 7.93 -27.56 -20.22
N ASN C 458 6.84 -26.78 -20.21
CA ASN C 458 6.88 -25.32 -19.88
C ASN C 458 6.65 -25.04 -18.38
N THR C 459 6.30 -26.04 -17.56
CA THR C 459 6.14 -25.85 -16.08
C THR C 459 7.52 -26.00 -15.44
N ILE C 460 7.90 -25.02 -14.63
CA ILE C 460 9.19 -25.00 -13.90
C ILE C 460 9.17 -26.15 -12.88
N GLY C 461 10.26 -26.93 -12.88
CA GLY C 461 10.42 -28.10 -12.00
C GLY C 461 10.58 -27.73 -10.53
N VAL C 462 10.38 -28.75 -9.69
CA VAL C 462 10.84 -28.86 -8.28
C VAL C 462 12.04 -29.80 -8.30
N HIS C 463 13.21 -29.31 -7.87
CA HIS C 463 14.49 -30.05 -7.89
C HIS C 463 14.97 -30.15 -6.44
N PRO C 464 15.61 -31.25 -6.00
CA PRO C 464 15.65 -32.51 -6.76
C PRO C 464 14.52 -33.49 -6.42
N THR C 465 13.78 -33.91 -7.45
CA THR C 465 12.70 -34.93 -7.39
C THR C 465 12.81 -35.88 -8.58
N SER C 466 12.18 -37.04 -8.50
CA SER C 466 11.92 -37.91 -9.67
C SER C 466 10.83 -37.23 -10.51
N ALA C 467 9.82 -36.64 -9.84
CA ALA C 467 8.64 -36.00 -10.48
C ALA C 467 9.09 -34.99 -11.55
N GLU C 468 10.14 -34.20 -11.34
CA GLU C 468 10.57 -33.13 -12.29
C GLU C 468 10.93 -33.73 -13.66
N GLU C 469 11.19 -35.04 -13.74
CA GLU C 469 11.58 -35.73 -14.99
C GLU C 469 10.42 -35.65 -16.00
N LEU C 470 9.19 -35.42 -15.54
CA LEU C 470 7.99 -35.22 -16.38
C LEU C 470 8.05 -33.86 -17.10
N CYS C 471 8.70 -32.86 -16.50
CA CYS C 471 8.67 -31.46 -16.97
C CYS C 471 9.95 -31.12 -17.73
N SER C 472 10.71 -32.14 -18.17
CA SER C 472 11.98 -32.00 -18.92
C SER C 472 12.01 -32.95 -20.14
N MET C 473 10.86 -33.38 -20.64
CA MET C 473 10.82 -34.26 -21.84
C MET C 473 10.18 -33.48 -23.00
N ARG C 474 11.02 -33.14 -23.99
CA ARG C 474 10.69 -32.21 -25.12
C ARG C 474 10.76 -32.96 -26.47
N THR C 475 11.63 -33.96 -26.59
CA THR C 475 11.88 -34.71 -27.86
C THR C 475 11.31 -36.12 -27.72
N PRO C 476 10.36 -36.56 -28.58
CA PRO C 476 9.91 -37.95 -28.55
C PRO C 476 11.08 -38.92 -28.73
N SER C 477 11.00 -40.09 -28.09
CA SER C 477 12.00 -41.18 -28.20
C SER C 477 11.63 -42.07 -29.38
N TYR C 478 10.34 -42.27 -29.63
CA TYR C 478 9.79 -43.02 -30.78
C TYR C 478 8.30 -42.69 -30.99
N TYR C 479 7.75 -43.11 -32.16
CA TYR C 479 6.36 -42.78 -32.55
C TYR C 479 5.64 -44.02 -33.08
N TYR C 480 4.31 -43.94 -33.12
CA TYR C 480 3.44 -44.94 -33.79
C TYR C 480 2.66 -44.23 -34.88
N VAL C 481 2.93 -44.59 -36.14
CA VAL C 481 2.23 -44.05 -37.33
C VAL C 481 1.42 -45.19 -37.95
N LYS C 482 0.10 -45.03 -38.04
CA LYS C 482 -0.83 -46.05 -38.60
C LYS C 482 -0.54 -47.40 -37.93
N GLY C 483 -0.21 -47.38 -36.63
CA GLY C 483 0.10 -48.55 -35.79
C GLY C 483 1.56 -48.97 -35.83
N GLU C 484 2.39 -48.41 -36.72
CA GLU C 484 3.78 -48.88 -36.99
C GLU C 484 4.76 -48.12 -36.10
N LYS C 485 5.33 -48.79 -35.09
CA LYS C 485 6.43 -48.26 -34.24
C LYS C 485 7.61 -47.87 -35.14
N MET C 486 8.03 -46.60 -35.08
CA MET C 486 9.25 -46.11 -35.77
C MET C 486 9.93 -45.07 -34.87
N GLU C 487 11.26 -44.97 -34.99
CA GLU C 487 12.14 -44.00 -34.28
C GLU C 487 11.86 -42.60 -34.83
N LYS C 488 12.21 -42.33 -36.09
CA LYS C 488 11.92 -41.06 -36.81
C LYS C 488 10.50 -41.10 -37.38
N LEU C 489 9.92 -39.91 -37.66
CA LEU C 489 8.72 -39.76 -38.53
C LEU C 489 9.14 -40.06 -39.97
N PRO C 490 8.21 -40.43 -40.90
CA PRO C 490 8.56 -40.62 -42.30
C PRO C 490 8.45 -39.35 -43.16
N GLY D 1 54.27 -9.36 -33.17
CA GLY D 1 53.09 -8.46 -33.31
C GLY D 1 51.88 -9.00 -32.55
N SER D 2 50.70 -8.42 -32.77
CA SER D 2 49.42 -8.83 -32.12
C SER D 2 48.84 -10.06 -32.82
N HIS D 3 47.99 -10.82 -32.10
CA HIS D 3 47.25 -12.01 -32.60
C HIS D 3 45.84 -12.03 -32.00
N MET D 4 44.88 -12.57 -32.75
CA MET D 4 43.43 -12.58 -32.42
C MET D 4 43.21 -13.19 -31.04
N SER D 5 42.33 -12.57 -30.24
CA SER D 5 41.68 -13.24 -29.10
C SER D 5 40.70 -14.28 -29.63
N LYS D 6 40.48 -15.37 -28.90
CA LYS D 6 39.34 -16.31 -29.11
C LYS D 6 38.03 -15.52 -29.08
N ALA D 7 37.13 -15.71 -30.06
CA ALA D 7 35.88 -14.94 -30.26
C ALA D 7 34.67 -15.86 -30.14
N PHE D 8 33.59 -15.34 -29.55
CA PHE D 8 32.36 -16.08 -29.21
C PHE D 8 31.11 -15.26 -29.53
N ASP D 9 30.00 -15.93 -29.86
CA ASP D 9 28.66 -15.29 -29.99
C ASP D 9 28.20 -14.92 -28.58
N LEU D 10 28.53 -15.78 -27.59
CA LEU D 10 28.08 -15.64 -26.18
C LEU D 10 29.22 -16.04 -25.24
N VAL D 11 29.49 -15.20 -24.23
CA VAL D 11 30.33 -15.56 -23.04
C VAL D 11 29.44 -15.52 -21.81
N VAL D 12 29.28 -16.70 -21.20
CA VAL D 12 28.62 -16.97 -19.90
C VAL D 12 29.72 -16.94 -18.84
N ILE D 13 29.52 -16.14 -17.80
CA ILE D 13 30.38 -16.15 -16.59
C ILE D 13 29.56 -16.85 -15.51
N GLY D 14 30.05 -17.99 -15.03
CA GLY D 14 29.36 -18.89 -14.10
C GLY D 14 28.77 -20.10 -14.82
N ALA D 15 29.44 -21.25 -14.67
CA ALA D 15 29.08 -22.53 -15.30
C ALA D 15 28.11 -23.27 -14.36
N GLY D 16 27.03 -22.61 -13.97
CA GLY D 16 26.05 -23.15 -13.00
C GLY D 16 24.72 -23.43 -13.64
N SER D 17 23.67 -23.44 -12.82
CA SER D 17 22.33 -23.94 -13.19
C SER D 17 21.85 -23.19 -14.43
N GLY D 18 21.95 -21.87 -14.43
CA GLY D 18 21.51 -21.03 -15.56
C GLY D 18 22.60 -20.91 -16.61
N GLY D 19 23.83 -20.70 -16.16
CA GLY D 19 25.00 -20.58 -17.05
C GLY D 19 25.07 -21.72 -18.06
N LEU D 20 25.01 -22.95 -17.57
CA LEU D 20 25.18 -24.18 -18.39
C LEU D 20 23.95 -24.39 -19.28
N GLU D 21 22.73 -24.09 -18.82
CA GLU D 21 21.50 -24.27 -19.65
C GLU D 21 21.58 -23.33 -20.85
N ALA D 22 21.91 -22.07 -20.61
CA ALA D 22 22.07 -21.06 -21.67
C ALA D 22 23.20 -21.48 -22.61
N GLY D 23 24.34 -21.87 -22.05
CA GLY D 23 25.54 -22.17 -22.85
C GLY D 23 25.26 -23.31 -23.79
N TRP D 24 24.85 -24.45 -23.23
CA TRP D 24 24.51 -25.70 -23.94
C TRP D 24 23.48 -25.42 -25.04
N ASN D 25 22.34 -24.81 -24.68
CA ASN D 25 21.20 -24.50 -25.58
C ASN D 25 21.69 -23.69 -26.78
N ALA D 26 22.40 -22.57 -26.56
CA ALA D 26 22.97 -21.69 -27.60
C ALA D 26 23.92 -22.49 -28.50
N ALA D 27 24.70 -23.43 -27.95
CA ALA D 27 25.68 -24.20 -28.75
C ALA D 27 24.95 -25.29 -29.57
N THR D 28 24.06 -26.08 -28.97
CA THR D 28 23.48 -27.30 -29.60
C THR D 28 22.20 -27.02 -30.40
N LEU D 29 21.31 -26.12 -29.95
CA LEU D 29 20.04 -25.80 -30.67
C LEU D 29 20.29 -24.74 -31.74
N TYR D 30 21.12 -23.72 -31.47
CA TYR D 30 21.25 -22.49 -32.29
C TYR D 30 22.62 -22.36 -32.96
N GLY D 31 23.56 -23.29 -32.72
CA GLY D 31 24.84 -23.43 -33.44
C GLY D 31 25.83 -22.32 -33.14
N LYS D 32 25.65 -21.63 -32.01
CA LYS D 32 26.51 -20.50 -31.56
C LYS D 32 27.87 -21.03 -31.07
N ARG D 33 28.87 -20.16 -31.10
CA ARG D 33 30.21 -20.42 -30.50
C ARG D 33 30.20 -19.80 -29.09
N VAL D 34 30.25 -20.63 -28.06
CA VAL D 34 29.98 -20.23 -26.64
C VAL D 34 31.20 -20.54 -25.75
N ALA D 35 31.64 -19.56 -24.97
CA ALA D 35 32.55 -19.71 -23.82
C ALA D 35 31.74 -19.72 -22.52
N VAL D 36 32.15 -20.55 -21.57
CA VAL D 36 31.63 -20.57 -20.17
C VAL D 36 32.86 -20.55 -19.24
N VAL D 37 32.81 -19.67 -18.25
CA VAL D 37 33.91 -19.42 -17.26
C VAL D 37 33.42 -19.84 -15.88
N ASP D 38 34.26 -20.60 -15.20
CA ASP D 38 34.03 -20.93 -13.78
C ASP D 38 35.41 -21.04 -13.12
N VAL D 39 35.41 -21.05 -11.78
CA VAL D 39 36.62 -20.82 -10.93
C VAL D 39 37.24 -22.16 -10.57
N GLN D 40 36.54 -23.27 -10.83
CA GLN D 40 36.97 -24.62 -10.43
C GLN D 40 36.31 -25.64 -11.32
N THR D 41 37.02 -26.74 -11.57
CA THR D 41 36.59 -27.81 -12.49
C THR D 41 35.82 -28.87 -11.69
N SER D 42 35.87 -28.81 -10.36
CA SER D 42 35.30 -29.82 -9.45
C SER D 42 35.08 -29.20 -8.07
N HIS D 43 34.19 -29.81 -7.26
CA HIS D 43 33.59 -29.21 -6.05
C HIS D 43 34.68 -29.04 -4.99
N GLY D 44 34.51 -28.14 -4.05
CA GLY D 44 35.32 -28.19 -2.83
C GLY D 44 36.04 -26.89 -2.52
N PRO D 45 36.66 -26.79 -1.32
CA PRO D 45 37.53 -25.68 -1.01
C PRO D 45 38.59 -25.68 -2.10
N PRO D 46 39.20 -24.52 -2.44
CA PRO D 46 38.87 -23.24 -1.79
C PRO D 46 37.56 -22.51 -2.13
N PHE D 47 36.99 -22.68 -3.34
CA PHE D 47 35.94 -21.77 -3.88
C PHE D 47 34.56 -22.43 -3.77
N TYR D 48 34.51 -23.74 -3.50
CA TYR D 48 33.31 -24.53 -3.10
C TYR D 48 32.40 -24.78 -4.31
N ALA D 49 31.78 -23.74 -4.86
CA ALA D 49 31.01 -23.88 -6.12
C ALA D 49 32.05 -24.09 -7.21
N ALA D 50 31.63 -24.59 -8.36
CA ALA D 50 32.57 -24.96 -9.45
C ALA D 50 31.71 -25.30 -10.65
N LEU D 51 32.37 -25.79 -11.71
CA LEU D 51 31.68 -26.43 -12.85
C LEU D 51 30.49 -27.23 -12.33
N GLY D 52 29.30 -26.86 -12.77
CA GLY D 52 28.03 -27.44 -12.30
C GLY D 52 27.23 -26.42 -11.51
N GLY D 53 27.91 -25.55 -10.77
CA GLY D 53 27.23 -24.51 -9.98
C GLY D 53 27.00 -24.90 -8.53
N THR D 54 26.27 -24.04 -7.80
CA THR D 54 25.98 -24.17 -6.35
C THR D 54 25.14 -25.43 -6.16
N CYS D 55 24.14 -25.64 -7.00
CA CYS D 55 23.23 -26.80 -6.89
C CYS D 55 24.04 -28.09 -6.91
N VAL D 56 24.78 -28.32 -7.98
CA VAL D 56 25.63 -29.53 -8.12
C VAL D 56 26.64 -29.67 -6.99
N ASN D 57 27.32 -28.59 -6.56
CA ASN D 57 28.55 -28.76 -5.74
C ASN D 57 28.25 -28.63 -4.23
N VAL D 58 27.41 -27.68 -3.83
CA VAL D 58 27.21 -27.25 -2.40
C VAL D 58 25.80 -26.66 -2.29
N GLY D 59 24.83 -27.37 -2.87
CA GLY D 59 23.41 -27.03 -2.92
C GLY D 59 22.55 -28.29 -3.07
N CYS D 60 21.53 -28.22 -3.91
CA CYS D 60 20.36 -29.13 -3.93
C CYS D 60 20.82 -30.60 -3.91
N VAL D 61 21.83 -30.94 -4.68
CA VAL D 61 22.21 -32.36 -4.94
C VAL D 61 22.82 -32.97 -3.67
N PRO D 62 23.97 -32.50 -3.16
CA PRO D 62 24.53 -33.10 -1.95
C PRO D 62 23.64 -32.91 -0.71
N LYS D 63 22.85 -31.84 -0.62
CA LYS D 63 21.97 -31.69 0.57
C LYS D 63 20.87 -32.76 0.53
N LYS D 64 20.43 -33.17 -0.66
CA LYS D 64 19.37 -34.21 -0.82
C LYS D 64 19.95 -35.58 -0.48
N LEU D 65 21.13 -35.92 -1.02
CA LEU D 65 21.82 -37.17 -0.62
C LEU D 65 21.96 -37.17 0.89
N MET D 66 22.40 -36.04 1.46
CA MET D 66 22.59 -35.94 2.92
C MET D 66 21.25 -36.01 3.65
N VAL D 67 20.18 -35.37 3.17
CA VAL D 67 18.86 -35.46 3.87
C VAL D 67 18.43 -36.94 3.79
N THR D 68 18.64 -37.57 2.64
CA THR D 68 18.30 -39.00 2.43
C THR D 68 18.97 -39.78 3.58
N GLY D 69 20.30 -39.66 3.72
CA GLY D 69 21.08 -40.18 4.86
C GLY D 69 20.38 -39.95 6.20
N ALA D 70 19.97 -38.71 6.46
CA ALA D 70 19.35 -38.35 7.74
C ALA D 70 18.05 -39.14 7.89
N GLN D 71 17.25 -39.26 6.82
CA GLN D 71 15.92 -39.94 6.85
C GLN D 71 16.05 -41.34 7.46
N TYR D 72 17.18 -42.04 7.32
CA TYR D 72 17.38 -43.42 7.84
C TYR D 72 17.37 -43.45 9.37
N MET D 73 17.62 -42.33 10.09
CA MET D 73 17.42 -42.27 11.56
C MET D 73 15.96 -42.60 11.86
N ASP D 74 15.03 -42.04 11.08
CA ASP D 74 13.57 -42.20 11.28
C ASP D 74 13.16 -43.61 10.82
N HIS D 75 13.70 -44.10 9.71
CA HIS D 75 13.30 -45.43 9.14
C HIS D 75 13.67 -46.55 10.15
N LEU D 76 14.88 -46.49 10.73
CA LEU D 76 15.38 -47.51 11.70
C LEU D 76 14.41 -47.60 12.89
N ARG D 77 14.10 -46.48 13.52
CA ARG D 77 13.15 -46.44 14.68
C ARG D 77 11.74 -46.86 14.22
N GLU D 78 11.27 -46.38 13.06
CA GLU D 78 9.85 -46.60 12.64
C GLU D 78 9.64 -48.04 12.21
N SER D 79 10.73 -48.77 11.95
CA SER D 79 10.69 -50.15 11.42
C SER D 79 10.17 -51.09 12.52
N ALA D 80 10.30 -50.72 13.79
CA ALA D 80 9.95 -51.58 14.95
C ALA D 80 8.45 -51.84 14.97
N GLY D 81 7.61 -50.81 14.82
CA GLY D 81 6.14 -50.98 14.76
C GLY D 81 5.70 -52.00 13.71
N PHE D 82 6.44 -52.11 12.61
CA PHE D 82 6.10 -53.02 11.49
C PHE D 82 6.74 -54.38 11.72
N GLY D 83 7.41 -54.55 12.86
CA GLY D 83 7.93 -55.87 13.29
C GLY D 83 9.36 -56.09 12.87
N TRP D 84 10.12 -55.04 12.57
CA TRP D 84 11.59 -55.18 12.39
C TRP D 84 12.29 -55.15 13.75
N GLU D 85 13.30 -56.04 13.88
CA GLU D 85 14.01 -56.35 15.15
C GLU D 85 15.49 -56.47 14.83
N PHE D 86 16.31 -55.73 15.58
CA PHE D 86 17.79 -55.69 15.45
C PHE D 86 18.37 -55.08 16.74
N ASP D 87 19.68 -55.21 16.91
CA ASP D 87 20.45 -54.68 18.07
C ASP D 87 20.47 -53.14 17.97
N GLY D 88 19.50 -52.48 18.64
CA GLY D 88 19.46 -51.01 18.80
C GLY D 88 20.78 -50.44 19.30
N SER D 89 21.42 -51.13 20.24
CA SER D 89 22.68 -50.70 20.90
C SER D 89 23.86 -50.65 19.90
N SER D 90 23.75 -51.22 18.69
CA SER D 90 24.85 -51.28 17.68
C SER D 90 24.71 -50.20 16.59
N VAL D 91 23.65 -49.38 16.65
CA VAL D 91 23.33 -48.33 15.64
C VAL D 91 24.25 -47.13 15.84
N LYS D 92 25.15 -46.87 14.88
CA LYS D 92 25.96 -45.63 14.82
C LYS D 92 25.89 -45.04 13.41
N ALA D 93 25.70 -43.72 13.32
CA ALA D 93 25.71 -42.91 12.09
C ALA D 93 27.15 -42.51 11.78
N ASN D 94 27.63 -42.81 10.57
CA ASN D 94 29.03 -42.49 10.13
C ASN D 94 28.98 -41.40 9.05
N TRP D 95 29.13 -40.16 9.50
CA TRP D 95 29.34 -38.91 8.73
C TRP D 95 30.46 -39.07 7.69
N LYS D 96 31.63 -39.57 8.12
CA LYS D 96 32.80 -39.69 7.22
C LYS D 96 32.39 -40.43 5.96
N LYS D 97 31.65 -41.54 6.12
CA LYS D 97 31.22 -42.41 4.99
CA LYS D 97 31.22 -42.41 5.00
C LYS D 97 30.26 -41.62 4.09
N LEU D 98 29.33 -40.89 4.71
CA LEU D 98 28.28 -40.11 4.02
C LEU D 98 28.93 -39.02 3.16
N ILE D 99 29.92 -38.31 3.71
CA ILE D 99 30.59 -37.18 3.04
C ILE D 99 31.39 -37.76 1.85
N ALA D 100 32.07 -38.88 2.05
CA ALA D 100 32.90 -39.53 1.00
C ALA D 100 31.97 -40.07 -0.10
N ALA D 101 30.77 -40.54 0.27
CA ALA D 101 29.73 -40.98 -0.70
C ALA D 101 29.24 -39.75 -1.45
N LYS D 102 28.79 -38.72 -0.74
CA LYS D 102 28.34 -37.47 -1.37
C LYS D 102 29.44 -36.94 -2.32
N ASN D 103 30.68 -36.81 -1.84
CA ASN D 103 31.83 -36.26 -2.59
C ASN D 103 32.06 -36.98 -3.92
N GLU D 104 31.92 -38.33 -3.93
CA GLU D 104 32.11 -39.18 -5.14
C GLU D 104 31.01 -38.81 -6.13
N ALA D 105 29.76 -38.82 -5.69
CA ALA D 105 28.57 -38.45 -6.50
C ALA D 105 28.79 -37.08 -7.16
N VAL D 106 29.19 -36.06 -6.40
CA VAL D 106 29.38 -34.69 -6.97
C VAL D 106 30.53 -34.72 -7.99
N LEU D 107 31.65 -35.38 -7.66
CA LEU D 107 32.84 -35.47 -8.56
C LEU D 107 32.43 -36.08 -9.92
N ASP D 108 31.58 -37.11 -9.91
CA ASP D 108 31.08 -37.79 -11.14
C ASP D 108 30.30 -36.81 -12.02
N ILE D 109 29.50 -35.92 -11.44
CA ILE D 109 28.79 -34.84 -12.19
C ILE D 109 29.84 -33.83 -12.72
N ASN D 110 30.71 -33.29 -11.86
CA ASN D 110 31.86 -32.47 -12.28
C ASN D 110 32.57 -33.13 -13.49
N LYS D 111 32.95 -34.40 -13.37
CA LYS D 111 33.73 -35.04 -14.45
C LYS D 111 32.83 -35.14 -15.69
N SER D 112 31.54 -35.27 -15.46
CA SER D 112 30.52 -35.49 -16.51
C SER D 112 30.38 -34.20 -17.33
N TYR D 113 30.41 -33.06 -16.66
CA TYR D 113 30.41 -31.73 -17.34
C TYR D 113 31.70 -31.49 -18.14
N GLU D 114 32.88 -31.86 -17.64
CA GLU D 114 34.15 -31.76 -18.40
C GLU D 114 34.01 -32.52 -19.71
N GLY D 115 33.60 -33.79 -19.66
CA GLY D 115 33.38 -34.63 -20.85
C GLY D 115 32.51 -33.94 -21.89
N MET D 116 31.43 -33.30 -21.46
CA MET D 116 30.43 -32.65 -22.35
C MET D 116 31.11 -31.47 -23.06
N PHE D 117 31.96 -30.71 -22.37
CA PHE D 117 32.74 -29.58 -22.96
C PHE D 117 33.78 -30.13 -23.95
N ASN D 118 34.56 -31.14 -23.57
CA ASN D 118 35.59 -31.71 -24.48
C ASN D 118 34.93 -32.29 -25.75
N ASP D 119 33.63 -32.63 -25.72
CA ASP D 119 33.00 -33.51 -26.72
C ASP D 119 31.96 -32.74 -27.55
N THR D 120 31.66 -31.49 -27.18
CA THR D 120 30.65 -30.65 -27.85
C THR D 120 31.34 -29.50 -28.59
N GLU D 121 31.30 -29.52 -29.93
CA GLU D 121 31.99 -28.50 -30.73
C GLU D 121 31.25 -27.16 -30.53
N GLY D 122 32.00 -26.07 -30.35
CA GLY D 122 31.44 -24.71 -30.15
C GLY D 122 30.93 -24.45 -28.73
N LEU D 123 31.25 -25.30 -27.75
CA LEU D 123 30.98 -25.04 -26.30
C LEU D 123 32.29 -25.25 -25.53
N ASP D 124 32.94 -24.17 -25.13
CA ASP D 124 34.33 -24.14 -24.60
C ASP D 124 34.29 -23.71 -23.14
N PHE D 125 35.12 -24.31 -22.32
CA PHE D 125 35.17 -24.03 -20.87
C PHE D 125 36.48 -23.32 -20.57
N PHE D 126 36.37 -22.28 -19.74
CA PHE D 126 37.49 -21.42 -19.28
C PHE D 126 37.53 -21.43 -17.75
N LEU D 127 38.64 -21.94 -17.22
CA LEU D 127 38.91 -21.96 -15.76
C LEU D 127 39.44 -20.59 -15.33
N GLY D 128 38.86 -20.03 -14.28
CA GLY D 128 39.29 -18.75 -13.68
C GLY D 128 38.13 -17.81 -13.46
N TRP D 129 38.48 -16.55 -13.21
CA TRP D 129 37.57 -15.49 -12.73
C TRP D 129 37.31 -14.50 -13.87
N GLY D 130 36.04 -14.39 -14.23
CA GLY D 130 35.60 -13.60 -15.38
C GLY D 130 35.15 -12.28 -14.84
N SER D 131 35.56 -11.19 -15.48
CA SER D 131 35.08 -9.83 -15.17
C SER D 131 34.93 -9.11 -16.49
N LEU D 132 34.11 -8.05 -16.50
CA LEU D 132 33.85 -7.24 -17.71
C LEU D 132 34.99 -6.21 -17.79
N GLU D 133 35.77 -6.26 -18.87
CA GLU D 133 36.78 -5.22 -19.15
C GLU D 133 36.15 -4.12 -20.01
N SER D 134 35.31 -4.50 -21.00
CA SER D 134 34.42 -3.59 -21.78
C SER D 134 33.15 -4.32 -22.23
N LYS D 135 32.25 -3.62 -22.93
CA LYS D 135 30.92 -4.11 -23.33
C LYS D 135 30.98 -5.48 -24.04
N ASN D 136 32.04 -5.76 -24.77
CA ASN D 136 32.17 -6.95 -25.63
C ASN D 136 33.53 -7.62 -25.37
N VAL D 137 34.06 -7.55 -24.13
CA VAL D 137 35.40 -8.10 -23.74
C VAL D 137 35.28 -8.64 -22.31
N VAL D 138 35.28 -9.96 -22.16
CA VAL D 138 35.44 -10.65 -20.86
C VAL D 138 36.92 -11.04 -20.71
N VAL D 139 37.45 -10.82 -19.52
CA VAL D 139 38.82 -11.19 -19.11
C VAL D 139 38.65 -12.31 -18.11
N VAL D 140 39.54 -13.27 -18.18
CA VAL D 140 39.57 -14.40 -17.22
C VAL D 140 40.91 -14.26 -16.51
N ARG D 141 40.87 -14.01 -15.21
CA ARG D 141 42.04 -13.76 -14.36
C ARG D 141 42.32 -14.96 -13.44
N GLU D 142 43.55 -14.99 -12.94
CA GLU D 142 44.14 -16.08 -12.14
C GLU D 142 43.39 -16.16 -10.82
N THR D 143 43.02 -15.02 -10.24
CA THR D 143 42.18 -14.99 -9.01
C THR D 143 41.09 -13.93 -9.13
N ALA D 144 40.33 -13.71 -8.05
CA ALA D 144 39.23 -12.73 -8.00
C ALA D 144 39.83 -11.33 -7.75
N ASP D 145 41.12 -11.26 -7.47
CA ASP D 145 41.88 -9.98 -7.39
C ASP D 145 42.00 -9.38 -8.78
N PRO D 146 41.37 -8.21 -9.05
CA PRO D 146 41.42 -7.64 -10.41
C PRO D 146 42.85 -7.31 -10.88
N LYS D 147 43.83 -7.44 -10.01
CA LYS D 147 45.28 -7.19 -10.31
C LYS D 147 45.98 -8.49 -10.69
N SER D 148 45.42 -9.67 -10.34
CA SER D 148 45.95 -11.00 -10.75
C SER D 148 46.06 -11.07 -12.28
N ALA D 149 46.91 -11.96 -12.77
CA ALA D 149 47.30 -12.06 -14.20
C ALA D 149 46.07 -12.35 -15.05
N VAL D 150 46.04 -11.81 -16.26
CA VAL D 150 45.05 -12.17 -17.30
C VAL D 150 45.47 -13.53 -17.89
N LYS D 151 44.57 -14.52 -17.88
CA LYS D 151 44.80 -15.83 -18.54
C LYS D 151 44.38 -15.72 -20.00
N GLU D 152 43.18 -15.19 -20.26
CA GLU D 152 42.57 -15.09 -21.60
C GLU D 152 41.75 -13.80 -21.65
N ARG D 153 41.76 -13.12 -22.80
CA ARG D 153 40.88 -11.96 -23.09
C ARG D 153 39.96 -12.43 -24.23
N LEU D 154 38.65 -12.50 -23.99
CA LEU D 154 37.66 -13.13 -24.89
C LEU D 154 36.79 -12.04 -25.50
N GLN D 155 36.60 -12.09 -26.81
CA GLN D 155 35.71 -11.19 -27.57
C GLN D 155 34.33 -11.81 -27.47
N ALA D 156 33.37 -11.08 -26.93
CA ALA D 156 31.98 -11.57 -26.77
C ALA D 156 31.04 -10.66 -27.55
N ASP D 157 30.22 -11.18 -28.46
CA ASP D 157 29.13 -10.36 -29.06
C ASP D 157 28.08 -10.12 -27.98
N HIS D 158 27.81 -11.16 -27.19
CA HIS D 158 26.85 -11.14 -26.06
C HIS D 158 27.55 -11.70 -24.82
N ILE D 159 27.14 -11.23 -23.65
CA ILE D 159 27.66 -11.64 -22.33
C ILE D 159 26.48 -11.97 -21.43
N LEU D 160 26.55 -13.12 -20.76
CA LEU D 160 25.53 -13.61 -19.79
C LEU D 160 26.14 -13.65 -18.39
N LEU D 161 25.60 -12.85 -17.49
CA LEU D 161 26.04 -12.79 -16.08
C LEU D 161 25.27 -13.87 -15.34
N ALA D 162 25.95 -14.90 -14.86
CA ALA D 162 25.28 -15.97 -14.09
C ALA D 162 26.22 -16.46 -12.99
N THR D 163 26.75 -15.54 -12.19
CA THR D 163 27.71 -15.85 -11.10
C THR D 163 26.98 -16.33 -9.84
N GLY D 164 25.65 -16.19 -9.82
CA GLY D 164 24.79 -16.74 -8.76
C GLY D 164 24.94 -15.94 -7.49
N SER D 165 24.91 -16.61 -6.33
CA SER D 165 24.82 -16.00 -4.98
C SER D 165 25.86 -16.60 -4.04
N TRP D 166 26.00 -16.03 -2.84
CA TRP D 166 27.02 -16.37 -1.81
C TRP D 166 26.39 -16.18 -0.44
N PRO D 167 26.82 -16.91 0.62
CA PRO D 167 26.14 -16.85 1.91
C PRO D 167 26.34 -15.48 2.57
N GLN D 168 25.24 -14.88 3.02
CA GLN D 168 25.29 -13.65 3.82
C GLN D 168 25.96 -13.97 5.16
N MET D 169 27.00 -13.22 5.52
CA MET D 169 27.68 -13.29 6.82
C MET D 169 27.50 -11.93 7.50
N PRO D 170 26.79 -11.85 8.65
CA PRO D 170 26.50 -10.55 9.25
C PRO D 170 27.79 -10.01 9.90
N ALA D 171 28.05 -8.71 9.75
CA ALA D 171 29.18 -8.03 10.42
C ALA D 171 28.85 -8.02 11.91
N ILE D 172 29.41 -8.98 12.64
CA ILE D 172 29.31 -9.10 14.11
C ILE D 172 30.69 -9.48 14.60
N PRO D 173 31.08 -9.09 15.83
CA PRO D 173 32.33 -9.57 16.40
C PRO D 173 32.36 -11.11 16.35
N GLY D 174 33.45 -11.67 15.85
CA GLY D 174 33.68 -13.12 15.88
C GLY D 174 33.06 -13.85 14.70
N ILE D 175 32.64 -13.15 13.63
CA ILE D 175 32.09 -13.79 12.40
C ILE D 175 33.14 -14.74 11.80
N GLU D 176 34.44 -14.46 11.95
CA GLU D 176 35.55 -15.32 11.44
C GLU D 176 35.47 -16.74 12.05
N HIS D 177 34.67 -16.91 13.12
CA HIS D 177 34.54 -18.17 13.89
C HIS D 177 33.34 -18.98 13.43
N CYS D 178 32.51 -18.39 12.57
CA CYS D 178 31.28 -19.04 12.01
C CYS D 178 31.62 -19.61 10.64
N ILE D 179 30.81 -20.58 10.20
CA ILE D 179 30.94 -21.18 8.85
C ILE D 179 29.64 -20.89 8.13
N SER D 180 29.58 -21.24 6.84
CA SER D 180 28.33 -21.20 6.02
C SER D 180 27.98 -22.62 5.58
N SER D 181 26.88 -22.80 4.86
CA SER D 181 26.54 -24.11 4.25
C SER D 181 27.75 -24.60 3.42
N ASN D 182 28.58 -23.71 2.90
CA ASN D 182 29.78 -24.10 2.09
C ASN D 182 30.66 -25.11 2.86
N GLU D 183 31.11 -24.76 4.07
CA GLU D 183 32.06 -25.57 4.90
C GLU D 183 31.30 -26.73 5.55
N ALA D 184 30.00 -26.53 5.86
CA ALA D 184 29.11 -27.61 6.37
C ALA D 184 29.34 -28.88 5.56
N PHE D 185 29.33 -28.81 4.22
CA PHE D 185 29.44 -29.97 3.32
C PHE D 185 30.81 -30.68 3.49
N TYR D 186 31.81 -30.09 4.17
CA TYR D 186 33.21 -30.63 4.19
C TYR D 186 33.74 -30.80 5.62
N LEU D 187 32.88 -30.67 6.64
CA LEU D 187 33.32 -30.91 8.04
C LEU D 187 33.97 -32.30 8.07
N PRO D 188 35.12 -32.47 8.76
CA PRO D 188 35.73 -33.79 8.89
C PRO D 188 34.91 -34.65 9.86
N GLU D 189 34.24 -34.07 10.86
CA GLU D 189 33.40 -34.85 11.82
C GLU D 189 32.08 -34.15 12.05
N PRO D 190 31.03 -34.91 12.43
CA PRO D 190 29.74 -34.30 12.71
C PRO D 190 29.96 -33.36 13.89
N PRO D 191 29.37 -32.15 13.89
CA PRO D 191 29.33 -31.33 15.11
C PRO D 191 28.59 -32.06 16.23
N ARG D 192 29.11 -32.01 17.46
CA ARG D 192 28.45 -32.55 18.68
C ARG D 192 27.30 -31.60 19.06
N ARG D 193 27.62 -30.32 19.14
CA ARG D 193 26.65 -29.21 19.32
C ARG D 193 26.80 -28.26 18.11
N VAL D 194 25.69 -27.91 17.49
CA VAL D 194 25.68 -26.95 16.34
C VAL D 194 24.47 -26.01 16.48
N LEU D 195 24.73 -24.71 16.29
CA LEU D 195 23.73 -23.66 16.03
C LEU D 195 23.65 -23.41 14.51
N THR D 196 22.46 -23.61 13.91
CA THR D 196 22.12 -23.10 12.55
C THR D 196 21.37 -21.77 12.71
N VAL D 197 21.93 -20.67 12.20
CA VAL D 197 21.33 -19.31 12.33
C VAL D 197 20.45 -19.08 11.10
N GLY D 198 19.13 -19.02 11.28
CA GLY D 198 18.18 -18.65 10.21
C GLY D 198 16.92 -19.51 10.22
N GLY D 199 15.82 -18.95 9.73
CA GLY D 199 14.51 -19.60 9.65
C GLY D 199 14.21 -20.15 8.26
N GLY D 200 15.16 -20.09 7.32
CA GLY D 200 14.94 -20.44 5.90
C GLY D 200 15.20 -21.92 5.63
N PHE D 201 14.90 -22.39 4.42
CA PHE D 201 15.05 -23.82 4.05
C PHE D 201 16.49 -24.32 4.31
N ILE D 202 17.55 -23.53 4.05
CA ILE D 202 18.95 -24.02 4.23
C ILE D 202 19.17 -24.35 5.72
N SER D 203 18.74 -23.46 6.61
CA SER D 203 18.91 -23.67 8.06
C SER D 203 18.11 -24.92 8.47
N VAL D 204 16.88 -25.04 7.98
CA VAL D 204 15.96 -26.10 8.45
C VAL D 204 16.41 -27.46 7.92
N GLU D 205 16.83 -27.52 6.66
CA GLU D 205 17.31 -28.78 6.05
C GLU D 205 18.57 -29.21 6.81
N PHE D 206 19.50 -28.30 7.05
CA PHE D 206 20.80 -28.62 7.73
C PHE D 206 20.57 -29.03 9.20
N ALA D 207 19.52 -28.52 9.83
CA ALA D 207 19.19 -28.88 11.22
C ALA D 207 18.89 -30.38 11.25
N GLY D 208 18.01 -30.88 10.35
CA GLY D 208 17.68 -32.31 10.23
C GLY D 208 18.95 -33.14 10.00
N ILE D 209 19.80 -32.72 9.07
CA ILE D 209 21.02 -33.45 8.65
C ILE D 209 21.92 -33.66 9.87
N PHE D 210 22.35 -32.55 10.50
CA PHE D 210 23.21 -32.52 11.71
C PHE D 210 22.56 -33.36 12.83
N ASN D 211 21.26 -33.18 13.06
CA ASN D 211 20.51 -33.92 14.12
C ASN D 211 20.65 -35.46 13.97
N ALA D 212 20.59 -36.01 12.74
CA ALA D 212 20.71 -37.47 12.49
C ALA D 212 22.15 -37.98 12.68
N TYR D 213 23.18 -37.18 12.41
CA TYR D 213 24.59 -37.65 12.36
C TYR D 213 25.34 -37.16 13.60
N LYS D 214 24.67 -36.45 14.50
CA LYS D 214 25.35 -35.93 15.70
C LYS D 214 25.85 -37.13 16.49
N PRO D 215 27.03 -37.01 17.13
CA PRO D 215 27.55 -38.06 18.00
C PRO D 215 26.64 -38.09 19.23
N PRO D 216 26.82 -39.08 20.13
CA PRO D 216 25.90 -39.26 21.26
C PRO D 216 26.02 -38.13 22.29
N GLY D 217 24.90 -37.81 22.95
CA GLY D 217 24.73 -36.67 23.89
C GLY D 217 24.79 -35.33 23.19
N GLY D 218 24.53 -35.29 21.88
CA GLY D 218 24.65 -34.07 21.05
C GLY D 218 23.37 -33.24 21.05
N LYS D 219 23.44 -32.00 20.55
CA LYS D 219 22.28 -31.07 20.51
C LYS D 219 22.37 -30.16 19.29
N VAL D 220 21.26 -30.05 18.56
CA VAL D 220 21.09 -29.12 17.40
C VAL D 220 20.15 -27.99 17.82
N THR D 221 20.61 -26.75 17.67
CA THR D 221 19.82 -25.53 17.97
C THR D 221 19.73 -24.74 16.67
N LEU D 222 18.51 -24.38 16.28
CA LEU D 222 18.26 -23.45 15.17
C LEU D 222 17.72 -22.17 15.81
N CYS D 223 18.31 -21.00 15.55
CA CYS D 223 17.75 -19.69 15.98
C CYS D 223 17.22 -18.92 14.76
N TYR D 224 16.14 -18.16 14.95
CA TYR D 224 15.56 -17.25 13.94
C TYR D 224 15.18 -15.94 14.64
N ARG D 225 15.58 -14.81 14.06
CA ARG D 225 15.47 -13.45 14.64
C ARG D 225 14.00 -13.09 14.88
N ASN D 226 13.04 -13.67 14.15
CA ASN D 226 11.59 -13.35 14.32
C ASN D 226 10.89 -14.55 14.99
N ASN D 227 9.57 -14.49 15.09
CA ASN D 227 8.73 -15.34 15.98
C ASN D 227 8.52 -16.77 15.42
N LEU D 228 8.35 -16.91 14.11
CA LEU D 228 7.92 -18.18 13.46
C LEU D 228 8.76 -18.43 12.20
N ILE D 229 9.35 -19.62 12.07
CA ILE D 229 10.34 -19.93 11.00
C ILE D 229 9.65 -20.04 9.62
N LEU D 230 10.45 -20.11 8.56
CA LEU D 230 10.02 -20.38 7.17
C LEU D 230 9.01 -19.34 6.71
N ARG D 231 9.39 -18.05 6.74
CA ARG D 231 8.58 -16.95 6.17
C ARG D 231 8.33 -17.27 4.68
N GLY D 232 7.12 -16.98 4.19
CA GLY D 232 6.75 -17.13 2.78
C GLY D 232 6.01 -18.44 2.53
N PHE D 233 6.03 -19.34 3.52
CA PHE D 233 5.34 -20.65 3.49
C PHE D 233 4.00 -20.51 4.24
N ASP D 234 3.08 -21.43 3.96
CA ASP D 234 1.74 -21.46 4.59
C ASP D 234 1.96 -21.45 6.11
N GLU D 235 1.06 -20.80 6.86
CA GLU D 235 1.18 -20.56 8.32
C GLU D 235 1.02 -21.87 9.11
N THR D 236 -0.01 -22.65 8.79
CA THR D 236 -0.28 -23.97 9.41
C THR D 236 0.97 -24.83 9.27
N ILE D 237 1.63 -24.80 8.11
CA ILE D 237 2.81 -25.65 7.81
C ILE D 237 4.02 -25.19 8.62
N ARG D 238 4.25 -23.89 8.71
CA ARG D 238 5.36 -23.30 9.52
C ARG D 238 5.23 -23.73 10.99
N GLU D 239 4.07 -23.56 11.58
CA GLU D 239 3.79 -24.03 12.96
C GLU D 239 4.01 -25.55 13.04
N GLU D 240 3.38 -26.35 12.17
CA GLU D 240 3.46 -27.82 12.29
C GLU D 240 4.91 -28.28 12.08
N VAL D 241 5.65 -27.71 11.12
CA VAL D 241 7.06 -28.13 10.86
C VAL D 241 7.92 -27.78 12.08
N THR D 242 7.63 -26.68 12.78
CA THR D 242 8.28 -26.29 14.06
C THR D 242 8.02 -27.36 15.13
N LYS D 243 6.76 -27.76 15.34
CA LYS D 243 6.37 -28.80 16.33
C LYS D 243 7.06 -30.12 15.98
N GLN D 244 7.32 -30.39 14.70
CA GLN D 244 7.86 -31.70 14.23
C GLN D 244 9.38 -31.73 14.38
N LEU D 245 10.06 -30.62 14.14
CA LEU D 245 11.52 -30.49 14.42
C LEU D 245 11.78 -30.65 15.92
N THR D 246 10.96 -30.01 16.78
CA THR D 246 10.99 -30.13 18.26
C THR D 246 10.88 -31.61 18.65
N ALA D 247 9.88 -32.33 18.13
CA ALA D 247 9.59 -33.72 18.53
C ALA D 247 10.76 -34.63 18.13
N ASN D 248 11.63 -34.18 17.22
CA ASN D 248 12.81 -34.94 16.73
C ASN D 248 14.10 -34.55 17.48
N GLY D 249 14.01 -33.70 18.51
CA GLY D 249 15.14 -33.37 19.41
C GLY D 249 15.83 -32.04 19.08
N ILE D 250 15.29 -31.24 18.16
CA ILE D 250 15.96 -29.97 17.72
C ILE D 250 15.38 -28.83 18.57
N GLU D 251 16.24 -27.95 19.09
CA GLU D 251 15.77 -26.78 19.87
C GLU D 251 15.70 -25.55 18.94
N ILE D 252 14.50 -24.96 18.88
CA ILE D 252 14.13 -23.78 18.09
C ILE D 252 14.20 -22.55 19.01
N MET D 253 15.19 -21.68 18.83
CA MET D 253 15.22 -20.33 19.45
C MET D 253 14.61 -19.30 18.50
N THR D 254 13.40 -18.84 18.80
CA THR D 254 12.69 -17.79 18.06
C THR D 254 12.90 -16.44 18.76
N ASN D 255 12.82 -15.34 18.00
CA ASN D 255 13.13 -13.97 18.49
C ASN D 255 14.55 -13.91 19.07
N GLU D 256 15.51 -14.62 18.45
CA GLU D 256 16.94 -14.60 18.88
C GLU D 256 17.82 -14.52 17.65
N ASN D 257 18.77 -13.60 17.72
CA ASN D 257 19.77 -13.37 16.67
C ASN D 257 21.10 -13.29 17.39
N PRO D 258 22.20 -13.92 16.90
CA PRO D 258 23.51 -13.71 17.52
C PRO D 258 24.03 -12.27 17.37
N ALA D 259 24.66 -11.76 18.43
CA ALA D 259 25.24 -10.40 18.56
C ALA D 259 26.78 -10.47 18.48
N LYS D 260 27.41 -11.56 18.95
CA LYS D 260 28.88 -11.78 18.82
C LYS D 260 29.24 -13.24 19.11
N VAL D 261 30.45 -13.64 18.73
CA VAL D 261 30.94 -15.04 18.91
C VAL D 261 32.42 -14.97 19.29
N SER D 262 32.75 -15.47 20.49
CA SER D 262 34.13 -15.65 21.01
C SER D 262 34.55 -17.10 20.82
N LEU D 263 35.85 -17.32 20.87
CA LEU D 263 36.56 -18.61 20.73
C LEU D 263 36.92 -19.09 22.15
N ASN D 264 36.35 -20.19 22.64
CA ASN D 264 36.69 -20.73 23.99
C ASN D 264 38.09 -21.38 23.94
N THR D 265 38.71 -21.61 25.10
CA THR D 265 40.06 -22.24 25.20
C THR D 265 40.07 -23.57 24.45
N ASP D 266 38.97 -24.35 24.48
CA ASP D 266 38.88 -25.72 23.90
C ASP D 266 38.56 -25.71 22.40
N GLY D 267 38.42 -24.55 21.77
CA GLY D 267 38.16 -24.47 20.31
C GLY D 267 36.69 -24.32 20.02
N SER D 268 35.81 -24.62 20.98
CA SER D 268 34.34 -24.46 20.83
C SER D 268 33.99 -22.98 20.74
N LYS D 269 32.73 -22.66 20.41
CA LYS D 269 32.27 -21.28 20.16
C LYS D 269 31.27 -20.89 21.23
N HIS D 270 31.49 -19.72 21.84
CA HIS D 270 30.59 -19.03 22.79
C HIS D 270 29.81 -17.95 22.01
N VAL D 271 28.50 -18.13 21.94
CA VAL D 271 27.55 -17.28 21.17
C VAL D 271 26.78 -16.45 22.17
N THR D 272 26.86 -15.13 22.05
CA THR D 272 26.03 -14.20 22.85
C THR D 272 24.94 -13.66 21.93
N PHE D 273 23.67 -13.80 22.32
CA PHE D 273 22.51 -13.34 21.53
C PHE D 273 22.25 -11.87 21.86
N GLU D 274 21.53 -11.16 20.99
CA GLU D 274 21.08 -9.74 21.15
C GLU D 274 20.35 -9.59 22.48
N SER D 275 19.64 -10.65 22.90
CA SER D 275 18.81 -10.73 24.14
C SER D 275 19.68 -10.82 25.40
N GLY D 276 20.95 -11.24 25.27
CA GLY D 276 21.85 -11.49 26.40
C GLY D 276 22.03 -12.98 26.66
N LYS D 277 21.11 -13.82 26.17
CA LYS D 277 21.26 -15.30 26.22
C LYS D 277 22.57 -15.71 25.52
N THR D 278 23.15 -16.82 25.95
CA THR D 278 24.40 -17.38 25.37
C THR D 278 24.22 -18.89 25.15
N LEU D 279 25.10 -19.46 24.34
CA LEU D 279 25.11 -20.90 23.99
C LEU D 279 26.50 -21.29 23.51
N ASP D 280 26.98 -22.43 23.97
CA ASP D 280 28.27 -22.98 23.48
C ASP D 280 27.90 -24.04 22.45
N VAL D 281 28.60 -24.01 21.33
CA VAL D 281 28.45 -24.99 20.22
C VAL D 281 29.86 -25.22 19.64
N ASP D 282 30.06 -26.37 19.03
CA ASP D 282 31.31 -26.64 18.28
C ASP D 282 31.23 -25.98 16.90
N VAL D 283 30.03 -25.77 16.35
CA VAL D 283 29.83 -25.18 15.00
C VAL D 283 28.68 -24.15 15.02
N VAL D 284 28.96 -22.95 14.51
CA VAL D 284 27.95 -21.90 14.18
C VAL D 284 27.88 -21.79 12.66
N MET D 285 26.81 -22.34 12.08
CA MET D 285 26.51 -22.23 10.64
C MET D 285 25.56 -21.05 10.41
N MET D 286 26.05 -19.98 9.77
CA MET D 286 25.21 -18.82 9.38
C MET D 286 24.46 -19.21 8.11
N ALA D 287 23.14 -19.06 8.11
CA ALA D 287 22.25 -19.26 6.94
C ALA D 287 21.09 -18.25 6.96
N ILE D 288 21.42 -16.95 7.09
CA ILE D 288 20.44 -15.85 7.25
C ILE D 288 19.95 -15.41 5.87
N GLY D 289 20.74 -15.69 4.83
CA GLY D 289 20.39 -15.41 3.42
C GLY D 289 21.54 -15.68 2.47
N ARG D 290 21.29 -15.55 1.17
CA ARG D 290 22.34 -15.54 0.13
C ARG D 290 22.23 -14.23 -0.65
N ILE D 291 23.34 -13.63 -1.05
CA ILE D 291 23.31 -12.33 -1.78
C ILE D 291 23.99 -12.47 -3.15
N PRO D 292 23.51 -11.72 -4.14
CA PRO D 292 23.99 -11.85 -5.51
C PRO D 292 25.51 -11.73 -5.47
N ARG D 293 26.20 -12.42 -6.38
CA ARG D 293 27.70 -12.46 -6.44
C ARG D 293 28.22 -11.50 -7.53
N THR D 294 28.27 -10.20 -7.24
CA THR D 294 28.56 -9.12 -8.24
C THR D 294 29.94 -8.48 -8.03
N ASN D 295 30.52 -8.58 -6.83
CA ASN D 295 31.75 -7.84 -6.42
C ASN D 295 32.93 -8.12 -7.35
N ASP D 296 33.04 -9.31 -7.95
CA ASP D 296 34.26 -9.76 -8.69
C ASP D 296 34.12 -9.49 -10.19
N LEU D 297 32.95 -9.09 -10.70
CA LEU D 297 32.70 -8.94 -12.17
C LEU D 297 33.11 -7.58 -12.73
N GLN D 298 33.49 -6.62 -11.86
CA GLN D 298 33.91 -5.25 -12.24
C GLN D 298 32.79 -4.63 -13.10
N LEU D 299 31.55 -4.67 -12.62
CA LEU D 299 30.38 -4.15 -13.37
C LEU D 299 30.58 -2.66 -13.69
N GLY D 300 31.38 -1.98 -12.86
CA GLY D 300 31.72 -0.55 -13.00
C GLY D 300 32.36 -0.23 -14.35
N ASN D 301 33.14 -1.15 -14.92
CA ASN D 301 33.86 -0.93 -16.21
C ASN D 301 32.88 -0.63 -17.34
N VAL D 302 31.60 -1.00 -17.20
CA VAL D 302 30.65 -1.01 -18.35
C VAL D 302 29.30 -0.43 -17.91
N GLY D 303 29.09 -0.25 -16.61
CA GLY D 303 27.99 0.57 -16.08
C GLY D 303 26.68 -0.20 -16.01
N VAL D 304 26.76 -1.47 -15.61
CA VAL D 304 25.57 -2.35 -15.38
C VAL D 304 24.96 -1.97 -14.02
N LYS D 305 23.66 -1.68 -13.99
CA LYS D 305 22.92 -1.16 -12.81
C LYS D 305 22.64 -2.31 -11.85
N LEU D 306 22.76 -2.04 -10.55
CA LEU D 306 22.29 -2.93 -9.46
C LEU D 306 20.99 -2.38 -8.88
N THR D 307 20.07 -3.25 -8.45
CA THR D 307 18.89 -2.88 -7.62
C THR D 307 19.41 -2.33 -6.29
N PRO D 308 18.60 -1.52 -5.56
CA PRO D 308 18.93 -1.11 -4.19
C PRO D 308 19.42 -2.27 -3.32
N LYS D 309 18.88 -3.48 -3.52
CA LYS D 309 19.11 -4.68 -2.66
C LYS D 309 20.32 -5.52 -3.13
N GLY D 310 20.99 -5.19 -4.26
CA GLY D 310 22.38 -5.60 -4.55
C GLY D 310 22.55 -6.47 -5.78
N GLY D 311 21.46 -6.89 -6.43
CA GLY D 311 21.48 -7.81 -7.59
C GLY D 311 21.55 -7.09 -8.92
N VAL D 312 21.85 -7.79 -10.02
CA VAL D 312 21.80 -7.12 -11.34
C VAL D 312 20.33 -6.84 -11.70
N GLN D 313 20.01 -5.61 -12.03
CA GLN D 313 18.64 -5.20 -12.45
C GLN D 313 18.41 -5.71 -13.88
N VAL D 314 17.23 -6.27 -14.15
CA VAL D 314 16.88 -6.86 -15.48
C VAL D 314 15.41 -6.54 -15.77
N ASP D 315 15.04 -6.47 -17.05
CA ASP D 315 13.64 -6.46 -17.54
C ASP D 315 13.14 -7.91 -17.50
N GLU D 316 11.88 -8.14 -17.88
CA GLU D 316 11.23 -9.47 -17.89
C GLU D 316 11.97 -10.42 -18.83
N PHE D 317 12.77 -9.92 -19.79
CA PHE D 317 13.53 -10.76 -20.77
C PHE D 317 14.99 -10.95 -20.35
N SER D 318 15.34 -10.52 -19.13
CA SER D 318 16.66 -10.72 -18.47
C SER D 318 17.74 -9.81 -19.07
N ARG D 319 17.34 -8.68 -19.66
CA ARG D 319 18.30 -7.67 -20.19
C ARG D 319 18.67 -6.67 -19.08
N THR D 320 19.97 -6.33 -19.02
CA THR D 320 20.52 -5.22 -18.20
C THR D 320 20.31 -3.92 -18.98
N ASN D 321 20.67 -2.78 -18.39
CA ASN D 321 20.67 -1.44 -19.04
C ASN D 321 21.63 -1.42 -20.25
N VAL D 322 22.75 -2.15 -20.16
CA VAL D 322 23.79 -2.29 -21.24
C VAL D 322 23.28 -3.33 -22.24
N PRO D 323 23.23 -2.98 -23.55
CA PRO D 323 22.79 -3.95 -24.57
C PRO D 323 23.81 -5.08 -24.77
N ASN D 324 23.29 -6.28 -25.07
CA ASN D 324 24.04 -7.54 -25.26
C ASN D 324 24.60 -8.07 -23.93
N ILE D 325 24.24 -7.48 -22.80
CA ILE D 325 24.66 -7.97 -21.46
C ILE D 325 23.39 -8.33 -20.70
N TYR D 326 23.25 -9.62 -20.38
CA TYR D 326 22.07 -10.25 -19.74
C TYR D 326 22.49 -10.81 -18.36
N ALA D 327 21.55 -10.95 -17.42
CA ALA D 327 21.80 -11.59 -16.11
C ALA D 327 20.65 -12.53 -15.81
N ILE D 328 20.95 -13.76 -15.35
CA ILE D 328 19.92 -14.77 -14.94
C ILE D 328 20.33 -15.41 -13.61
N GLY D 329 19.41 -16.18 -13.02
CA GLY D 329 19.62 -16.98 -11.80
C GLY D 329 19.78 -16.10 -10.57
N ASP D 330 20.39 -16.64 -9.52
CA ASP D 330 20.52 -15.99 -8.18
C ASP D 330 21.07 -14.56 -8.32
N ILE D 331 21.84 -14.24 -9.37
CA ILE D 331 22.51 -12.91 -9.46
C ILE D 331 21.44 -11.82 -9.66
N THR D 332 20.17 -12.18 -9.91
CA THR D 332 19.02 -11.26 -10.07
C THR D 332 18.24 -11.10 -8.74
N ASP D 333 18.42 -11.96 -7.74
CA ASP D 333 17.82 -11.75 -6.40
C ASP D 333 16.30 -11.73 -6.55
N ARG D 334 15.79 -12.53 -7.48
CA ARG D 334 14.34 -12.86 -7.67
C ARG D 334 14.08 -14.13 -6.87
N LEU D 335 13.67 -15.23 -7.53
CA LEU D 335 13.59 -16.59 -6.93
C LEU D 335 14.93 -17.31 -7.07
N MET D 336 15.54 -17.65 -5.93
CA MET D 336 16.81 -18.43 -5.88
C MET D 336 16.48 -19.94 -5.84
N LEU D 337 16.11 -20.51 -7.00
CA LEU D 337 15.80 -21.95 -7.23
C LEU D 337 16.43 -22.39 -8.55
N THR D 338 17.02 -23.58 -8.57
CA THR D 338 17.72 -24.11 -9.76
C THR D 338 16.79 -24.08 -10.96
N PRO D 339 15.57 -24.66 -10.92
CA PRO D 339 14.76 -24.74 -12.13
C PRO D 339 14.29 -23.37 -12.61
N VAL D 340 14.32 -22.35 -11.76
CA VAL D 340 14.12 -20.94 -12.20
C VAL D 340 15.37 -20.42 -12.92
N ALA D 341 16.59 -20.65 -12.40
CA ALA D 341 17.82 -20.23 -13.13
C ALA D 341 17.86 -20.91 -14.52
N ILE D 342 17.51 -22.20 -14.58
CA ILE D 342 17.49 -23.02 -15.83
C ILE D 342 16.50 -22.39 -16.80
N ASN D 343 15.30 -22.09 -16.32
CA ASN D 343 14.21 -21.58 -17.17
C ASN D 343 14.60 -20.19 -17.72
N GLU D 344 15.11 -19.30 -16.87
CA GLU D 344 15.60 -17.97 -17.31
C GLU D 344 16.67 -18.11 -18.39
N GLY D 345 17.60 -19.05 -18.23
CA GLY D 345 18.71 -19.32 -19.17
C GLY D 345 18.19 -19.71 -20.54
N ALA D 346 17.25 -20.64 -20.60
CA ALA D 346 16.66 -21.14 -21.85
C ALA D 346 15.79 -20.04 -22.47
N ALA D 347 15.05 -19.26 -21.68
CA ALA D 347 14.16 -18.21 -22.21
C ALA D 347 15.02 -17.08 -22.82
N LEU D 348 16.16 -16.78 -22.20
CA LEU D 348 17.11 -15.77 -22.73
C LEU D 348 17.66 -16.25 -24.07
N VAL D 349 18.18 -17.47 -24.15
CA VAL D 349 18.86 -17.96 -25.38
C VAL D 349 17.81 -18.01 -26.51
N ASP D 350 16.55 -18.36 -26.19
CA ASP D 350 15.46 -18.47 -27.19
C ASP D 350 15.16 -17.08 -27.74
N THR D 351 15.17 -16.07 -26.88
CA THR D 351 14.86 -14.65 -27.18
C THR D 351 15.96 -14.06 -28.09
N VAL D 352 17.21 -14.25 -27.69
CA VAL D 352 18.40 -13.58 -28.27
C VAL D 352 18.88 -14.31 -29.52
N PHE D 353 19.09 -15.62 -29.44
CA PHE D 353 19.72 -16.37 -30.56
C PHE D 353 18.67 -17.19 -31.30
N GLY D 354 17.58 -17.48 -30.60
CA GLY D 354 16.48 -18.16 -31.28
C GLY D 354 15.56 -17.15 -31.93
N ASN D 355 14.37 -17.58 -32.28
CA ASN D 355 13.42 -16.69 -32.97
C ASN D 355 12.08 -16.80 -32.24
N LYS D 356 12.14 -17.07 -30.94
CA LYS D 356 10.90 -17.25 -30.14
C LYS D 356 11.03 -16.49 -28.82
N PRO D 357 10.81 -15.16 -28.81
CA PRO D 357 10.94 -14.37 -27.58
C PRO D 357 10.06 -14.94 -26.46
N ARG D 358 10.61 -15.06 -25.26
CA ARG D 358 9.91 -15.65 -24.09
C ARG D 358 10.45 -15.00 -22.82
N LYS D 359 9.58 -14.83 -21.83
CA LYS D 359 9.92 -14.40 -20.46
C LYS D 359 9.55 -15.54 -19.50
N THR D 360 10.40 -15.76 -18.49
CA THR D 360 10.10 -16.74 -17.42
C THR D 360 8.82 -16.30 -16.69
N ASP D 361 7.90 -17.22 -16.42
CA ASP D 361 6.78 -16.93 -15.49
C ASP D 361 7.30 -17.15 -14.07
N HIS D 362 7.38 -16.12 -13.23
CA HIS D 362 7.88 -16.21 -11.84
C HIS D 362 6.77 -16.54 -10.85
N THR D 363 5.51 -16.63 -11.30
CA THR D 363 4.32 -16.97 -10.45
C THR D 363 4.10 -18.49 -10.44
N ARG D 364 3.27 -18.95 -9.51
CA ARG D 364 2.90 -20.39 -9.40
C ARG D 364 4.13 -21.28 -9.65
N VAL D 365 5.31 -20.90 -9.16
CA VAL D 365 6.48 -21.82 -9.20
C VAL D 365 6.43 -22.78 -8.00
N ALA D 366 6.46 -24.08 -8.29
CA ALA D 366 6.44 -25.15 -7.26
C ALA D 366 7.85 -25.28 -6.66
N SER D 367 7.90 -25.57 -5.37
CA SER D 367 9.18 -25.63 -4.62
C SER D 367 9.00 -26.51 -3.38
N ALA D 368 10.12 -26.90 -2.78
CA ALA D 368 10.17 -27.95 -1.76
C ALA D 368 11.13 -27.49 -0.67
N VAL D 369 10.84 -27.95 0.55
CA VAL D 369 11.79 -27.93 1.70
C VAL D 369 11.92 -29.38 2.16
N PHE D 370 13.14 -29.89 2.12
CA PHE D 370 13.50 -31.29 2.49
C PHE D 370 13.79 -31.37 3.99
N SER D 371 12.90 -30.79 4.79
CA SER D 371 12.68 -31.18 6.21
C SER D 371 12.24 -32.64 6.23
N ILE D 372 12.27 -33.27 7.41
CA ILE D 372 11.74 -34.64 7.66
C ILE D 372 10.57 -34.50 8.63
N PRO D 373 9.30 -34.53 8.17
CA PRO D 373 8.95 -34.67 6.75
C PRO D 373 9.02 -33.38 5.92
N PRO D 374 9.01 -33.49 4.58
CA PRO D 374 9.17 -32.33 3.70
C PRO D 374 7.89 -31.52 3.43
N ILE D 375 8.08 -30.28 2.96
CA ILE D 375 7.00 -29.38 2.48
C ILE D 375 6.97 -29.44 0.95
N GLY D 376 5.78 -29.47 0.36
CA GLY D 376 5.58 -29.17 -1.07
C GLY D 376 4.71 -27.96 -1.22
N THR D 377 5.09 -26.97 -2.03
CA THR D 377 4.26 -25.75 -2.19
C THR D 377 4.29 -25.24 -3.64
N CYS D 378 3.16 -24.67 -4.06
CA CYS D 378 2.96 -24.01 -5.37
C CYS D 378 1.85 -22.96 -5.24
N GLY D 379 2.19 -21.71 -5.58
CA GLY D 379 1.22 -20.60 -5.72
C GLY D 379 1.10 -19.78 -4.45
N LEU D 380 -0.06 -19.15 -4.27
CA LEU D 380 -0.29 -18.13 -3.23
C LEU D 380 -0.63 -18.79 -1.91
N ILE D 381 -0.03 -18.32 -0.83
CA ILE D 381 -0.56 -18.56 0.54
C ILE D 381 -1.79 -17.66 0.72
N GLU D 382 -2.68 -18.02 1.62
CA GLU D 382 -4.04 -17.42 1.75
C GLU D 382 -3.93 -15.94 2.11
N GLU D 383 -3.09 -15.58 3.08
CA GLU D 383 -2.94 -14.16 3.51
C GLU D 383 -2.55 -13.32 2.28
N VAL D 384 -1.68 -13.81 1.38
CA VAL D 384 -1.31 -13.08 0.12
C VAL D 384 -2.52 -13.08 -0.84
N ALA D 385 -3.23 -14.20 -0.97
CA ALA D 385 -4.39 -14.34 -1.88
C ALA D 385 -5.51 -13.38 -1.44
N ALA D 386 -5.86 -13.40 -0.15
CA ALA D 386 -6.89 -12.55 0.48
C ALA D 386 -6.73 -11.07 0.10
N LYS D 387 -5.51 -10.64 -0.25
CA LYS D 387 -5.16 -9.21 -0.49
C LYS D 387 -5.16 -8.87 -1.99
N GLU D 388 -5.36 -9.85 -2.89
CA GLU D 388 -5.47 -9.56 -4.34
C GLU D 388 -6.78 -10.13 -4.90
N PHE D 389 -7.67 -10.66 -4.04
CA PHE D 389 -8.93 -11.36 -4.41
C PHE D 389 -9.99 -11.09 -3.35
N GLU D 390 -11.21 -10.75 -3.79
CA GLU D 390 -12.33 -10.33 -2.91
C GLU D 390 -12.83 -11.51 -2.05
N LYS D 391 -12.92 -12.71 -2.64
CA LYS D 391 -13.49 -13.93 -1.99
C LYS D 391 -12.55 -15.12 -2.22
N VAL D 392 -11.83 -15.53 -1.16
CA VAL D 392 -10.87 -16.68 -1.14
C VAL D 392 -11.48 -17.82 -0.33
N ALA D 393 -11.41 -19.05 -0.83
CA ALA D 393 -11.72 -20.27 -0.05
C ALA D 393 -10.41 -20.97 0.31
N VAL D 394 -10.26 -21.37 1.60
CA VAL D 394 -9.21 -22.33 2.06
C VAL D 394 -9.85 -23.70 2.30
N TYR D 395 -9.35 -24.74 1.63
CA TYR D 395 -9.75 -26.16 1.84
C TYR D 395 -8.61 -26.88 2.58
N MET D 396 -8.92 -27.45 3.74
CA MET D 396 -7.83 -27.95 4.62
C MET D 396 -8.12 -29.39 5.07
N SER D 397 -7.17 -30.28 4.80
CA SER D 397 -7.12 -31.66 5.33
C SER D 397 -5.90 -31.80 6.25
N SER D 398 -6.10 -32.35 7.44
CA SER D 398 -5.01 -32.62 8.42
C SER D 398 -5.36 -33.86 9.24
N PHE D 399 -4.40 -34.76 9.43
CA PHE D 399 -4.60 -36.08 10.07
C PHE D 399 -3.23 -36.69 10.33
N THR D 400 -3.15 -37.67 11.23
CA THR D 400 -1.93 -38.50 11.39
C THR D 400 -2.01 -39.65 10.39
N PRO D 401 -0.97 -39.89 9.58
CA PRO D 401 -1.00 -41.04 8.68
C PRO D 401 -1.10 -42.34 9.50
N LEU D 402 -1.92 -43.29 9.05
CA LEU D 402 -2.01 -44.65 9.68
C LEU D 402 -0.61 -45.20 9.88
N MET D 403 0.25 -45.13 8.85
CA MET D 403 1.57 -45.79 8.94
C MET D 403 2.29 -45.30 10.21
N HIS D 404 2.05 -44.06 10.64
CA HIS D 404 2.76 -43.44 11.80
C HIS D 404 2.06 -43.75 13.12
N ASN D 405 0.83 -44.27 13.13
CA ASN D 405 0.23 -44.85 14.37
C ASN D 405 0.93 -46.17 14.69
N ILE D 406 1.32 -46.90 13.66
CA ILE D 406 2.11 -48.16 13.81
C ILE D 406 3.56 -47.79 14.17
N SER D 407 4.15 -46.80 13.50
CA SER D 407 5.57 -46.43 13.62
C SER D 407 5.85 -45.84 15.01
N GLY D 408 4.89 -45.08 15.56
CA GLY D 408 5.02 -44.35 16.84
C GLY D 408 5.41 -42.88 16.64
N SER D 409 5.66 -42.47 15.40
CA SER D 409 5.85 -41.05 15.01
C SER D 409 4.48 -40.35 14.91
N LYS D 410 3.68 -40.36 15.99
CA LYS D 410 2.29 -39.84 15.99
C LYS D 410 2.30 -38.32 15.80
N TYR D 411 3.45 -37.70 16.11
CA TYR D 411 3.77 -36.27 15.88
C TYR D 411 3.90 -35.93 14.39
N LYS D 412 3.94 -36.89 13.47
CA LYS D 412 4.14 -36.56 12.03
C LYS D 412 2.77 -36.36 11.37
N LYS D 413 2.21 -35.17 11.46
CA LYS D 413 0.86 -34.85 10.92
C LYS D 413 1.01 -34.41 9.45
N PHE D 414 0.27 -35.04 8.54
CA PHE D 414 0.12 -34.60 7.13
C PHE D 414 -0.85 -33.42 7.11
N VAL D 415 -0.42 -32.32 6.47
CA VAL D 415 -1.26 -31.11 6.22
C VAL D 415 -1.41 -30.92 4.70
N ALA D 416 -2.61 -30.63 4.21
CA ALA D 416 -2.86 -30.32 2.78
C ALA D 416 -3.85 -29.17 2.67
N LYS D 417 -3.43 -28.09 2.00
CA LYS D 417 -4.20 -26.84 1.87
C LYS D 417 -4.28 -26.41 0.40
N ILE D 418 -5.50 -26.11 -0.05
CA ILE D 418 -5.82 -25.56 -1.40
C ILE D 418 -6.44 -24.19 -1.19
N VAL D 419 -5.85 -23.17 -1.82
CA VAL D 419 -6.31 -21.76 -1.78
C VAL D 419 -6.96 -21.42 -3.12
N THR D 420 -8.23 -21.01 -3.13
CA THR D 420 -9.00 -20.77 -4.39
C THR D 420 -9.49 -19.33 -4.45
N ASN D 421 -9.55 -18.80 -5.66
CA ASN D 421 -10.40 -17.62 -5.97
C ASN D 421 -11.84 -18.13 -6.02
N HIS D 422 -12.62 -17.87 -4.96
CA HIS D 422 -13.99 -18.46 -4.78
C HIS D 422 -14.96 -17.91 -5.84
N SER D 423 -14.78 -16.67 -6.29
CA SER D 423 -15.61 -16.05 -7.36
C SER D 423 -15.69 -16.97 -8.59
N ASP D 424 -14.66 -17.77 -8.91
CA ASP D 424 -14.66 -18.67 -10.09
C ASP D 424 -14.04 -20.05 -9.76
N GLY D 425 -13.60 -20.26 -8.53
CA GLY D 425 -12.99 -21.53 -8.08
C GLY D 425 -11.55 -21.72 -8.54
N THR D 426 -10.93 -20.74 -9.17
CA THR D 426 -9.54 -20.92 -9.70
C THR D 426 -8.62 -21.22 -8.52
N VAL D 427 -7.81 -22.27 -8.63
CA VAL D 427 -6.79 -22.63 -7.59
C VAL D 427 -5.64 -21.63 -7.70
N LEU D 428 -5.39 -20.90 -6.63
CA LEU D 428 -4.33 -19.87 -6.51
C LEU D 428 -3.07 -20.47 -5.89
N GLY D 429 -3.21 -21.48 -5.04
CA GLY D 429 -2.10 -22.03 -4.23
C GLY D 429 -2.40 -23.42 -3.70
N VAL D 430 -1.38 -24.29 -3.69
CA VAL D 430 -1.43 -25.63 -3.01
C VAL D 430 -0.24 -25.69 -2.06
N HIS D 431 -0.43 -26.24 -0.86
CA HIS D 431 0.58 -26.30 0.23
C HIS D 431 0.46 -27.64 0.96
N LEU D 432 1.57 -28.36 1.04
CA LEU D 432 1.60 -29.75 1.54
C LEU D 432 2.77 -29.91 2.51
N LEU D 433 2.50 -30.61 3.60
CA LEU D 433 3.51 -31.14 4.54
C LEU D 433 3.14 -32.60 4.81
N GLY D 434 4.10 -33.50 4.59
CA GLY D 434 3.92 -34.97 4.69
C GLY D 434 4.91 -35.67 3.80
N ASP D 435 5.11 -36.98 3.98
CA ASP D 435 6.04 -37.74 3.12
C ASP D 435 5.49 -37.68 1.69
N GLY D 436 6.36 -37.40 0.72
CA GLY D 436 6.04 -37.33 -0.72
C GLY D 436 5.55 -35.97 -1.21
N ALA D 437 5.51 -34.94 -0.35
CA ALA D 437 4.97 -33.60 -0.72
C ALA D 437 5.74 -33.07 -1.94
N PRO D 438 7.09 -33.07 -1.99
CA PRO D 438 7.85 -32.58 -3.16
C PRO D 438 7.40 -33.25 -4.46
N GLU D 439 7.19 -34.57 -4.43
CA GLU D 439 6.78 -35.42 -5.58
C GLU D 439 5.32 -35.10 -5.95
N ILE D 440 4.42 -34.98 -4.98
CA ILE D 440 2.97 -34.69 -5.22
C ILE D 440 2.82 -33.35 -5.94
N ILE D 441 3.51 -32.31 -5.47
CA ILE D 441 3.30 -30.89 -5.89
C ILE D 441 3.66 -30.67 -7.36
N GLN D 442 4.58 -31.46 -7.93
CA GLN D 442 5.17 -31.17 -9.27
C GLN D 442 4.06 -31.05 -10.31
N ALA D 443 3.31 -32.14 -10.52
CA ALA D 443 2.13 -32.17 -11.41
C ALA D 443 1.08 -31.13 -11.03
N VAL D 444 1.00 -30.74 -9.75
CA VAL D 444 0.09 -29.66 -9.28
C VAL D 444 0.56 -28.35 -9.92
N GLY D 445 1.86 -28.22 -10.15
CA GLY D 445 2.45 -27.03 -10.81
C GLY D 445 1.96 -26.92 -12.26
N VAL D 446 1.70 -28.03 -12.90
CA VAL D 446 1.16 -28.07 -14.30
C VAL D 446 -0.33 -27.72 -14.24
N CYS D 447 -1.02 -28.15 -13.17
CA CYS D 447 -2.45 -27.85 -12.92
C CYS D 447 -2.64 -26.33 -12.82
N LEU D 448 -1.85 -25.67 -11.97
CA LEU D 448 -2.00 -24.22 -11.74
C LEU D 448 -1.71 -23.46 -13.04
N ARG D 449 -0.66 -23.84 -13.79
CA ARG D 449 -0.29 -23.19 -15.07
CA ARG D 449 -0.31 -23.17 -15.06
C ARG D 449 -1.43 -23.40 -16.08
N LEU D 450 -2.24 -24.44 -15.88
CA LEU D 450 -3.44 -24.69 -16.72
C LEU D 450 -4.72 -24.11 -16.10
N ASN D 451 -4.60 -23.21 -15.12
CA ASN D 451 -5.75 -22.57 -14.43
C ASN D 451 -6.80 -23.61 -14.03
N ALA D 452 -6.36 -24.69 -13.36
CA ALA D 452 -7.26 -25.67 -12.72
C ALA D 452 -8.18 -24.94 -11.71
N LYS D 453 -9.44 -25.33 -11.66
CA LYS D 453 -10.42 -24.87 -10.65
C LYS D 453 -10.46 -25.93 -9.53
N ILE D 454 -11.15 -25.65 -8.41
CA ILE D 454 -11.27 -26.63 -7.30
C ILE D 454 -12.02 -27.86 -7.85
N SER D 455 -13.06 -27.63 -8.66
CA SER D 455 -13.90 -28.72 -9.23
C SER D 455 -13.07 -29.68 -10.07
N ASP D 456 -12.00 -29.23 -10.72
CA ASP D 456 -11.11 -30.13 -11.53
C ASP D 456 -10.40 -31.12 -10.61
N PHE D 457 -10.04 -30.66 -9.42
CA PHE D 457 -9.47 -31.48 -8.32
C PHE D 457 -10.53 -32.48 -7.82
N TYR D 458 -11.68 -32.02 -7.27
CA TYR D 458 -12.68 -32.89 -6.58
CA TYR D 458 -12.63 -32.92 -6.58
C TYR D 458 -13.32 -33.85 -7.59
N ASN D 459 -13.40 -33.47 -8.88
CA ASN D 459 -13.98 -34.31 -9.95
C ASN D 459 -12.95 -35.30 -10.51
N THR D 460 -11.65 -35.12 -10.27
CA THR D 460 -10.61 -36.13 -10.60
C THR D 460 -10.72 -37.26 -9.57
N ILE D 461 -10.74 -38.51 -10.02
CA ILE D 461 -10.89 -39.73 -9.17
C ILE D 461 -9.54 -40.04 -8.50
N GLY D 462 -9.56 -40.27 -7.18
CA GLY D 462 -8.33 -40.48 -6.38
C GLY D 462 -7.59 -41.75 -6.78
N VAL D 463 -6.26 -41.76 -6.58
CA VAL D 463 -5.44 -42.98 -6.36
C VAL D 463 -5.53 -43.29 -4.86
N HIS D 464 -5.87 -44.53 -4.53
CA HIS D 464 -6.06 -45.00 -3.14
C HIS D 464 -5.19 -46.23 -2.95
N PRO D 465 -4.48 -46.38 -1.80
CA PRO D 465 -4.36 -45.33 -0.78
C PRO D 465 -3.04 -44.53 -0.87
N THR D 466 -3.18 -43.23 -1.14
CA THR D 466 -2.06 -42.24 -1.22
C THR D 466 -2.33 -41.08 -0.26
N SER D 467 -1.30 -40.31 0.06
CA SER D 467 -1.45 -38.96 0.66
C SER D 467 -2.01 -37.98 -0.38
N ALA D 468 -1.62 -38.13 -1.65
CA ALA D 468 -1.92 -37.20 -2.78
C ALA D 468 -3.43 -37.04 -3.02
N GLU D 469 -4.22 -38.10 -2.86
CA GLU D 469 -5.67 -38.13 -3.16
C GLU D 469 -6.46 -37.17 -2.25
N GLU D 470 -5.87 -36.69 -1.14
CA GLU D 470 -6.51 -35.70 -0.22
C GLU D 470 -6.86 -34.42 -0.99
N LEU D 471 -6.03 -34.03 -1.97
CA LEU D 471 -6.24 -32.88 -2.88
C LEU D 471 -7.52 -33.05 -3.71
N CYS D 472 -7.97 -34.29 -3.90
CA CYS D 472 -9.10 -34.66 -4.78
C CYS D 472 -10.33 -35.02 -3.95
N SER D 473 -10.27 -34.80 -2.62
CA SER D 473 -11.31 -35.22 -1.63
C SER D 473 -11.98 -34.00 -0.99
N MET D 474 -11.39 -32.80 -1.11
CA MET D 474 -11.87 -31.58 -0.44
C MET D 474 -12.88 -30.88 -1.36
N ARG D 475 -14.16 -30.96 -0.99
CA ARG D 475 -15.35 -30.50 -1.77
C ARG D 475 -15.88 -29.20 -1.15
N THR D 476 -15.80 -29.06 0.18
CA THR D 476 -16.34 -27.92 0.94
C THR D 476 -15.20 -27.18 1.64
N PRO D 477 -15.07 -25.85 1.46
CA PRO D 477 -14.07 -25.05 2.18
C PRO D 477 -14.16 -25.19 3.70
N SER D 478 -13.00 -25.20 4.38
CA SER D 478 -12.88 -25.10 5.86
C SER D 478 -13.21 -23.67 6.30
N TYR D 479 -12.82 -22.67 5.50
CA TYR D 479 -13.12 -21.25 5.80
C TYR D 479 -12.87 -20.37 4.56
N TYR D 480 -13.16 -19.06 4.71
CA TYR D 480 -13.08 -18.02 3.66
C TYR D 480 -12.31 -16.80 4.17
N TYR D 481 -11.89 -15.96 3.23
CA TYR D 481 -11.51 -14.55 3.40
C TYR D 481 -12.44 -13.73 2.50
N VAL D 482 -13.35 -12.97 3.10
CA VAL D 482 -14.21 -11.94 2.45
C VAL D 482 -13.55 -10.59 2.72
N LYS D 483 -12.98 -9.95 1.69
CA LYS D 483 -12.11 -8.74 1.77
C LYS D 483 -11.15 -8.88 2.97
N GLY D 484 -9.97 -9.46 2.76
CA GLY D 484 -8.82 -9.38 3.68
C GLY D 484 -8.99 -10.18 4.97
N GLU D 485 -10.22 -10.34 5.48
CA GLU D 485 -10.47 -10.87 6.86
C GLU D 485 -11.16 -12.25 6.80
N LYS D 486 -10.74 -13.17 7.67
CA LYS D 486 -11.15 -14.61 7.70
C LYS D 486 -12.52 -14.78 8.39
N MET D 487 -13.32 -15.78 7.96
CA MET D 487 -14.61 -16.20 8.60
C MET D 487 -15.01 -17.59 8.08
N GLU D 488 -15.75 -18.36 8.87
CA GLU D 488 -15.83 -19.85 8.72
C GLU D 488 -17.01 -20.26 7.82
N LYS D 489 -18.07 -19.44 7.71
CA LYS D 489 -19.14 -19.59 6.68
C LYS D 489 -19.31 -18.22 5.96
N LEU D 490 -19.81 -18.24 4.71
CA LEU D 490 -19.87 -17.07 3.79
C LEU D 490 -20.94 -16.07 4.27
N PRO D 491 -20.70 -14.76 4.06
CA PRO D 491 -21.58 -13.72 4.58
C PRO D 491 -22.92 -13.65 3.82
#